data_4WVU
# 
_entry.id   4WVU 
# 
_audit_conform.dict_name       mmcif_pdbx.dic 
_audit_conform.dict_version    5.381 
_audit_conform.dict_location   http://mmcif.pdb.org/dictionaries/ascii/mmcif_pdbx.dic 
# 
loop_
_database_2.database_id 
_database_2.database_code 
_database_2.pdbx_database_accession 
_database_2.pdbx_DOI 
PDB   4WVU         pdb_00004wvu 10.2210/pdb4wvu/pdb 
WWPDB D_1000204600 ?            ?                   
# 
loop_
_pdbx_database_related.content_type 
_pdbx_database_related.db_id 
_pdbx_database_related.db_name 
_pdbx_database_related.details 
unspecified 4WVS PDB . 
unspecified 4WVT PDB . 
# 
_pdbx_database_status.status_code                     REL 
_pdbx_database_status.status_code_sf                  REL 
_pdbx_database_status.status_code_mr                  ? 
_pdbx_database_status.entry_id                        4WVU 
_pdbx_database_status.recvd_initial_deposition_date   2014-11-07 
_pdbx_database_status.SG_entry                        N 
_pdbx_database_status.deposit_site                    RCSB 
_pdbx_database_status.process_site                    RCSB 
_pdbx_database_status.status_code_cs                  ? 
_pdbx_database_status.methods_development_category    ? 
_pdbx_database_status.status_code_nmr_data            ? 
_pdbx_database_status.pdb_format_compatible           Y 
# 
_audit_author.name           'Pokross, M.E.' 
_audit_author.pdbx_ordinal   1 
# 
_citation.abstract                  ? 
_citation.abstract_id_CAS           ? 
_citation.book_id_ISBN              ? 
_citation.book_publisher            ? 
_citation.book_publisher_city       ? 
_citation.book_title                ? 
_citation.coordinate_linkage        ? 
_citation.country                   US 
_citation.database_id_Medline       ? 
_citation.details                   ? 
_citation.id                        primary 
_citation.journal_abbrev            J.Med.Chem. 
_citation.journal_id_ASTM           JMCMAR 
_citation.journal_id_CSD            0151 
_citation.journal_id_ISSN           0022-2623 
_citation.journal_full              ? 
_citation.journal_issue             ? 
_citation.journal_volume            58 
_citation.language                  ? 
_citation.page_first                2855 
_citation.page_last                 2861 
_citation.title                     
;The Discovery of Macrocyclic XIAP Antagonists from a DNA-Programmed Chemistry Library, and Their Optimization To Give Lead Compounds with in Vivo Antitumor Activity.
;
_citation.year                      2015 
_citation.database_id_CSD           ? 
_citation.pdbx_database_id_DOI      10.1021/jm501892g 
_citation.pdbx_database_id_PubMed   25695766 
_citation.unpublished_flag          ? 
# 
loop_
_citation_author.citation_id 
_citation_author.name 
_citation_author.ordinal 
_citation_author.identifier_ORCID 
primary 'Seigal, B.A.'     1  ? 
primary 'Connors, W.H.'    2  ? 
primary 'Fraley, A.'       3  ? 
primary 'Borzilleri, R.M.' 4  ? 
primary 'Carter, P.H.'     5  ? 
primary 'Emanuel, S.L.'    6  ? 
primary 'Fargnoli, J.'     7  ? 
primary 'Kim, K.'          8  ? 
primary 'Lei, M.'          9  ? 
primary 'Naglich, J.G.'    10 ? 
primary 'Pokross, M.E.'    11 ? 
primary 'Posy, S.L.'       12 ? 
primary 'Shen, H.'         13 ? 
primary 'Surti, N.'        14 ? 
primary 'Talbott, R.'      15 ? 
primary 'Zhang, Y.'        16 ? 
primary 'Terrett, N.K.'    17 ? 
# 
_cell.angle_alpha                  90.00 
_cell.angle_alpha_esd              ? 
_cell.angle_beta                   95.51 
_cell.angle_beta_esd               ? 
_cell.angle_gamma                  90.00 
_cell.angle_gamma_esd              ? 
_cell.entry_id                     4WVU 
_cell.details                      ? 
_cell.formula_units_Z              ? 
_cell.length_a                     28.261 
_cell.length_a_esd                 ? 
_cell.length_b                     39.328 
_cell.length_b_esd                 ? 
_cell.length_c                     33.058 
_cell.length_c_esd                 ? 
_cell.volume                       ? 
_cell.volume_esd                   ? 
_cell.Z_PDB                        2 
_cell.reciprocal_angle_alpha       ? 
_cell.reciprocal_angle_beta        ? 
_cell.reciprocal_angle_gamma       ? 
_cell.reciprocal_angle_alpha_esd   ? 
_cell.reciprocal_angle_beta_esd    ? 
_cell.reciprocal_angle_gamma_esd   ? 
_cell.reciprocal_length_a          ? 
_cell.reciprocal_length_b          ? 
_cell.reciprocal_length_c          ? 
_cell.reciprocal_length_a_esd      ? 
_cell.reciprocal_length_b_esd      ? 
_cell.reciprocal_length_c_esd      ? 
_cell.pdbx_unique_axis             ? 
# 
_symmetry.entry_id                         4WVU 
_symmetry.cell_setting                     ? 
_symmetry.Int_Tables_number                4 
_symmetry.space_group_name_Hall            ? 
_symmetry.space_group_name_H-M             'P 1 21 1' 
_symmetry.pdbx_full_space_group_name_H-M   ? 
# 
loop_
_entity.id 
_entity.type 
_entity.src_method 
_entity.pdbx_description 
_entity.formula_weight 
_entity.pdbx_number_of_molecules 
_entity.pdbx_ec 
_entity.pdbx_mutation 
_entity.pdbx_fragment 
_entity.details 
1 polymer     man 'E3 ubiquitin-protein ligase XIAP'                                11359.649 1  6.3.2.- 'C202A, C213G' ? ? 
2 polymer     syn '3,11-DIFLUORO-6,8,13-TRIMETHYL-8H-QUINO[4,3,2-KL]ACRIDIN-13-IUM' 747.841   1  ?       ?              ? ? 
3 non-polymer syn 'ZINC ION'                                                        65.409    1  ?       ?              ? ? 
4 non-polymer syn 'SULFATE ION'                                                     96.063    1  ?       ?              ? ? 
5 non-polymer syn GLYCEROL                                                          92.094    1  ?       ?              ? ? 
6 water       nat water                                                             18.015    80 ?       ?              ? ? 
# 
_entity_name_com.entity_id   1 
_entity_name_com.name        
;Baculoviral IAP repeat-containing protein 4,IAP-like protein,hILP,Inhibitor of apoptosis protein 3,hIAP3,X-linked inhibitor of apoptosis protein,X-linked IAP
;
# 
loop_
_entity_poly.entity_id 
_entity_poly.type 
_entity_poly.nstd_linkage 
_entity_poly.nstd_monomer 
_entity_poly.pdbx_seq_one_letter_code 
_entity_poly.pdbx_seq_one_letter_code_can 
_entity_poly.pdbx_strand_id 
_entity_poly.pdbx_target_identifier 
1 'polypeptide(L)' no no  
;MGSSHHHHHHSSGETVRFQGHMRNPAMYSEEARLKSFQNWPDYAHLTPRELASAGLYYTGIGDQVQCFACGGKLKNWEPG
DRAWSEHRRHFPNCFFVL
;
;MGSSHHHHHHSSGETVRFQGHMRNPAMYSEEARLKSFQNWPDYAHLTPRELASAGLYYTGIGDQVQCFACGGKLKNWEPG
DRAWSEHRRHFPNCFFVL
;
A ? 
2 'polypeptide(L)' no yes '(MAA)V(3V8)F(HOX)'                                                                                   
AVXFX                                                                                                 B ? 
# 
loop_
_entity_poly_seq.entity_id 
_entity_poly_seq.num 
_entity_poly_seq.mon_id 
_entity_poly_seq.hetero 
1 1  MET n 
1 2  GLY n 
1 3  SER n 
1 4  SER n 
1 5  HIS n 
1 6  HIS n 
1 7  HIS n 
1 8  HIS n 
1 9  HIS n 
1 10 HIS n 
1 11 SER n 
1 12 SER n 
1 13 GLY n 
1 14 GLU n 
1 15 THR n 
1 16 VAL n 
1 17 ARG n 
1 18 PHE n 
1 19 GLN n 
1 20 GLY n 
1 21 HIS n 
1 22 MET n 
1 23 ARG n 
1 24 ASN n 
1 25 PRO n 
1 26 ALA n 
1 27 MET n 
1 28 TYR n 
1 29 SER n 
1 30 GLU n 
1 31 GLU n 
1 32 ALA n 
1 33 ARG n 
1 34 LEU n 
1 35 LYS n 
1 36 SER n 
1 37 PHE n 
1 38 GLN n 
1 39 ASN n 
1 40 TRP n 
1 41 PRO n 
1 42 ASP n 
1 43 TYR n 
1 44 ALA n 
1 45 HIS n 
1 46 LEU n 
1 47 THR n 
1 48 PRO n 
1 49 ARG n 
1 50 GLU n 
1 51 LEU n 
1 52 ALA n 
1 53 SER n 
1 54 ALA n 
1 55 GLY n 
1 56 LEU n 
1 57 TYR n 
1 58 TYR n 
1 59 THR n 
1 60 GLY n 
1 61 ILE n 
1 62 GLY n 
1 63 ASP n 
1 64 GLN n 
1 65 VAL n 
1 66 GLN n 
1 67 CYS n 
1 68 PHE n 
1 69 ALA n 
1 70 CYS n 
1 71 GLY n 
1 72 GLY n 
1 73 LYS n 
1 74 LEU n 
1 75 LYS n 
1 76 ASN n 
1 77 TRP n 
1 78 GLU n 
1 79 PRO n 
1 80 GLY n 
1 81 ASP n 
1 82 ARG n 
1 83 ALA n 
1 84 TRP n 
1 85 SER n 
1 86 GLU n 
1 87 HIS n 
1 88 ARG n 
1 89 ARG n 
1 90 HIS n 
1 91 PHE n 
1 92 PRO n 
1 93 ASN n 
1 94 CYS n 
1 95 PHE n 
1 96 PHE n 
1 97 VAL n 
1 98 LEU n 
2 1  MAA n 
2 2  VAL n 
2 3  3V8 n 
2 4  PHE n 
2 5  HOX n 
# 
_entity_src_gen.entity_id                          1 
_entity_src_gen.pdbx_src_id                        1 
_entity_src_gen.pdbx_alt_source_flag               sample 
_entity_src_gen.pdbx_seq_type                      'Biological sequence' 
_entity_src_gen.pdbx_beg_seq_num                   1 
_entity_src_gen.pdbx_end_seq_num                   98 
_entity_src_gen.gene_src_common_name               Human 
_entity_src_gen.gene_src_genus                     ? 
_entity_src_gen.pdbx_gene_src_gene                 'XIAP, API3, BIRC4, IAP3' 
_entity_src_gen.gene_src_species                   ? 
_entity_src_gen.gene_src_strain                    ? 
_entity_src_gen.gene_src_tissue                    ? 
_entity_src_gen.gene_src_tissue_fraction           ? 
_entity_src_gen.gene_src_details                   ? 
_entity_src_gen.pdbx_gene_src_fragment             ? 
_entity_src_gen.pdbx_gene_src_scientific_name      'Homo sapiens' 
_entity_src_gen.pdbx_gene_src_ncbi_taxonomy_id     9606 
_entity_src_gen.pdbx_gene_src_variant              ? 
_entity_src_gen.pdbx_gene_src_cell_line            ? 
_entity_src_gen.pdbx_gene_src_atcc                 ? 
_entity_src_gen.pdbx_gene_src_organ                ? 
_entity_src_gen.pdbx_gene_src_organelle            ? 
_entity_src_gen.pdbx_gene_src_cell                 ? 
_entity_src_gen.pdbx_gene_src_cellular_location    ? 
_entity_src_gen.host_org_common_name               ? 
_entity_src_gen.pdbx_host_org_scientific_name      'Escherichia coli' 
_entity_src_gen.pdbx_host_org_ncbi_taxonomy_id     562 
_entity_src_gen.host_org_genus                     ? 
_entity_src_gen.pdbx_host_org_gene                 ? 
_entity_src_gen.pdbx_host_org_organ                ? 
_entity_src_gen.host_org_species                   ? 
_entity_src_gen.pdbx_host_org_tissue               ? 
_entity_src_gen.pdbx_host_org_tissue_fraction      ? 
_entity_src_gen.pdbx_host_org_strain               ? 
_entity_src_gen.pdbx_host_org_variant              ? 
_entity_src_gen.pdbx_host_org_cell_line            ? 
_entity_src_gen.pdbx_host_org_atcc                 ? 
_entity_src_gen.pdbx_host_org_culture_collection   ? 
_entity_src_gen.pdbx_host_org_cell                 ? 
_entity_src_gen.pdbx_host_org_organelle            ? 
_entity_src_gen.pdbx_host_org_cellular_location    ? 
_entity_src_gen.pdbx_host_org_vector_type          Plasmid 
_entity_src_gen.pdbx_host_org_vector               ? 
_entity_src_gen.host_org_details                   ? 
_entity_src_gen.expression_system_id               ? 
_entity_src_gen.plasmid_name                       pET28 
_entity_src_gen.plasmid_details                    ? 
_entity_src_gen.pdbx_description                   ? 
# 
_pdbx_entity_src_syn.entity_id              2 
_pdbx_entity_src_syn.pdbx_src_id            1 
_pdbx_entity_src_syn.pdbx_alt_source_flag   sample 
_pdbx_entity_src_syn.pdbx_beg_seq_num       1 
_pdbx_entity_src_syn.pdbx_end_seq_num       5 
_pdbx_entity_src_syn.organism_scientific    ? 
_pdbx_entity_src_syn.organism_common_name   ? 
_pdbx_entity_src_syn.ncbi_taxonomy_id       ? 
_pdbx_entity_src_syn.details                ? 
# 
loop_
_struct_ref.id 
_struct_ref.db_name 
_struct_ref.db_code 
_struct_ref.pdbx_db_accession 
_struct_ref.pdbx_db_isoform 
_struct_ref.entity_id 
_struct_ref.pdbx_seq_one_letter_code 
_struct_ref.pdbx_align_begin 
1 UNP XIAP_HUMAN P98170 ? 1 RNPAMYSEEARLKSFQNWPDYAHLTPRELASAGLYYTGIGDQVQCFCCGGKLKNWEPCDRAWSEHRRHFPNCFFVL 156 
2 PDB 4WVU       4WVU   ? 2 ?                                                                            1   
# 
loop_
_struct_ref_seq.align_id 
_struct_ref_seq.ref_id 
_struct_ref_seq.pdbx_PDB_id_code 
_struct_ref_seq.pdbx_strand_id 
_struct_ref_seq.seq_align_beg 
_struct_ref_seq.pdbx_seq_align_beg_ins_code 
_struct_ref_seq.seq_align_end 
_struct_ref_seq.pdbx_seq_align_end_ins_code 
_struct_ref_seq.pdbx_db_accession 
_struct_ref_seq.db_align_beg 
_struct_ref_seq.pdbx_db_align_beg_ins_code 
_struct_ref_seq.db_align_end 
_struct_ref_seq.pdbx_db_align_end_ins_code 
_struct_ref_seq.pdbx_auth_seq_align_beg 
_struct_ref_seq.pdbx_auth_seq_align_end 
1 1 4WVU A 23 ? 98 ? P98170 156 ? 231 ? 156 231 
2 2 4WVU B 1  ? 5  ? 4WVU   1   ? 5   ? 1   5   
# 
loop_
_struct_ref_seq_dif.align_id 
_struct_ref_seq_dif.pdbx_pdb_id_code 
_struct_ref_seq_dif.mon_id 
_struct_ref_seq_dif.pdbx_pdb_strand_id 
_struct_ref_seq_dif.seq_num 
_struct_ref_seq_dif.pdbx_pdb_ins_code 
_struct_ref_seq_dif.pdbx_seq_db_name 
_struct_ref_seq_dif.pdbx_seq_db_accession_code 
_struct_ref_seq_dif.db_mon_id 
_struct_ref_seq_dif.pdbx_seq_db_seq_num 
_struct_ref_seq_dif.details 
_struct_ref_seq_dif.pdbx_auth_seq_num 
_struct_ref_seq_dif.pdbx_ordinal 
1 4WVU MET A 1  ? UNP P98170 ?   ?   'initiating methionine' -22 1  
1 4WVU GLY A 2  ? UNP P98170 ?   ?   'expression tag'        -21 2  
1 4WVU SER A 3  ? UNP P98170 ?   ?   'expression tag'        -20 3  
1 4WVU SER A 4  ? UNP P98170 ?   ?   'expression tag'        -19 4  
1 4WVU HIS A 5  ? UNP P98170 ?   ?   'expression tag'        -18 5  
1 4WVU HIS A 6  ? UNP P98170 ?   ?   'expression tag'        -17 6  
1 4WVU HIS A 7  ? UNP P98170 ?   ?   'expression tag'        -16 7  
1 4WVU HIS A 8  ? UNP P98170 ?   ?   'expression tag'        -15 8  
1 4WVU HIS A 9  ? UNP P98170 ?   ?   'expression tag'        -14 9  
1 4WVU HIS A 10 ? UNP P98170 ?   ?   'expression tag'        -13 10 
1 4WVU SER A 11 ? UNP P98170 ?   ?   'expression tag'        -12 11 
1 4WVU SER A 12 ? UNP P98170 ?   ?   'expression tag'        -11 12 
1 4WVU GLY A 13 ? UNP P98170 ?   ?   'expression tag'        -10 13 
1 4WVU GLU A 14 ? UNP P98170 ?   ?   'expression tag'        -9  14 
1 4WVU THR A 15 ? UNP P98170 ?   ?   'expression tag'        -8  15 
1 4WVU VAL A 16 ? UNP P98170 ?   ?   'expression tag'        -7  16 
1 4WVU ARG A 17 ? UNP P98170 ?   ?   'expression tag'        -6  17 
1 4WVU PHE A 18 ? UNP P98170 ?   ?   'expression tag'        -5  18 
1 4WVU GLN A 19 ? UNP P98170 ?   ?   'expression tag'        -4  19 
1 4WVU GLY A 20 ? UNP P98170 ?   ?   'expression tag'        -3  20 
1 4WVU HIS A 21 ? UNP P98170 ?   ?   'expression tag'        -2  21 
1 4WVU MET A 22 ? UNP P98170 ?   ?   'expression tag'        -1  22 
1 4WVU ALA A 69 ? UNP P98170 CYS 202 'engineered mutation'   202 23 
1 4WVU GLY A 80 ? UNP P98170 CYS 213 'engineered mutation'   213 24 
# 
loop_
_chem_comp.id 
_chem_comp.type 
_chem_comp.mon_nstd_flag 
_chem_comp.name 
_chem_comp.pdbx_synonyms 
_chem_comp.formula 
_chem_comp.formula_weight 
3V8 non-polymer         . '(4S)-4-[4-(2-carboxyethyl)-1H-1,2,3-triazol-1-yl]-L-proline' ?                               
'C10 H14 N4 O4'  254.243 
ALA 'L-peptide linking' y ALANINE                                                       ?                               
'C3 H7 N O2'     89.093  
ARG 'L-peptide linking' y ARGININE                                                      ?                               
'C6 H15 N4 O2 1' 175.209 
ASN 'L-peptide linking' y ASPARAGINE                                                    ?                               
'C4 H8 N2 O3'    132.118 
ASP 'L-peptide linking' y 'ASPARTIC ACID'                                               ?                               
'C4 H7 N O4'     133.103 
CYS 'L-peptide linking' y CYSTEINE                                                      ?                               
'C3 H7 N O2 S'   121.158 
GLN 'L-peptide linking' y GLUTAMINE                                                     ?                               
'C5 H10 N2 O3'   146.144 
GLU 'L-peptide linking' y 'GLUTAMIC ACID'                                               ?                               
'C5 H9 N O4'     147.129 
GLY 'peptide linking'   y GLYCINE                                                       ?                               
'C2 H5 N O2'     75.067  
GOL non-polymer         . GLYCEROL                                                      'GLYCERIN; PROPANE-1,2,3-TRIOL' 'C3 H8 O3' 
92.094  
HIS 'L-peptide linking' y HISTIDINE                                                     ?                               
'C6 H10 N3 O2 1' 156.162 
HOH non-polymer         . WATER                                                         ?                               'H2 O' 
18.015  
HOX 'L-peptide linking' n 4-amino-L-phenylalanine                                       ?                               
'C9 H12 N2 O2'   180.204 
ILE 'L-peptide linking' y ISOLEUCINE                                                    ?                               
'C6 H13 N O2'    131.173 
LEU 'L-peptide linking' y LEUCINE                                                       ?                               
'C6 H13 N O2'    131.173 
LYS 'L-peptide linking' y LYSINE                                                        ?                               
'C6 H15 N2 O2 1' 147.195 
MAA 'L-peptide linking' n N-methyl-L-alanine                                            ?                               
'C4 H9 N O2'     103.120 
MET 'L-peptide linking' y METHIONINE                                                    ?                               
'C5 H11 N O2 S'  149.211 
PHE 'L-peptide linking' y PHENYLALANINE                                                 ?                               
'C9 H11 N O2'    165.189 
PRO 'L-peptide linking' y PROLINE                                                       ?                               
'C5 H9 N O2'     115.130 
SER 'L-peptide linking' y SERINE                                                        ?                               
'C3 H7 N O3'     105.093 
SO4 non-polymer         . 'SULFATE ION'                                                 ?                               'O4 S -2' 
96.063  
THR 'L-peptide linking' y THREONINE                                                     ?                               
'C4 H9 N O3'     119.119 
TRP 'L-peptide linking' y TRYPTOPHAN                                                    ?                               
'C11 H12 N2 O2'  204.225 
TYR 'L-peptide linking' y TYROSINE                                                      ?                               
'C9 H11 N O3'    181.189 
VAL 'L-peptide linking' y VALINE                                                        ?                               
'C5 H11 N O2'    117.146 
ZN  non-polymer         . 'ZINC ION'                                                    ?                               'Zn 2' 
65.409  
# 
_exptl.absorpt_coefficient_mu     ? 
_exptl.absorpt_correction_T_max   ? 
_exptl.absorpt_correction_T_min   ? 
_exptl.absorpt_correction_type    ? 
_exptl.absorpt_process_details    ? 
_exptl.entry_id                   4WVU 
_exptl.crystals_number            1 
_exptl.details                    ? 
_exptl.method                     'X-RAY DIFFRACTION' 
_exptl.method_details             ? 
# 
_exptl_crystal.colour                      ? 
_exptl_crystal.density_diffrn              ? 
_exptl_crystal.density_Matthews            1.73 
_exptl_crystal.density_method              ? 
_exptl_crystal.density_percent_sol         28.97 
_exptl_crystal.description                 ? 
_exptl_crystal.F_000                       ? 
_exptl_crystal.id                          1 
_exptl_crystal.preparation                 ? 
_exptl_crystal.size_max                    ? 
_exptl_crystal.size_mid                    ? 
_exptl_crystal.size_min                    ? 
_exptl_crystal.size_rad                    ? 
_exptl_crystal.colour_lustre               ? 
_exptl_crystal.colour_modifier             ? 
_exptl_crystal.colour_primary              ? 
_exptl_crystal.density_meas                ? 
_exptl_crystal.density_meas_esd            ? 
_exptl_crystal.density_meas_gt             ? 
_exptl_crystal.density_meas_lt             ? 
_exptl_crystal.density_meas_temp           ? 
_exptl_crystal.density_meas_temp_esd       ? 
_exptl_crystal.density_meas_temp_gt        ? 
_exptl_crystal.density_meas_temp_lt        ? 
_exptl_crystal.pdbx_crystal_image_url      ? 
_exptl_crystal.pdbx_crystal_image_format   ? 
_exptl_crystal.pdbx_mosaicity              ? 
_exptl_crystal.pdbx_mosaicity_esd          ? 
# 
_exptl_crystal_grow.apparatus       ? 
_exptl_crystal_grow.atmosphere      ? 
_exptl_crystal_grow.crystal_id      1 
_exptl_crystal_grow.details         ? 
_exptl_crystal_grow.method          'VAPOR DIFFUSION, HANGING DROP' 
_exptl_crystal_grow.method_ref      ? 
_exptl_crystal_grow.pH              ? 
_exptl_crystal_grow.pressure        ? 
_exptl_crystal_grow.pressure_esd    ? 
_exptl_crystal_grow.seeding         ? 
_exptl_crystal_grow.seeding_ref     ? 
_exptl_crystal_grow.temp            291 
_exptl_crystal_grow.temp_details    ? 
_exptl_crystal_grow.temp_esd        ? 
_exptl_crystal_grow.time            ? 
_exptl_crystal_grow.pdbx_details    '.98 M AMMONIUM SULFATE and .1 M AMMONIUM FORMATE.  Grew single crystals after streak seeding.' 
_exptl_crystal_grow.pdbx_pH_range   ? 
# 
_diffrn.ambient_environment    ? 
_diffrn.ambient_temp           100 
_diffrn.ambient_temp_details   ? 
_diffrn.ambient_temp_esd       ? 
_diffrn.crystal_id             1 
_diffrn.crystal_support        ? 
_diffrn.crystal_treatment      ? 
_diffrn.details                ? 
_diffrn.id                     1 
_diffrn.ambient_pressure       ? 
_diffrn.ambient_pressure_esd   ? 
_diffrn.ambient_pressure_gt    ? 
_diffrn.ambient_pressure_lt    ? 
_diffrn.ambient_temp_gt        ? 
_diffrn.ambient_temp_lt        ? 
# 
_diffrn_detector.details                      ? 
_diffrn_detector.detector                     CCD 
_diffrn_detector.diffrn_id                    1 
_diffrn_detector.type                         'RIGAKU SATURN 92' 
_diffrn_detector.area_resol_mean              ? 
_diffrn_detector.dtime                        ? 
_diffrn_detector.pdbx_frames_total            ? 
_diffrn_detector.pdbx_collection_time_total   ? 
_diffrn_detector.pdbx_collection_date         2010-10-18 
# 
_diffrn_radiation.collimation                      ? 
_diffrn_radiation.diffrn_id                        1 
_diffrn_radiation.filter_edge                      ? 
_diffrn_radiation.inhomogeneity                    ? 
_diffrn_radiation.monochromator                    MicroMax 
_diffrn_radiation.polarisn_norm                    ? 
_diffrn_radiation.polarisn_ratio                   ? 
_diffrn_radiation.probe                            ? 
_diffrn_radiation.type                             ? 
_diffrn_radiation.xray_symbol                      ? 
_diffrn_radiation.wavelength_id                    1 
_diffrn_radiation.pdbx_monochromatic_or_laue_m_l   M 
_diffrn_radiation.pdbx_wavelength_list             ? 
_diffrn_radiation.pdbx_wavelength                  ? 
_diffrn_radiation.pdbx_diffrn_protocol             'SINGLE WAVELENGTH' 
_diffrn_radiation.pdbx_analyzer                    ? 
_diffrn_radiation.pdbx_scattering_type             x-ray 
# 
_diffrn_radiation_wavelength.id           1 
_diffrn_radiation_wavelength.wavelength   1.54 
_diffrn_radiation_wavelength.wt           1.0 
# 
_diffrn_source.current                     ? 
_diffrn_source.details                     ? 
_diffrn_source.diffrn_id                   1 
_diffrn_source.power                       ? 
_diffrn_source.size                        ? 
_diffrn_source.source                      'ROTATING ANODE' 
_diffrn_source.target                      ? 
_diffrn_source.type                        'RIGAKU FR-E SUPERBRIGHT' 
_diffrn_source.voltage                     ? 
_diffrn_source.take-off_angle              ? 
_diffrn_source.pdbx_wavelength_list        1.54 
_diffrn_source.pdbx_wavelength             ? 
_diffrn_source.pdbx_synchrotron_beamline   ? 
_diffrn_source.pdbx_synchrotron_site       ? 
# 
_reflns.B_iso_Wilson_estimate            12.95 
_reflns.entry_id                         4WVU 
_reflns.data_reduction_details           ? 
_reflns.data_reduction_method            ? 
_reflns.d_resolution_high                2.02 
_reflns.d_resolution_low                 39.33 
_reflns.details                          ? 
_reflns.limit_h_max                      ? 
_reflns.limit_h_min                      ? 
_reflns.limit_k_max                      ? 
_reflns.limit_k_min                      ? 
_reflns.limit_l_max                      ? 
_reflns.limit_l_min                      ? 
_reflns.number_all                       ? 
_reflns.number_obs                       4708 
_reflns.observed_criterion               ? 
_reflns.observed_criterion_F_max         ? 
_reflns.observed_criterion_F_min         ? 
_reflns.observed_criterion_I_max         ? 
_reflns.observed_criterion_I_min         ? 
_reflns.observed_criterion_sigma_F       ? 
_reflns.observed_criterion_sigma_I       ? 
_reflns.percent_possible_obs             97.4 
_reflns.R_free_details                   ? 
_reflns.Rmerge_F_all                     ? 
_reflns.Rmerge_F_obs                     ? 
_reflns.Friedel_coverage                 ? 
_reflns.number_gt                        ? 
_reflns.threshold_expression             ? 
_reflns.pdbx_redundancy                  3.4 
_reflns.pdbx_Rmerge_I_obs                ? 
_reflns.pdbx_Rmerge_I_all                ? 
_reflns.pdbx_Rsym_value                  .046 
_reflns.pdbx_netI_over_av_sigmaI         ? 
_reflns.pdbx_netI_over_sigmaI            18.9 
_reflns.pdbx_res_netI_over_av_sigmaI_2   ? 
_reflns.pdbx_res_netI_over_sigmaI_2      ? 
_reflns.pdbx_chi_squared                 ? 
_reflns.pdbx_scaling_rejects             ? 
_reflns.pdbx_d_res_high_opt              ? 
_reflns.pdbx_d_res_low_opt               ? 
_reflns.pdbx_d_res_opt_method            ? 
_reflns.phase_calculation_details        ? 
_reflns.pdbx_Rrim_I_all                  ? 
_reflns.pdbx_Rpim_I_all                  ? 
_reflns.pdbx_d_opt                       ? 
_reflns.pdbx_number_measured_all         ? 
_reflns.pdbx_diffrn_id                   1 
_reflns.pdbx_ordinal                     1 
_reflns.pdbx_CC_half                     ? 
_reflns.pdbx_R_split                     ? 
# 
_reflns_shell.d_res_high                  2.02 
_reflns_shell.d_res_low                   2.13 
_reflns_shell.meanI_over_sigI_all         ? 
_reflns_shell.meanI_over_sigI_obs         8.6 
_reflns_shell.number_measured_all         ? 
_reflns_shell.number_measured_obs         ? 
_reflns_shell.number_possible             ? 
_reflns_shell.number_unique_all           ? 
_reflns_shell.number_unique_obs           ? 
_reflns_shell.percent_possible_all        84.0 
_reflns_shell.percent_possible_obs        ? 
_reflns_shell.Rmerge_F_all                ? 
_reflns_shell.Rmerge_F_obs                ? 
_reflns_shell.Rmerge_I_all                ? 
_reflns_shell.Rmerge_I_obs                .128 
_reflns_shell.meanI_over_sigI_gt          ? 
_reflns_shell.meanI_over_uI_all           ? 
_reflns_shell.meanI_over_uI_gt            ? 
_reflns_shell.number_measured_gt          ? 
_reflns_shell.number_unique_gt            ? 
_reflns_shell.percent_possible_gt         ? 
_reflns_shell.Rmerge_F_gt                 ? 
_reflns_shell.Rmerge_I_gt                 ? 
_reflns_shell.pdbx_redundancy             2.4 
_reflns_shell.pdbx_Rsym_value             .025 
_reflns_shell.pdbx_chi_squared            ? 
_reflns_shell.pdbx_netI_over_sigmaI_all   ? 
_reflns_shell.pdbx_netI_over_sigmaI_obs   ? 
_reflns_shell.pdbx_Rrim_I_all             ? 
_reflns_shell.pdbx_Rpim_I_all             ? 
_reflns_shell.pdbx_rejects                ? 
_reflns_shell.pdbx_ordinal                1 
_reflns_shell.pdbx_diffrn_id              1 
_reflns_shell.pdbx_CC_half                ? 
_reflns_shell.pdbx_R_split                ? 
# 
_refine.aniso_B[1][1]                            -0.4682 
_refine.aniso_B[1][2]                            0.0000 
_refine.aniso_B[1][3]                            -0.3608 
_refine.aniso_B[2][2]                            -0.5547 
_refine.aniso_B[2][3]                            0.0000 
_refine.aniso_B[3][3]                            1.0229 
_refine.B_iso_max                                ? 
_refine.B_iso_mean                               11.15 
_refine.B_iso_min                                ? 
_refine.correlation_coeff_Fo_to_Fc               0.9511 
_refine.correlation_coeff_Fo_to_Fc_free          0.9275 
_refine.details                                  ? 
_refine.diff_density_max                         ? 
_refine.diff_density_max_esd                     ? 
_refine.diff_density_min                         ? 
_refine.diff_density_min_esd                     ? 
_refine.diff_density_rms                         ? 
_refine.diff_density_rms_esd                     ? 
_refine.entry_id                                 4WVU 
_refine.pdbx_refine_id                           'X-RAY DIFFRACTION' 
_refine.ls_abs_structure_details                 ? 
_refine.ls_abs_structure_Flack                   ? 
_refine.ls_abs_structure_Flack_esd               ? 
_refine.ls_abs_structure_Rogers                  ? 
_refine.ls_abs_structure_Rogers_esd              ? 
_refine.ls_d_res_high                            2.02 
_refine.ls_d_res_low                             25.24 
_refine.ls_extinction_coef                       ? 
_refine.ls_extinction_coef_esd                   ? 
_refine.ls_extinction_expression                 ? 
_refine.ls_extinction_method                     ? 
_refine.ls_goodness_of_fit_all                   ? 
_refine.ls_goodness_of_fit_all_esd               ? 
_refine.ls_goodness_of_fit_obs                   ? 
_refine.ls_goodness_of_fit_obs_esd               ? 
_refine.ls_hydrogen_treatment                    ? 
_refine.ls_matrix_type                           ? 
_refine.ls_number_constraints                    ? 
_refine.ls_number_parameters                     ? 
_refine.ls_number_reflns_all                     ? 
_refine.ls_number_reflns_obs                     4685 
_refine.ls_number_reflns_R_free                  220 
_refine.ls_number_reflns_R_work                  ? 
_refine.ls_number_restraints                     ? 
_refine.ls_percent_reflns_obs                    97.22 
_refine.ls_percent_reflns_R_free                 4.70 
_refine.ls_R_factor_all                          ? 
_refine.ls_R_factor_obs                          0.1411 
_refine.ls_R_factor_R_free                       0.1781 
_refine.ls_R_factor_R_free_error                 ? 
_refine.ls_R_factor_R_free_error_details         ? 
_refine.ls_R_factor_R_work                       0.1392 
_refine.ls_R_Fsqd_factor_obs                     ? 
_refine.ls_R_I_factor_obs                        ? 
_refine.ls_redundancy_reflns_all                 ? 
_refine.ls_redundancy_reflns_obs                 ? 
_refine.ls_restrained_S_all                      ? 
_refine.ls_restrained_S_obs                      ? 
_refine.ls_shift_over_esd_max                    ? 
_refine.ls_shift_over_esd_mean                   ? 
_refine.ls_structure_factor_coef                 ? 
_refine.ls_weighting_details                     ? 
_refine.ls_weighting_scheme                      ? 
_refine.ls_wR_factor_all                         ? 
_refine.ls_wR_factor_obs                         ? 
_refine.ls_wR_factor_R_free                      ? 
_refine.ls_wR_factor_R_work                      ? 
_refine.occupancy_max                            ? 
_refine.occupancy_min                            ? 
_refine.solvent_model_details                    ? 
_refine.solvent_model_param_bsol                 ? 
_refine.solvent_model_param_ksol                 ? 
_refine.ls_R_factor_gt                           ? 
_refine.ls_goodness_of_fit_gt                    ? 
_refine.ls_goodness_of_fit_ref                   ? 
_refine.ls_shift_over_su_max                     ? 
_refine.ls_shift_over_su_max_lt                  ? 
_refine.ls_shift_over_su_mean                    ? 
_refine.ls_shift_over_su_mean_lt                 ? 
_refine.pdbx_ls_sigma_I                          ? 
_refine.pdbx_ls_sigma_F                          0.0 
_refine.pdbx_ls_sigma_Fsqd                       ? 
_refine.pdbx_data_cutoff_high_absF               ? 
_refine.pdbx_data_cutoff_high_rms_absF           ? 
_refine.pdbx_data_cutoff_low_absF                ? 
_refine.pdbx_isotropic_thermal_model             ? 
_refine.pdbx_ls_cross_valid_method               'FREE R-VALUE' 
_refine.pdbx_method_to_determine_struct          ? 
_refine.pdbx_starting_model                      ? 
_refine.pdbx_stereochemistry_target_values       ? 
_refine.pdbx_R_Free_selection_details            RANDOM 
_refine.pdbx_stereochem_target_val_spec_case     ? 
_refine.pdbx_overall_ESU_R                       ? 
_refine.pdbx_overall_ESU_R_Free                  ? 
_refine.pdbx_solvent_vdw_probe_radii             ? 
_refine.pdbx_solvent_ion_probe_radii             ? 
_refine.pdbx_solvent_shrinkage_radii             ? 
_refine.pdbx_real_space_R                        ? 
_refine.pdbx_density_correlation                 ? 
_refine.pdbx_pd_number_of_powder_patterns        ? 
_refine.pdbx_pd_number_of_points                 ? 
_refine.pdbx_pd_meas_number_of_points            ? 
_refine.pdbx_pd_proc_ls_prof_R_factor            ? 
_refine.pdbx_pd_proc_ls_prof_wR_factor           ? 
_refine.pdbx_pd_Marquardt_correlation_coeff      ? 
_refine.pdbx_pd_Fsqrd_R_factor                   ? 
_refine.pdbx_pd_ls_matrix_band_width             ? 
_refine.pdbx_overall_phase_error                 ? 
_refine.pdbx_overall_SU_R_free_Cruickshank_DPI   0.147 
_refine.pdbx_overall_SU_R_free_Blow_DPI          0.151 
_refine.pdbx_overall_SU_R_Blow_DPI               0.223 
_refine.pdbx_TLS_residual_ADP_flag               ? 
_refine.pdbx_diffrn_id                           1 
_refine.overall_SU_B                             ? 
_refine.overall_SU_ML                            ? 
_refine.overall_SU_R_Cruickshank_DPI             0.214 
_refine.overall_SU_R_free                        ? 
_refine.overall_FOM_free_R_set                   ? 
_refine.overall_FOM_work_R_set                   ? 
_refine.pdbx_average_fsc_overall                 ? 
_refine.pdbx_average_fsc_work                    ? 
_refine.pdbx_average_fsc_free                    ? 
# 
_refine_analyze.entry_id                        4WVU 
_refine_analyze.pdbx_refine_id                  'X-RAY DIFFRACTION' 
_refine_analyze.Luzzati_coordinate_error_free   ? 
_refine_analyze.Luzzati_coordinate_error_obs    0.155 
_refine_analyze.Luzzati_d_res_low_free          ? 
_refine_analyze.Luzzati_d_res_low_obs           ? 
_refine_analyze.Luzzati_sigma_a_free            ? 
_refine_analyze.Luzzati_sigma_a_free_details    ? 
_refine_analyze.Luzzati_sigma_a_obs             ? 
_refine_analyze.Luzzati_sigma_a_obs_details     ? 
_refine_analyze.number_disordered_residues      ? 
_refine_analyze.occupancy_sum_hydrogen          ? 
_refine_analyze.occupancy_sum_non_hydrogen      ? 
_refine_analyze.RG_d_res_high                   ? 
_refine_analyze.RG_d_res_low                    ? 
_refine_analyze.RG_free                         ? 
_refine_analyze.RG_work                         ? 
_refine_analyze.RG_free_work_ratio              ? 
_refine_analyze.pdbx_Luzzati_d_res_high_obs     ? 
# 
_refine_hist.pdbx_refine_id                   'X-RAY DIFFRACTION' 
_refine_hist.cycle_id                         LAST 
_refine_hist.pdbx_number_atoms_protein        633 
_refine_hist.pdbx_number_atoms_nucleic_acid   0 
_refine_hist.pdbx_number_atoms_ligand         65 
_refine_hist.number_atoms_solvent             80 
_refine_hist.number_atoms_total               778 
_refine_hist.d_res_high                       2.02 
_refine_hist.d_res_low                        25.24 
# 
loop_
_refine_ls_restr.pdbx_refine_id 
_refine_ls_restr.criterion 
_refine_ls_restr.dev_ideal 
_refine_ls_restr.dev_ideal_target 
_refine_ls_restr.number 
_refine_ls_restr.rejects 
_refine_ls_restr.type 
_refine_ls_restr.weight 
_refine_ls_restr.pdbx_restraint_function 
'X-RAY DIFFRACTION' ? 0.010 ? 776  ? t_bond_d                  2.00  HARMONIC     
'X-RAY DIFFRACTION' ? 0.87  ? 1101 ? t_angle_deg               2.00  HARMONIC     
'X-RAY DIFFRACTION' ? ?     ? 255  ? t_dihedral_angle_d        2.00  SINUSOIDAL   
'X-RAY DIFFRACTION' ? ?     ? ?    ? t_incorr_chiral_ct        ?     ?            
'X-RAY DIFFRACTION' ? ?     ? ?    ? t_pseud_angle             ?     ?            
'X-RAY DIFFRACTION' ? ?     ? 15   ? t_trig_c_planes           2.00  HARMONIC     
'X-RAY DIFFRACTION' ? ?     ? 143  ? t_gen_planes              5.00  HARMONIC     
'X-RAY DIFFRACTION' ? ?     ? 776  ? t_it                      20.00 HARMONIC     
'X-RAY DIFFRACTION' ? ?     ? 0    ? t_nbd                     5.00  SEMIHARMONIC 
'X-RAY DIFFRACTION' ? 3.29  ? ?    ? t_omega_torsion           ?     ?            
'X-RAY DIFFRACTION' ? 14.97 ? ?    ? t_other_torsion           ?     ?            
'X-RAY DIFFRACTION' ? ?     ? ?    ? t_improper_torsion        ?     ?            
'X-RAY DIFFRACTION' ? ?     ? 81   ? t_chiral_improper_torsion 5.00  SEMIHARMONIC 
'X-RAY DIFFRACTION' ? ?     ? ?    ? t_sum_occupancies         ?     ?            
'X-RAY DIFFRACTION' ? ?     ? ?    ? t_utility_distance        ?     ?            
'X-RAY DIFFRACTION' ? ?     ? ?    ? t_utility_angle           ?     ?            
'X-RAY DIFFRACTION' ? ?     ? ?    ? t_utility_torsion         ?     ?            
'X-RAY DIFFRACTION' ? ?     ? 930  ? t_ideal_dist_contact      4.00  SEMIHARMONIC 
# 
_refine_ls_shell.pdbx_refine_id                   'X-RAY DIFFRACTION' 
_refine_ls_shell.d_res_high                       2.02 
_refine_ls_shell.d_res_low                        2.26 
_refine_ls_shell.number_reflns_all                1222 
_refine_ls_shell.number_reflns_obs                ? 
_refine_ls_shell.number_reflns_R_free             58 
_refine_ls_shell.number_reflns_R_work             1164 
_refine_ls_shell.percent_reflns_obs               97.22 
_refine_ls_shell.percent_reflns_R_free            4.75 
_refine_ls_shell.R_factor_all                     0.1187 
_refine_ls_shell.R_factor_obs                     ? 
_refine_ls_shell.R_factor_R_free                  0.1555 
_refine_ls_shell.R_factor_R_free_error            ? 
_refine_ls_shell.R_factor_R_work                  0.1167 
_refine_ls_shell.redundancy_reflns_all            ? 
_refine_ls_shell.redundancy_reflns_obs            ? 
_refine_ls_shell.wR_factor_all                    ? 
_refine_ls_shell.wR_factor_obs                    ? 
_refine_ls_shell.wR_factor_R_free                 ? 
_refine_ls_shell.wR_factor_R_work                 ? 
_refine_ls_shell.pdbx_total_number_of_bins_used   5 
_refine_ls_shell.pdbx_phase_error                 ? 
_refine_ls_shell.pdbx_fsc_work                    ? 
_refine_ls_shell.pdbx_fsc_free                    ? 
# 
_struct.entry_id                     4WVU 
_struct.title                        'CRYSTAL STRUCTURE OF XIAP-BIR2 DOMAIN COMPLEXED WITH LIGAND BOUND' 
_struct.pdbx_model_details           ? 
_struct.pdbx_formula_weight          ? 
_struct.pdbx_formula_weight_method   ? 
_struct.pdbx_model_type_details      ? 
_struct.pdbx_CASP_flag               ? 
# 
_struct_keywords.entry_id        4WVU 
_struct_keywords.text            'IAP, XIAP-BIR2, APOPTOSIS' 
_struct_keywords.pdbx_keywords   APOPTOSIS 
# 
loop_
_struct_asym.id 
_struct_asym.pdbx_blank_PDB_chainid_flag 
_struct_asym.pdbx_modified 
_struct_asym.entity_id 
_struct_asym.details 
A N N 1 ? 
B N N 2 ? 
C N N 3 ? 
D N N 4 ? 
E N N 5 ? 
F N N 6 ? 
G N N 6 ? 
# 
loop_
_struct_conf.conf_type_id 
_struct_conf.id 
_struct_conf.pdbx_PDB_helix_id 
_struct_conf.beg_label_comp_id 
_struct_conf.beg_label_asym_id 
_struct_conf.beg_label_seq_id 
_struct_conf.pdbx_beg_PDB_ins_code 
_struct_conf.end_label_comp_id 
_struct_conf.end_label_asym_id 
_struct_conf.end_label_seq_id 
_struct_conf.pdbx_end_PDB_ins_code 
_struct_conf.beg_auth_comp_id 
_struct_conf.beg_auth_asym_id 
_struct_conf.beg_auth_seq_id 
_struct_conf.end_auth_comp_id 
_struct_conf.end_auth_asym_id 
_struct_conf.end_auth_seq_id 
_struct_conf.pdbx_PDB_helix_class 
_struct_conf.details 
_struct_conf.pdbx_PDB_helix_length 
HELX_P HELX_P1 AA1 ASN A 24 ? TYR A 28 ? ASN A 157 TYR A 161 5 ? 5  
HELX_P HELX_P2 AA2 SER A 29 ? SER A 36 ? SER A 162 SER A 169 1 ? 8  
HELX_P HELX_P3 AA3 PRO A 41 ? HIS A 45 ? PRO A 174 HIS A 178 5 ? 5  
HELX_P HELX_P4 AA4 THR A 47 ? ALA A 54 ? THR A 180 ALA A 187 1 ? 8  
HELX_P HELX_P5 AA5 ARG A 82 ? PHE A 91 ? ARG A 215 PHE A 224 1 ? 10 
# 
_struct_conf_type.id          HELX_P 
_struct_conf_type.criteria    ? 
_struct_conf_type.reference   ? 
# 
loop_
_struct_conn.id 
_struct_conn.conn_type_id 
_struct_conn.pdbx_leaving_atom_flag 
_struct_conn.pdbx_PDB_id 
_struct_conn.ptnr1_label_asym_id 
_struct_conn.ptnr1_label_comp_id 
_struct_conn.ptnr1_label_seq_id 
_struct_conn.ptnr1_label_atom_id 
_struct_conn.pdbx_ptnr1_label_alt_id 
_struct_conn.pdbx_ptnr1_PDB_ins_code 
_struct_conn.pdbx_ptnr1_standard_comp_id 
_struct_conn.ptnr1_symmetry 
_struct_conn.ptnr2_label_asym_id 
_struct_conn.ptnr2_label_comp_id 
_struct_conn.ptnr2_label_seq_id 
_struct_conn.ptnr2_label_atom_id 
_struct_conn.pdbx_ptnr2_label_alt_id 
_struct_conn.pdbx_ptnr2_PDB_ins_code 
_struct_conn.ptnr1_auth_asym_id 
_struct_conn.ptnr1_auth_comp_id 
_struct_conn.ptnr1_auth_seq_id 
_struct_conn.ptnr2_auth_asym_id 
_struct_conn.ptnr2_auth_comp_id 
_struct_conn.ptnr2_auth_seq_id 
_struct_conn.ptnr2_symmetry 
_struct_conn.pdbx_ptnr3_label_atom_id 
_struct_conn.pdbx_ptnr3_label_seq_id 
_struct_conn.pdbx_ptnr3_label_comp_id 
_struct_conn.pdbx_ptnr3_label_asym_id 
_struct_conn.pdbx_ptnr3_label_alt_id 
_struct_conn.pdbx_ptnr3_PDB_ins_code 
_struct_conn.details 
_struct_conn.pdbx_dist_value 
_struct_conn.pdbx_value_order 
_struct_conn.pdbx_role 
covale1 covale both ? B MAA 1  C   ? ? ? 1_555 B VAL 2 N  ? ? B MAA 1   B VAL 2   1_555 ? ? ? ? ? ? ? 1.336 ? ? 
covale2 covale both ? B VAL 2  C   ? ? ? 1_555 B 3V8 3 N  ? ? B VAL 2   B 3V8 3   1_555 ? ? ? ? ? ? ? 1.345 ? ? 
covale3 covale both ? B 3V8 3  C   ? ? ? 1_555 B PHE 4 N  ? ? B 3V8 3   B PHE 4   1_555 ? ? ? ? ? ? ? 1.334 ? ? 
covale4 covale one  ? B 3V8 3  C10 ? ? ? 1_555 B HOX 5 NZ ? ? B 3V8 3   B HOX 5   1_555 ? ? ? ? ? ? ? 1.357 ? ? 
covale5 covale both ? B PHE 4  C   ? ? ? 1_555 B HOX 5 N  ? ? B PHE 4   B HOX 5   1_555 ? ? ? ? ? ? ? 1.335 ? ? 
metalc1 metalc ?    ? A CYS 67 SG  ? ? ? 1_555 C ZN  . ZN ? ? A CYS 200 A ZN  301 1_555 ? ? ? ? ? ? ? 2.313 ? ? 
metalc2 metalc ?    ? A CYS 70 SG  ? ? ? 1_555 C ZN  . ZN ? ? A CYS 203 A ZN  301 1_555 ? ? ? ? ? ? ? 2.314 ? ? 
metalc3 metalc ?    ? A HIS 87 NE2 ? ? ? 1_555 C ZN  . ZN ? ? A HIS 220 A ZN  301 1_555 ? ? ? ? ? ? ? 2.063 ? ? 
metalc4 metalc ?    ? A CYS 94 SG  ? ? ? 1_555 C ZN  . ZN ? ? A CYS 227 A ZN  301 1_555 ? ? ? ? ? ? ? 2.238 ? ? 
# 
loop_
_struct_conn_type.id 
_struct_conn_type.criteria 
_struct_conn_type.reference 
covale ? ? 
metalc ? ? 
# 
_struct_sheet.id               AA1 
_struct_sheet.type             ? 
_struct_sheet.number_strands   3 
_struct_sheet.details          ? 
# 
loop_
_struct_sheet_order.sheet_id 
_struct_sheet_order.range_id_1 
_struct_sheet_order.range_id_2 
_struct_sheet_order.offset 
_struct_sheet_order.sense 
AA1 1 2 ? anti-parallel 
AA1 2 3 ? anti-parallel 
# 
loop_
_struct_sheet_range.sheet_id 
_struct_sheet_range.id 
_struct_sheet_range.beg_label_comp_id 
_struct_sheet_range.beg_label_asym_id 
_struct_sheet_range.beg_label_seq_id 
_struct_sheet_range.pdbx_beg_PDB_ins_code 
_struct_sheet_range.end_label_comp_id 
_struct_sheet_range.end_label_asym_id 
_struct_sheet_range.end_label_seq_id 
_struct_sheet_range.pdbx_end_PDB_ins_code 
_struct_sheet_range.beg_auth_comp_id 
_struct_sheet_range.beg_auth_asym_id 
_struct_sheet_range.beg_auth_seq_id 
_struct_sheet_range.end_auth_comp_id 
_struct_sheet_range.end_auth_asym_id 
_struct_sheet_range.end_auth_seq_id 
AA1 1 LEU A 56 ? ILE A 61 ? LEU A 189 ILE A 194 
AA1 2 GLN A 64 ? CYS A 67 ? GLN A 197 CYS A 200 
AA1 3 LYS A 73 ? LEU A 74 ? LYS A 206 LEU A 207 
# 
loop_
_pdbx_struct_sheet_hbond.sheet_id 
_pdbx_struct_sheet_hbond.range_id_1 
_pdbx_struct_sheet_hbond.range_id_2 
_pdbx_struct_sheet_hbond.range_1_label_atom_id 
_pdbx_struct_sheet_hbond.range_1_label_comp_id 
_pdbx_struct_sheet_hbond.range_1_label_asym_id 
_pdbx_struct_sheet_hbond.range_1_label_seq_id 
_pdbx_struct_sheet_hbond.range_1_PDB_ins_code 
_pdbx_struct_sheet_hbond.range_1_auth_atom_id 
_pdbx_struct_sheet_hbond.range_1_auth_comp_id 
_pdbx_struct_sheet_hbond.range_1_auth_asym_id 
_pdbx_struct_sheet_hbond.range_1_auth_seq_id 
_pdbx_struct_sheet_hbond.range_2_label_atom_id 
_pdbx_struct_sheet_hbond.range_2_label_comp_id 
_pdbx_struct_sheet_hbond.range_2_label_asym_id 
_pdbx_struct_sheet_hbond.range_2_label_seq_id 
_pdbx_struct_sheet_hbond.range_2_PDB_ins_code 
_pdbx_struct_sheet_hbond.range_2_auth_atom_id 
_pdbx_struct_sheet_hbond.range_2_auth_comp_id 
_pdbx_struct_sheet_hbond.range_2_auth_asym_id 
_pdbx_struct_sheet_hbond.range_2_auth_seq_id 
AA1 1 2 N TYR A 57 ? N TYR A 190 O GLN A 66 ? O GLN A 199 
AA1 2 3 N VAL A 65 ? N VAL A 198 O LEU A 74 ? O LEU A 207 
# 
loop_
_struct_site.id 
_struct_site.pdbx_evidence_code 
_struct_site.pdbx_auth_asym_id 
_struct_site.pdbx_auth_comp_id 
_struct_site.pdbx_auth_seq_id 
_struct_site.pdbx_auth_ins_code 
_struct_site.pdbx_num_residues 
_struct_site.details 
AC1 Software A ZN  301 ? 4  'binding site for residue ZN A 301'             
AC2 Software A SO4 302 ? 5  'binding site for residue SO4 A 302'            
AC3 Software A GOL 303 ? 8  'binding site for residue GOL A 303'            
AC4 Software B 3V8 3   ? 10 'binding site for residues 3V8 B 3 and HOX B 5' 
# 
loop_
_struct_site_gen.id 
_struct_site_gen.site_id 
_struct_site_gen.pdbx_num_res 
_struct_site_gen.label_comp_id 
_struct_site_gen.label_asym_id 
_struct_site_gen.label_seq_id 
_struct_site_gen.pdbx_auth_ins_code 
_struct_site_gen.auth_comp_id 
_struct_site_gen.auth_asym_id 
_struct_site_gen.auth_seq_id 
_struct_site_gen.label_atom_id 
_struct_site_gen.label_alt_id 
_struct_site_gen.symmetry 
_struct_site_gen.details 
1  AC1 4  CYS A 67 ? CYS A 200 . ? 1_555 ? 
2  AC1 4  CYS A 70 ? CYS A 203 . ? 1_555 ? 
3  AC1 4  HIS A 87 ? HIS A 220 . ? 1_555 ? 
4  AC1 4  CYS A 94 ? CYS A 227 . ? 1_555 ? 
5  AC2 5  GLN A 64 ? GLN A 197 . ? 1_555 ? 
6  AC2 5  LYS A 75 ? LYS A 208 . ? 1_555 ? 
7  AC2 5  ASN A 76 ? ASN A 209 . ? 1_555 ? 
8  AC2 5  HOH F .  ? HOH A 401 . ? 1_555 ? 
9  AC2 5  HOH F .  ? HOH A 420 . ? 1_555 ? 
10 AC3 8  HIS A 21 ? HIS A -2  . ? 1_555 ? 
11 AC3 8  GLY A 20 ? GLY A -3  . ? 1_555 ? 
12 AC3 8  GLU A 31 ? GLU A 164 . ? 1_655 ? 
13 AC3 8  LYS A 35 ? LYS A 168 . ? 1_655 ? 
14 AC3 8  CYS A 70 ? CYS A 203 . ? 1_555 ? 
15 AC3 8  ASN A 93 ? ASN A 226 . ? 1_555 ? 
16 AC3 8  CYS A 94 ? CYS A 227 . ? 1_555 ? 
17 AC3 8  PHE A 95 ? PHE A 228 . ? 1_555 ? 
18 AC4 10 PHE A 37 ? PHE A 170 . ? 1_655 ? 
19 AC4 10 GLN A 38 ? GLN A 171 . ? 1_655 ? 
20 AC4 10 ASN A 39 ? ASN A 172 . ? 1_655 ? 
21 AC4 10 TRP A 40 ? TRP A 173 . ? 1_655 ? 
22 AC4 10 LYS A 73 ? LYS A 206 . ? 1_555 ? 
23 AC4 10 HIS A 90 ? HIS A 223 . ? 1_555 ? 
24 AC4 10 VAL B 2  ? VAL B 2   . ? 1_555 ? 
25 AC4 10 PHE B 4  ? PHE B 4   . ? 1_555 ? 
26 AC4 10 HOH G .  ? HOH B 101 . ? 1_555 ? 
27 AC4 10 HOH G .  ? HOH B 102 . ? 1_555 ? 
# 
_atom_sites.entry_id                    4WVU 
_atom_sites.fract_transf_matrix[1][1]   -0.00890100 
_atom_sites.fract_transf_matrix[1][2]   0.02273934 
_atom_sites.fract_transf_matrix[1][3]   0.02583352 
_atom_sites.fract_transf_matrix[2][1]   -0.02164402 
_atom_sites.fract_transf_matrix[2][2]   -0.01279125 
_atom_sites.fract_transf_matrix[2][3]   0.00380170 
_atom_sites.fract_transf_matrix[3][1]   0.01322118 
_atom_sites.fract_transf_matrix[3][2]   -0.01571346 
_atom_sites.fract_transf_matrix[3][3]   0.02240177 
_atom_sites.fract_transf_vector[1]      0.008371 
_atom_sites.fract_transf_vector[2]      0.118351 
_atom_sites.fract_transf_vector[3]      0.167957 
# 
loop_
_atom_type.symbol 
C  
H  
N  
O  
S  
ZN 
# 
loop_
_atom_site.group_PDB 
_atom_site.id 
_atom_site.type_symbol 
_atom_site.label_atom_id 
_atom_site.label_alt_id 
_atom_site.label_comp_id 
_atom_site.label_asym_id 
_atom_site.label_entity_id 
_atom_site.label_seq_id 
_atom_site.pdbx_PDB_ins_code 
_atom_site.Cartn_x 
_atom_site.Cartn_y 
_atom_site.Cartn_z 
_atom_site.occupancy 
_atom_site.B_iso_or_equiv 
_atom_site.pdbx_formal_charge 
_atom_site.auth_seq_id 
_atom_site.auth_comp_id 
_atom_site.auth_asym_id 
_atom_site.auth_atom_id 
_atom_site.pdbx_PDB_model_num 
ATOM   1   N  N    . GLY A 1 20 ? -12.039 14.607  -0.701  1.00 17.56 ? -3  GLY A N    1 
ATOM   2   C  CA   . GLY A 1 20 ? -10.704 14.908  -1.211  1.00 17.63 ? -3  GLY A CA   1 
ATOM   3   C  C    . GLY A 1 20 ? -10.376 14.191  -2.509  1.00 20.14 ? -3  GLY A C    1 
ATOM   4   O  O    . GLY A 1 20 ? -11.072 13.244  -2.887  1.00 19.68 ? -3  GLY A O    1 
ATOM   5   N  N    . HIS A 1 21 ? -9.306  14.644  -3.191  1.00 15.73 ? -2  HIS A N    1 
ATOM   6   C  CA   . HIS A 1 21 ? -8.837  14.120  -4.484  1.00 13.83 ? -2  HIS A CA   1 
ATOM   7   C  C    . HIS A 1 21 ? -8.063  12.802  -4.385  1.00 14.62 ? -2  HIS A C    1 
ATOM   8   O  O    . HIS A 1 21 ? -7.376  12.556  -3.383  1.00 14.00 ? -2  HIS A O    1 
ATOM   9   C  CB   . HIS A 1 21 ? -7.924  15.163  -5.159  1.00 14.64 ? -2  HIS A CB   1 
ATOM   10  N  N    . MET A 1 22 ? -8.093  12.017  -5.492  1.00 7.51  ? -1  MET A N    1 
ATOM   11  C  CA   . MET A 1 22 ? -7.352  10.771  -5.649  1.00 5.67  ? -1  MET A CA   1 
ATOM   12  C  C    . MET A 1 22 ? -5.919  11.256  -5.841  1.00 8.42  ? -1  MET A C    1 
ATOM   13  O  O    . MET A 1 22 ? -5.650  12.079  -6.736  1.00 6.83  ? -1  MET A O    1 
ATOM   14  C  CB   . MET A 1 22 ? -7.833  10.019  -6.910  1.00 6.09  ? -1  MET A CB   1 
ATOM   15  C  CG   . MET A 1 22 ? -7.091  8.729   -7.150  1.00 6.67  ? -1  MET A CG   1 
ATOM   16  S  SD   . MET A 1 22 ? -7.737  7.856   -8.606  1.00 7.67  ? -1  MET A SD   1 
ATOM   17  C  CE   . MET A 1 22 ? -9.401  7.499   -8.075  1.00 5.79  ? -1  MET A CE   1 
ATOM   18  N  N    . ARG A 1 23 ? -5.028  10.852  -4.933  1.00 5.03  ? 156 ARG A N    1 
ATOM   19  C  CA   . ARG A 1 23 ? -3.656  11.351  -4.950  1.00 5.07  ? 156 ARG A CA   1 
ATOM   20  C  C    . ARG A 1 23 ? -2.826  10.872  -6.141  1.00 7.70  ? 156 ARG A C    1 
ATOM   21  O  O    . ARG A 1 23 ? -2.085  11.660  -6.708  1.00 8.86  ? 156 ARG A O    1 
ATOM   22  C  CB   . ARG A 1 23 ? -2.957  11.052  -3.623  1.00 5.10  ? 156 ARG A CB   1 
ATOM   23  C  CG   . ARG A 1 23 ? -3.490  11.940  -2.507  1.00 10.28 ? 156 ARG A CG   1 
ATOM   24  C  CD   . ARG A 1 23 ? -3.080  13.408  -2.681  1.00 16.59 ? 156 ARG A CD   1 
ATOM   25  N  NE   . ARG A 1 23 ? -3.636  14.279  -1.637  1.00 13.80 ? 156 ARG A NE   1 
ATOM   26  C  CZ   . ARG A 1 23 ? -3.135  14.375  -0.410  1.00 21.93 ? 156 ARG A CZ   1 
ATOM   27  N  NH1  . ARG A 1 23 ? -2.092  13.636  -0.056  1.00 21.02 ? 156 ARG A NH1  1 
ATOM   28  N  NH2  . ARG A 1 23 ? -3.676  15.206  0.473   1.00 10.31 ? 156 ARG A NH2  1 
ATOM   29  N  N    . ASN A 1 24 ? -2.967  9.605   -6.546  1.00 4.85  ? 157 ASN A N    1 
ATOM   30  C  CA   . ASN A 1 24 ? -2.212  9.127   -7.687  1.00 5.89  ? 157 ASN A CA   1 
ATOM   31  C  C    . ASN A 1 24 ? -3.103  8.337   -8.699  1.00 8.95  ? 157 ASN A C    1 
ATOM   32  O  O    . ASN A 1 24 ? -3.121  7.120   -8.698  1.00 8.04  ? 157 ASN A O    1 
ATOM   33  C  CB   . ASN A 1 24 ? -0.947  8.345   -7.248  1.00 6.04  ? 157 ASN A CB   1 
ATOM   34  C  CG   . ASN A 1 24 ? 0.006   8.070   -8.406  1.00 16.31 ? 157 ASN A CG   1 
ATOM   35  O  OD1  . ASN A 1 24 ? -0.326  8.283   -9.567  1.00 8.92  ? 157 ASN A OD1  1 
ATOM   36  N  ND2  . ASN A 1 24 ? 1.226   7.636   -8.121  1.00 5.26  ? 157 ASN A ND2  1 
ATOM   37  N  N    . PRO A 1 25 ? -3.782  9.037   -9.628  1.00 7.58  ? 158 PRO A N    1 
ATOM   38  C  CA   . PRO A 1 25 ? -4.599  8.339   -10.642 1.00 7.52  ? 158 PRO A CA   1 
ATOM   39  C  C    . PRO A 1 25 ? -3.838  7.402   -11.586 1.00 9.68  ? 158 PRO A C    1 
ATOM   40  O  O    . PRO A 1 25 ? -4.482  6.522   -12.171 1.00 9.28  ? 158 PRO A O    1 
ATOM   41  C  CB   . PRO A 1 25 ? -5.242  9.495   -11.430 1.00 9.88  ? 158 PRO A CB   1 
ATOM   42  C  CG   . PRO A 1 25 ? -5.236  10.642  -10.484 1.00 14.44 ? 158 PRO A CG   1 
ATOM   43  C  CD   . PRO A 1 25 ? -3.909  10.503  -9.773  1.00 9.77  ? 158 PRO A CD   1 
ATOM   44  N  N    . ALA A 1 26 ? -2.492  7.553   -11.728 1.00 6.17  ? 159 ALA A N    1 
ATOM   45  C  CA   . ALA A 1 26 ? -1.665  6.635   -12.555 1.00 6.21  ? 159 ALA A CA   1 
ATOM   46  C  C    . ALA A 1 26 ? -1.665  5.235   -11.919 1.00 7.78  ? 159 ALA A C    1 
ATOM   47  O  O    . ALA A 1 26 ? -1.388  4.244   -12.592 1.00 8.11  ? 159 ALA A O    1 
ATOM   48  C  CB   . ALA A 1 26 ? -0.224  7.153   -12.635 1.00 6.92  ? 159 ALA A CB   1 
ATOM   49  N  N    . MET A 1 27 ? -1.931  5.161   -10.608 1.00 4.66  ? 160 MET A N    1 
ATOM   50  C  CA   . MET A 1 27 ? -1.970  3.873   -9.883  1.00 7.31  ? 160 MET A CA   1 
ATOM   51  C  C    . MET A 1 27 ? -3.412  3.419   -9.510  1.00 6.84  ? 160 MET A C    1 
ATOM   52  O  O    . MET A 1 27 ? -3.587  2.574   -8.634  1.00 6.06  ? 160 MET A O    1 
ATOM   53  C  CB   . MET A 1 27 ? -1.060  3.944   -8.645  1.00 6.86  ? 160 MET A CB   1 
ATOM   54  C  CG   . MET A 1 27 ? 0.423   3.932   -9.001  1.00 5.73  ? 160 MET A CG   1 
ATOM   55  S  SD   . MET A 1 27 ? 0.897   2.321   -9.686  1.00 8.06  ? 160 MET A SD   1 
ATOM   56  C  CE   . MET A 1 27 ? 2.677   2.539   -9.750  1.00 6.91  ? 160 MET A CE   1 
ATOM   57  N  N    . TYR A 1 28 ? -4.436  3.967   -10.201 1.00 6.95  ? 161 TYR A N    1 
ATOM   58  C  CA   . TYR A 1 28 ? -5.836  3.580   -9.989  1.00 4.88  ? 161 TYR A CA   1 
ATOM   59  C  C    . TYR A 1 28 ? -6.070  2.123   -10.403 1.00 7.73  ? 161 TYR A C    1 
ATOM   60  O  O    . TYR A 1 28 ? -6.875  1.431   -9.782  1.00 7.15  ? 161 TYR A O    1 
ATOM   61  C  CB   . TYR A 1 28 ? -6.790  4.538   -10.732 1.00 4.58  ? 161 TYR A CB   1 
ATOM   62  C  CG   . TYR A 1 28 ? -8.164  3.976   -11.061 1.00 6.39  ? 161 TYR A CG   1 
ATOM   63  C  CD1  . TYR A 1 28 ? -9.173  3.934   -10.098 1.00 6.54  ? 161 TYR A CD1  1 
ATOM   64  C  CD2  . TYR A 1 28 ? -8.438  3.443   -12.318 1.00 6.20  ? 161 TYR A CD2  1 
ATOM   65  C  CE1  . TYR A 1 28 ? -10.430 3.398   -10.388 1.00 5.88  ? 161 TYR A CE1  1 
ATOM   66  C  CE2  . TYR A 1 28 ? -9.695  2.922   -12.626 1.00 8.28  ? 161 TYR A CE2  1 
ATOM   67  C  CZ   . TYR A 1 28 ? -10.679 2.873   -11.646 1.00 10.92 ? 161 TYR A CZ   1 
ATOM   68  O  OH   . TYR A 1 28 ? -11.932 2.403   -11.955 1.00 9.97  ? 161 TYR A OH   1 
ATOM   69  N  N    . SER A 1 29 ? -5.394  1.681   -11.469 1.00 6.35  ? 162 SER A N    1 
ATOM   70  C  CA   . SER A 1 29 ? -5.548  0.306   -11.946 1.00 5.49  ? 162 SER A CA   1 
ATOM   71  C  C    . SER A 1 29 ? -4.868  -0.644  -10.952 1.00 5.22  ? 162 SER A C    1 
ATOM   72  O  O    . SER A 1 29 ? -3.703  -0.448  -10.628 1.00 6.23  ? 162 SER A O    1 
ATOM   73  C  CB   . SER A 1 29 ? -4.935  0.155   -13.333 1.00 6.76  ? 162 SER A CB   1 
ATOM   74  O  OG   . SER A 1 29 ? -4.772  -1.209  -13.635 1.00 14.80 ? 162 SER A OG   1 
ATOM   75  N  N    . GLU A 1 30 ? -5.576  -1.674  -10.502 1.00 7.05  ? 163 GLU A N    1 
ATOM   76  C  CA   . GLU A 1 30 ? -4.995  -2.658  -9.588  1.00 6.89  ? 163 GLU A CA   1 
ATOM   77  C  C    . GLU A 1 30 ? -3.862  -3.416  -10.315 1.00 5.95  ? 163 GLU A C    1 
ATOM   78  O  O    . GLU A 1 30 ? -2.863  -3.784  -9.688  1.00 4.84  ? 163 GLU A O    1 
ATOM   79  C  CB   . GLU A 1 30 ? -6.074  -3.626  -9.082  1.00 4.57  ? 163 GLU A CB   1 
ATOM   80  C  CG   . GLU A 1 30 ? -5.581  -4.638  -8.044  1.00 6.59  ? 163 GLU A CG   1 
ATOM   81  C  CD   . GLU A 1 30 ? -6.707  -5.518  -7.536  1.00 18.39 ? 163 GLU A CD   1 
ATOM   82  O  OE1  . GLU A 1 30 ? -7.881  -5.105  -7.659  1.00 16.80 ? 163 GLU A OE1  1 
ATOM   83  O  OE2  . GLU A 1 30 ? -6.416  -6.557  -6.906  1.00 11.56 ? 163 GLU A OE2  1 
ATOM   84  N  N    . GLU A 1 31 ? -3.995  -3.569  -11.652 1.00 5.57  ? 164 GLU A N    1 
ATOM   85  C  CA   . GLU A 1 31 ? -2.932  -4.197  -12.446 1.00 6.16  ? 164 GLU A CA   1 
ATOM   86  C  C    . GLU A 1 31 ? -1.680  -3.295  -12.454 1.00 7.90  ? 164 GLU A C    1 
ATOM   87  O  O    . GLU A 1 31 ? -0.582  -3.809  -12.288 1.00 5.91  ? 164 GLU A O    1 
ATOM   88  C  CB   . GLU A 1 31 ? -3.416  -4.495  -13.866 1.00 6.95  ? 164 GLU A CB   1 
ATOM   89  C  CG   . GLU A 1 31 ? -2.398  -5.245  -14.703 1.00 9.63  ? 164 GLU A CG   1 
ATOM   90  C  CD   . GLU A 1 31 ? -2.688  -5.191  -16.193 1.00 22.57 ? 164 GLU A CD   1 
ATOM   91  O  OE1  . GLU A 1 31 ? -3.822  -4.835  -16.569 1.00 17.07 ? 164 GLU A OE1  1 
ATOM   92  O  OE2  . GLU A 1 31 ? -1.787  -5.523  -16.989 1.00 28.48 ? 164 GLU A OE2  1 
ATOM   93  N  N    . ALA A 1 32 ? -1.832  -1.959  -12.535 1.00 7.41  ? 165 ALA A N    1 
ATOM   94  C  CA   . ALA A 1 32 ? -0.642  -1.073  -12.469 1.00 7.49  ? 165 ALA A CA   1 
ATOM   95  C  C    . ALA A 1 32 ? 0.026   -1.168  -11.063 1.00 8.08  ? 165 ALA A C    1 
ATOM   96  O  O    . ALA A 1 32 ? 1.241   -1.089  -10.949 1.00 7.20  ? 165 ALA A O    1 
ATOM   97  C  CB   . ALA A 1 32 ? -1.037  0.373   -12.771 1.00 8.20  ? 165 ALA A CB   1 
ATOM   98  N  N    . ARG A 1 33 ? -0.769  -1.300  -10.000 1.00 6.38  ? 166 ARG A N    1 
ATOM   99  C  CA   . ARG A 1 33 ? -0.239  -1.448  -8.634  1.00 5.88  ? 166 ARG A CA   1 
ATOM   100 C  C    . ARG A 1 33 ? 0.545   -2.765  -8.527  1.00 7.95  ? 166 ARG A C    1 
ATOM   101 O  O    . ARG A 1 33 ? 1.631   -2.786  -7.955  1.00 7.66  ? 166 ARG A O    1 
ATOM   102 C  CB   . ARG A 1 33 ? -1.354  -1.397  -7.579  1.00 5.31  ? 166 ARG A CB   1 
ATOM   103 C  CG   . ARG A 1 33 ? -2.078  -0.034  -7.567  1.00 7.38  ? 166 ARG A CG   1 
ATOM   104 C  CD   . ARG A 1 33 ? -2.826  0.247   -6.272  1.00 8.27  ? 166 ARG A CD   1 
ATOM   105 N  NE   . ARG A 1 33 ? -3.984  -0.636  -6.083  1.00 6.03  ? 166 ARG A NE   1 
ATOM   106 C  CZ   . ARG A 1 33 ? -5.183  -0.441  -6.634  1.00 8.50  ? 166 ARG A CZ   1 
ATOM   107 N  NH1  . ARG A 1 33 ? -5.384  0.575   -7.449  1.00 4.62  ? 166 ARG A NH1  1 
ATOM   108 N  NH2  . ARG A 1 33 ? -6.179  -1.291  -6.395  1.00 3.00  ? 166 ARG A NH2  1 
ATOM   109 N  N    . LEU A 1 34 ? 0.007   -3.848  -9.083  1.00 5.86  ? 167 LEU A N    1 
ATOM   110 C  CA   . LEU A 1 34 ? 0.713   -5.134  -9.054  1.00 4.65  ? 167 LEU A CA   1 
ATOM   111 C  C    . LEU A 1 34 ? 2.081   -5.032  -9.778  1.00 5.15  ? 167 LEU A C    1 
ATOM   112 O  O    . LEU A 1 34 ? 3.087   -5.507  -9.277  1.00 5.26  ? 167 LEU A O    1 
ATOM   113 C  CB   . LEU A 1 34 ? -0.177  -6.187  -9.725  1.00 3.94  ? 167 LEU A CB   1 
ATOM   114 C  CG   . LEU A 1 34 ? -1.249  -6.772  -8.820  1.00 8.06  ? 167 LEU A CG   1 
ATOM   115 C  CD1  . LEU A 1 34 ? -2.238  -7.652  -9.641  1.00 8.37  ? 167 LEU A CD1  1 
ATOM   116 C  CD2  . LEU A 1 34 ? -0.559  -7.589  -7.663  1.00 10.00 ? 167 LEU A CD2  1 
ATOM   117 N  N    . LYS A 1 35 ? 2.099   -4.397  -10.947 1.00 5.09  ? 168 LYS A N    1 
ATOM   118 C  CA   . LYS A 1 35 ? 3.314   -4.253  -11.747 1.00 4.45  ? 168 LYS A CA   1 
ATOM   119 C  C    . LYS A 1 35 ? 4.408   -3.424  -11.052 1.00 5.23  ? 168 LYS A C    1 
ATOM   120 O  O    . LYS A 1 35 ? 5.581   -3.625  -11.343 1.00 4.96  ? 168 LYS A O    1 
ATOM   121 C  CB   . LYS A 1 35 ? 2.960   -3.701  -13.156 1.00 4.28  ? 168 LYS A CB   1 
ATOM   122 C  CG   . LYS A 1 35 ? 2.142   -4.738  -13.953 1.00 11.22 ? 168 LYS A CG   1 
ATOM   123 C  CD   . LYS A 1 35 ? 2.112   -4.501  -15.442 1.00 18.15 ? 168 LYS A CD   1 
ATOM   124 C  CE   . LYS A 1 35 ? 1.033   -3.526  -15.844 1.00 23.17 ? 168 LYS A CE   1 
ATOM   125 N  NZ   . LYS A 1 35 ? 0.642   -3.692  -17.279 1.00 21.88 ? 168 LYS A NZ   1 
ATOM   126 N  N    . SER A 1 36 ? 4.043   -2.565  -10.057 1.00 4.10  ? 169 SER A N    1 
ATOM   127 C  CA   . SER A 1 36 ? 5.017   -1.745  -9.319  1.00 5.04  ? 169 SER A CA   1 
ATOM   128 C  C    . SER A 1 36 ? 5.872   -2.583  -8.355  1.00 7.20  ? 169 SER A C    1 
ATOM   129 O  O    . SER A 1 36 ? 6.937   -2.118  -7.919  1.00 8.16  ? 169 SER A O    1 
ATOM   130 C  CB   . SER A 1 36 ? 4.304   -0.656  -8.516  1.00 4.81  ? 169 SER A CB   1 
ATOM   131 O  OG   . SER A 1 36 ? 3.659   -1.217  -7.385  1.00 7.83  ? 169 SER A OG   1 
ATOM   132 N  N    . PHE A 1 37 ? 5.432   -3.810  -8.045  1.00 4.59  ? 170 PHE A N    1 
ATOM   133 C  CA   . PHE A 1 37 ? 6.131   -4.696  -7.097  1.00 6.02  ? 170 PHE A CA   1 
ATOM   134 C  C    . PHE A 1 37 ? 7.332   -5.432  -7.690  1.00 11.72 ? 170 PHE A C    1 
ATOM   135 O  O    . PHE A 1 37 ? 7.416   -6.650  -7.598  1.00 14.14 ? 170 PHE A O    1 
ATOM   136 C  CB   . PHE A 1 37 ? 5.132   -5.686  -6.450  1.00 5.02  ? 170 PHE A CB   1 
ATOM   137 C  CG   . PHE A 1 37 ? 4.328   -4.990  -5.365  1.00 4.63  ? 170 PHE A CG   1 
ATOM   138 C  CD1  . PHE A 1 37 ? 3.155   -4.318  -5.672  1.00 7.43  ? 170 PHE A CD1  1 
ATOM   139 C  CD2  . PHE A 1 37 ? 4.763   -4.992  -4.048  1.00 7.01  ? 170 PHE A CD2  1 
ATOM   140 C  CE1  . PHE A 1 37 ? 2.444   -3.626  -4.681  1.00 8.38  ? 170 PHE A CE1  1 
ATOM   141 C  CE2  . PHE A 1 37 ? 4.065   -4.282  -3.064  1.00 9.91  ? 170 PHE A CE2  1 
ATOM   142 C  CZ   . PHE A 1 37 ? 2.908   -3.609  -3.389  1.00 7.72  ? 170 PHE A CZ   1 
ATOM   143 N  N    . GLN A 1 38 ? 8.256   -4.710  -8.312  1.00 11.74 ? 171 GLN A N    1 
ATOM   144 C  CA   . GLN A 1 38 ? 9.478   -5.344  -8.822  1.00 11.25 ? 171 GLN A CA   1 
ATOM   145 C  C    . GLN A 1 38 ? 10.485  -5.247  -7.691  1.00 11.91 ? 171 GLN A C    1 
ATOM   146 O  O    . GLN A 1 38 ? 10.550  -4.213  -7.030  1.00 11.13 ? 171 GLN A O    1 
ATOM   147 C  CB   . GLN A 1 38 ? 10.002  -4.627  -10.071 1.00 12.28 ? 171 GLN A CB   1 
ATOM   148 C  CG   . GLN A 1 38 ? 9.167   -4.907  -11.335 1.00 18.03 ? 171 GLN A CG   1 
ATOM   149 C  CD   . GLN A 1 38 ? 9.969   -4.655  -12.594 1.00 30.02 ? 171 GLN A CD   1 
ATOM   150 O  OE1  . GLN A 1 38 ? 11.161  -4.292  -12.561 1.00 18.30 ? 171 GLN A OE1  1 
ATOM   151 N  NE2  . GLN A 1 38 ? 9.329   -4.824  -13.732 1.00 25.96 ? 171 GLN A NE2  1 
ATOM   152 N  N    . ASN A 1 39 ? 11.202  -6.333  -7.413  1.00 10.24 ? 172 ASN A N    1 
ATOM   153 C  CA   . ASN A 1 39 ? 12.200  -6.417  -6.324  1.00 11.09 ? 172 ASN A CA   1 
ATOM   154 C  C    . ASN A 1 39 ? 11.610  -6.148  -4.936  1.00 12.88 ? 172 ASN A C    1 
ATOM   155 O  O    . ASN A 1 39 ? 12.264  -5.537  -4.076  1.00 11.70 ? 172 ASN A O    1 
ATOM   156 C  CB   . ASN A 1 39 ? 13.435  -5.519  -6.603  1.00 10.56 ? 172 ASN A CB   1 
ATOM   157 C  CG   . ASN A 1 39 ? 14.139  -5.872  -7.880  1.00 29.58 ? 172 ASN A CG   1 
ATOM   158 O  OD1  . ASN A 1 39 ? 14.206  -5.077  -8.823  1.00 27.21 ? 172 ASN A OD1  1 
ATOM   159 N  ND2  . ASN A 1 39 ? 14.628  -7.096  -7.953  1.00 19.03 ? 172 ASN A ND2  1 
ATOM   160 N  N    . TRP A 1 40 ? 10.359  -6.621  -4.717  1.00 7.38  ? 173 TRP A N    1 
ATOM   161 C  CA   . TRP A 1 40 ? 9.668   -6.547  -3.436  1.00 6.53  ? 173 TRP A CA   1 
ATOM   162 C  C    . TRP A 1 40 ? 10.443  -7.522  -2.511  1.00 12.99 ? 173 TRP A C    1 
ATOM   163 O  O    . TRP A 1 40 ? 10.719  -8.649  -2.939  1.00 10.08 ? 173 TRP A O    1 
ATOM   164 C  CB   . TRP A 1 40 ? 8.207   -6.996  -3.613  1.00 5.92  ? 173 TRP A CB   1 
ATOM   165 C  CG   . TRP A 1 40 ? 7.428   -7.113  -2.347  1.00 5.46  ? 173 TRP A CG   1 
ATOM   166 C  CD1  . TRP A 1 40 ? 6.868   -8.242  -1.838  1.00 7.73  ? 173 TRP A CD1  1 
ATOM   167 C  CD2  . TRP A 1 40 ? 7.065   -6.045  -1.458  1.00 5.81  ? 173 TRP A CD2  1 
ATOM   168 N  NE1  . TRP A 1 40 ? 6.233   -7.956  -0.643  1.00 6.75  ? 173 TRP A NE1  1 
ATOM   169 C  CE2  . TRP A 1 40 ? 6.322   -6.613  -0.402  1.00 6.31  ? 173 TRP A CE2  1 
ATOM   170 C  CE3  . TRP A 1 40 ? 7.284   -4.649  -1.462  1.00 5.48  ? 173 TRP A CE3  1 
ATOM   171 C  CZ2  . TRP A 1 40 ? 5.812   -5.844  0.658   1.00 5.40  ? 173 TRP A CZ2  1 
ATOM   172 C  CZ3  . TRP A 1 40 ? 6.776   -3.891  -0.419  1.00 4.05  ? 173 TRP A CZ3  1 
ATOM   173 C  CH2  . TRP A 1 40 ? 6.049   -4.481  0.626   1.00 4.48  ? 173 TRP A CH2  1 
ATOM   174 N  N    . PRO A 1 41 ? 10.872  -7.124  -1.296  1.00 11.74 ? 174 PRO A N    1 
ATOM   175 C  CA   . PRO A 1 41 ? 11.778  -8.027  -0.526  1.00 13.27 ? 174 PRO A CA   1 
ATOM   176 C  C    . PRO A 1 41 ? 11.091  -9.207  0.178   1.00 18.84 ? 174 PRO A C    1 
ATOM   177 O  O    . PRO A 1 41 ? 9.942   -9.094  0.572   1.00 18.01 ? 174 PRO A O    1 
ATOM   178 C  CB   . PRO A 1 41 ? 12.498  -7.081  0.444   1.00 14.59 ? 174 PRO A CB   1 
ATOM   179 C  CG   . PRO A 1 41 ? 11.546  -5.938  0.635   1.00 18.60 ? 174 PRO A CG   1 
ATOM   180 C  CD   . PRO A 1 41 ? 10.723  -5.807  -0.645  1.00 13.14 ? 174 PRO A CD   1 
ATOM   181 N  N    . ASP A 1 42 ? 11.817  -10.337 0.350   1.00 21.41 ? 175 ASP A N    1 
ATOM   182 C  CA   . ASP A 1 42 ? 11.280  -11.583 0.942   1.00 22.19 ? 175 ASP A CA   1 
ATOM   183 C  C    . ASP A 1 42 ? 10.903  -11.484 2.412   1.00 28.65 ? 175 ASP A C    1 
ATOM   184 O  O    . ASP A 1 42 ? 10.002  -12.201 2.865   1.00 29.50 ? 175 ASP A O    1 
ATOM   185 C  CB   . ASP A 1 42 ? 12.229  -12.755 0.719   1.00 25.29 ? 175 ASP A CB   1 
ATOM   186 N  N    . TYR A 1 43 ? 11.587  -10.597 3.164   1.00 23.26 ? 176 TYR A N    1 
ATOM   187 C  CA   . TYR A 1 43 ? 11.346  -10.421 4.588   1.00 21.10 ? 176 TYR A CA   1 
ATOM   188 C  C    . TYR A 1 43 ? 10.002  -9.759  4.907   1.00 24.44 ? 176 TYR A C    1 
ATOM   189 O  O    . TYR A 1 43 ? 9.477   -9.969  5.996   1.00 25.74 ? 176 TYR A O    1 
ATOM   190 C  CB   . TYR A 1 43 ? 12.513  -9.640  5.240   1.00 20.58 ? 176 TYR A CB   1 
ATOM   191 C  CG   . TYR A 1 43 ? 12.752  -8.244  4.693   1.00 18.68 ? 176 TYR A CG   1 
ATOM   192 C  CD1  . TYR A 1 43 ? 11.862  -7.206  4.965   1.00 18.93 ? 176 TYR A CD1  1 
ATOM   193 C  CD2  . TYR A 1 43 ? 13.932  -7.929  4.031   1.00 19.04 ? 176 TYR A CD2  1 
ATOM   194 C  CE1  . TYR A 1 43 ? 12.094  -5.914  4.505   1.00 16.75 ? 176 TYR A CE1  1 
ATOM   195 C  CE2  . TYR A 1 43 ? 14.179  -6.636  3.571   1.00 19.50 ? 176 TYR A CE2  1 
ATOM   196 C  CZ   . TYR A 1 43 ? 13.252  -5.634  3.805   1.00 21.24 ? 176 TYR A CZ   1 
ATOM   197 O  OH   . TYR A 1 43 ? 13.477  -4.359  3.362   1.00 20.42 ? 176 TYR A OH   1 
ATOM   198 N  N    . ALA A 1 44 ? 9.438   -8.982  3.950   1.00 19.85 ? 177 ALA A N    1 
ATOM   199 C  CA   . ALA A 1 44 ? 8.200   -8.211  4.107   1.00 18.74 ? 177 ALA A CA   1 
ATOM   200 C  C    . ALA A 1 44 ? 6.950   -9.043  4.401   1.00 18.84 ? 177 ALA A C    1 
ATOM   201 O  O    . ALA A 1 44 ? 5.960   -8.496  4.872   1.00 19.32 ? 177 ALA A O    1 
ATOM   202 C  CB   . ALA A 1 44 ? 7.977   -7.319  2.887   1.00 19.59 ? 177 ALA A CB   1 
ATOM   203 N  N    . HIS A 1 45 ? 6.998   -10.344 4.129   1.00 13.67 ? 178 HIS A N    1 
ATOM   204 C  CA   . HIS A 1 45 ? 5.948   -11.332 4.379   1.00 13.55 ? 178 HIS A CA   1 
ATOM   205 C  C    . HIS A 1 45 ? 4.643   -11.127 3.555   1.00 14.85 ? 178 HIS A C    1 
ATOM   206 O  O    . HIS A 1 45 ? 4.140   -12.104 3.003   1.00 14.48 ? 178 HIS A O    1 
ATOM   207 C  CB   . HIS A 1 45 ? 5.631   -11.470 5.893   1.00 14.33 ? 178 HIS A CB   1 
ATOM   208 C  CG   . HIS A 1 45 ? 4.825   -12.689 6.193   1.00 17.82 ? 178 HIS A CG   1 
ATOM   209 N  ND1  . HIS A 1 45 ? 5.380   -13.955 6.118   1.00 19.95 ? 178 HIS A ND1  1 
ATOM   210 C  CD2  . HIS A 1 45 ? 3.500   -12.805 6.442   1.00 19.91 ? 178 HIS A CD2  1 
ATOM   211 C  CE1  . HIS A 1 45 ? 4.391   -14.794 6.366   1.00 20.47 ? 178 HIS A CE1  1 
ATOM   212 N  NE2  . HIS A 1 45 ? 3.242   -14.150 6.571   1.00 20.84 ? 178 HIS A NE2  1 
ATOM   213 N  N    . LEU A 1 46 ? 4.084   -9.912  3.505   1.00 7.95  ? 179 LEU A N    1 
ATOM   214 C  CA   . LEU A 1 46 ? 2.841   -9.671  2.741   1.00 7.87  ? 179 LEU A CA   1 
ATOM   215 C  C    . LEU A 1 46 ? 3.169   -9.674  1.265   1.00 11.39 ? 179 LEU A C    1 
ATOM   216 O  O    . LEU A 1 46 ? 4.266   -9.269  0.876   1.00 11.50 ? 179 LEU A O    1 
ATOM   217 C  CB   . LEU A 1 46 ? 2.184   -8.336  3.118   1.00 7.80  ? 179 LEU A CB   1 
ATOM   218 C  CG   . LEU A 1 46 ? 1.256   -8.434  4.300   1.00 13.65 ? 179 LEU A CG   1 
ATOM   219 C  CD1  . LEU A 1 46 ? 2.018   -8.194  5.613   1.00 15.00 ? 179 LEU A CD1  1 
ATOM   220 C  CD2  . LEU A 1 46 ? 0.066   -7.485  4.150   1.00 12.44 ? 179 LEU A CD2  1 
ATOM   221 N  N    . THR A 1 47 ? 2.238   -10.168 0.465   1.00 5.96  ? 180 THR A N    1 
ATOM   222 C  CA   . THR A 1 47 ? 2.410   -10.322 -0.973  1.00 5.35  ? 180 THR A CA   1 
ATOM   223 C  C    . THR A 1 47 ? 1.966   -9.086  -1.759  1.00 5.64  ? 180 THR A C    1 
ATOM   224 O  O    . THR A 1 47 ? 1.023   -8.408  -1.349  1.00 5.45  ? 180 THR A O    1 
ATOM   225 C  CB   . THR A 1 47 ? 1.527   -11.503 -1.488  1.00 8.95  ? 180 THR A CB   1 
ATOM   226 O  OG1  . THR A 1 47 ? 0.136   -11.219 -1.221  1.00 5.66  ? 180 THR A OG1  1 
ATOM   227 C  CG2  . THR A 1 47 ? 1.922   -12.846 -0.890  1.00 9.85  ? 180 THR A CG2  1 
ATOM   228 N  N    . PRO A 1 48 ? 2.570   -8.845  -2.941  1.00 4.60  ? 181 PRO A N    1 
ATOM   229 C  CA   . PRO A 1 48 ? 2.057   -7.804  -3.841  1.00 6.18  ? 181 PRO A CA   1 
ATOM   230 C  C    . PRO A 1 48 ? 0.544   -7.955  -4.108  1.00 5.84  ? 181 PRO A C    1 
ATOM   231 O  O    . PRO A 1 48 ? -0.181  -6.958  -4.111  1.00 5.96  ? 181 PRO A O    1 
ATOM   232 C  CB   . PRO A 1 48 ? 2.831   -8.093  -5.138  1.00 4.26  ? 181 PRO A CB   1 
ATOM   233 C  CG   . PRO A 1 48 ? 4.140   -8.622  -4.645  1.00 6.95  ? 181 PRO A CG   1 
ATOM   234 C  CD   . PRO A 1 48 ? 3.721   -9.551  -3.548  1.00 5.02  ? 181 PRO A CD   1 
ATOM   235 N  N    . ARG A 1 49 ? 0.057   -9.191  -4.325  1.00 5.48  ? 182 ARG A N    1 
ATOM   236 C  CA   . ARG A 1 49 ? -1.374  -9.426  -4.603  1.00 5.64  ? 182 ARG A CA   1 
ATOM   237 C  C    . ARG A 1 49 ? -2.286  -8.801  -3.528  1.00 8.12  ? 182 ARG A C    1 
ATOM   238 O  O    . ARG A 1 49 ? -3.204  -8.060  -3.855  1.00 7.11  ? 182 ARG A O    1 
ATOM   239 C  CB   . ARG A 1 49 ? -1.661  -10.916 -4.759  1.00 7.49  ? 182 ARG A CB   1 
ATOM   240 N  N    . GLU A 1 50 ? -1.997  -9.058  -2.249  1.00 6.80  ? 183 GLU A N    1 
ATOM   241 C  CA   . GLU A 1 50 ? -2.793  -8.492  -1.144  1.00 5.67  ? 183 GLU A CA   1 
ATOM   242 C  C    . GLU A 1 50 ? -2.632  -6.979  -1.048  1.00 6.54  ? 183 GLU A C    1 
ATOM   243 O  O    . GLU A 1 50 ? -3.626  -6.274  -0.859  1.00 6.22  ? 183 GLU A O    1 
ATOM   244 C  CB   . GLU A 1 50 ? -2.388  -9.111  0.202   1.00 6.41  ? 183 GLU A CB   1 
ATOM   245 C  CG   . GLU A 1 50 ? -3.298  -8.613  1.327   1.00 12.69 ? 183 GLU A CG   1 
ATOM   246 C  CD   . GLU A 1 50 ? -2.950  -9.102  2.724   1.00 14.16 ? 183 GLU A CD   1 
ATOM   247 O  OE1  . GLU A 1 50 ? -2.191  -10.086 2.838   1.00 5.69  ? 183 GLU A OE1  1 
ATOM   248 O  OE2  . GLU A 1 50 ? -3.443  -8.506  3.703   1.00 7.35  ? 183 GLU A OE2  1 
ATOM   249 N  N    . LEU A 1 51 ? -1.371  -6.485  -1.062  1.00 4.92  ? 184 LEU A N    1 
ATOM   250 C  CA   . LEU A 1 51 ? -1.137  -5.050  -0.941  1.00 4.59  ? 184 LEU A CA   1 
ATOM   251 C  C    . LEU A 1 51 ? -1.838  -4.252  -2.041  1.00 3.12  ? 184 LEU A C    1 
ATOM   252 O  O    . LEU A 1 51 ? -2.515  -3.274  -1.713  1.00 3.32  ? 184 LEU A O    1 
ATOM   253 C  CB   . LEU A 1 51 ? 0.380   -4.725  -0.866  1.00 3.87  ? 184 LEU A CB   1 
ATOM   254 C  CG   . LEU A 1 51 ? 1.094   -5.338  0.356   1.00 3.22  ? 184 LEU A CG   1 
ATOM   255 C  CD1  . LEU A 1 51 ? 2.570   -5.586  0.053   1.00 4.78  ? 184 LEU A CD1  1 
ATOM   256 C  CD2  . LEU A 1 51 ? 0.964   -4.438  1.583   1.00 4.31  ? 184 LEU A CD2  1 
ATOM   257 N  N    . ALA A 1 52 ? -1.704  -4.662  -3.332  1.00 4.42  ? 185 ALA A N    1 
ATOM   258 C  CA   . ALA A 1 52 ? -2.351  -3.968  -4.460  1.00 6.73  ? 185 ALA A CA   1 
ATOM   259 C  C    . ALA A 1 52 ? -3.868  -3.944  -4.355  1.00 6.39  ? 185 ALA A C    1 
ATOM   260 O  O    . ALA A 1 52 ? -4.489  -2.917  -4.690  1.00 8.69  ? 185 ALA A O    1 
ATOM   261 C  CB   . ALA A 1 52 ? -1.924  -4.578  -5.803  1.00 3.05  ? 185 ALA A CB   1 
ATOM   262 N  N    . SER A 1 53 ? -4.468  -5.050  -3.860  1.00 5.12  ? 186 SER A N    1 
ATOM   263 C  CA   . SER A 1 53 ? -5.911  -5.165  -3.677  1.00 5.75  ? 186 SER A CA   1 
ATOM   264 C  C    . SER A 1 53 ? -6.393  -4.150  -2.636  1.00 9.94  ? 186 SER A C    1 
ATOM   265 O  O    . SER A 1 53 ? -7.506  -3.663  -2.753  1.00 10.69 ? 186 SER A O    1 
ATOM   266 C  CB   . SER A 1 53 ? -6.316  -6.587  -3.276  1.00 7.25  ? 186 SER A CB   1 
ATOM   267 O  OG   . SER A 1 53 ? -6.019  -6.845  -1.907  0.60 9.59  ? 186 SER A OG   1 
ATOM   268 N  N    . ALA A 1 54 ? -5.535  -3.767  -1.677  1.00 6.35  ? 187 ALA A N    1 
ATOM   269 C  CA   . ALA A 1 54 ? -5.913  -2.757  -0.672  1.00 5.93  ? 187 ALA A CA   1 
ATOM   270 C  C    . ALA A 1 54 ? -5.526  -1.322  -1.112  1.00 6.88  ? 187 ALA A C    1 
ATOM   271 O  O    . ALA A 1 54 ? -5.584  -0.399  -0.306  1.00 6.51  ? 187 ALA A O    1 
ATOM   272 C  CB   . ALA A 1 54 ? -5.314  -3.105  0.694   1.00 6.49  ? 187 ALA A CB   1 
ATOM   273 N  N    . GLY A 1 55 ? -5.213  -1.131  -2.397  1.00 4.59  ? 188 GLY A N    1 
ATOM   274 C  CA   . GLY A 1 55 ? -4.915  0.196   -2.958  1.00 7.05  ? 188 GLY A CA   1 
ATOM   275 C  C    . GLY A 1 55 ? -3.470  0.647   -2.855  1.00 4.84  ? 188 GLY A C    1 
ATOM   276 O  O    . GLY A 1 55 ? -3.150  1.799   -3.161  1.00 5.81  ? 188 GLY A O    1 
ATOM   277 N  N    . LEU A 1 56 ? -2.570  -0.275  -2.479  1.00 3.57  ? 189 LEU A N    1 
ATOM   278 C  CA   . LEU A 1 56 ? -1.164  0.037   -2.225  1.00 5.68  ? 189 LEU A CA   1 
ATOM   279 C  C    . LEU A 1 56 ? -0.255  -0.368  -3.318  1.00 4.30  ? 189 LEU A C    1 
ATOM   280 O  O    . LEU A 1 56 ? -0.343  -1.492  -3.781  1.00 6.66  ? 189 LEU A O    1 
ATOM   281 C  CB   . LEU A 1 56 ? -0.695  -0.603  -0.862  1.00 7.83  ? 189 LEU A CB   1 
ATOM   282 C  CG   . LEU A 1 56 ? -1.586  -0.273  0.372   1.00 7.07  ? 189 LEU A CG   1 
ATOM   283 C  CD1  . LEU A 1 56 ? -1.227  -1.121  1.606   1.00 7.26  ? 189 LEU A CD1  1 
ATOM   284 C  CD2  . LEU A 1 56 ? -1.576  1.219   0.715   1.00 7.38  ? 189 LEU A CD2  1 
ATOM   285 N  N    . TYR A 1 57 ? 0.666   0.537   -3.733  1.00 5.02  ? 190 TYR A N    1 
ATOM   286 C  CA   . TYR A 1 57 ? 1.646   0.200   -4.745  1.00 7.01  ? 190 TYR A CA   1 
ATOM   287 C  C    . TYR A 1 57 ? 3.032   0.398   -4.132  1.00 4.23  ? 190 TYR A C    1 
ATOM   288 O  O    . TYR A 1 57 ? 3.197   1.137   -3.132  1.00 5.00  ? 190 TYR A O    1 
ATOM   289 C  CB   . TYR A 1 57 ? 1.459   1.020   -6.031  1.00 4.82  ? 190 TYR A CB   1 
ATOM   290 C  CG   . TYR A 1 57 ? 1.608   2.516   -5.825  1.00 6.06  ? 190 TYR A CG   1 
ATOM   291 C  CD1  . TYR A 1 57 ? 2.845   3.139   -5.961  1.00 9.08  ? 190 TYR A CD1  1 
ATOM   292 C  CD2  . TYR A 1 57 ? 0.507   3.310   -5.496  1.00 7.01  ? 190 TYR A CD2  1 
ATOM   293 C  CE1  . TYR A 1 57 ? 2.979   4.527   -5.805  1.00 9.18  ? 190 TYR A CE1  1 
ATOM   294 C  CE2  . TYR A 1 57 ? 0.637   4.684   -5.305  1.00 7.66  ? 190 TYR A CE2  1 
ATOM   295 C  CZ   . TYR A 1 57 ? 1.867   5.289   -5.469  1.00 7.80  ? 190 TYR A CZ   1 
ATOM   296 O  OH   . TYR A 1 57 ? 1.961   6.658   -5.320  1.00 9.01  ? 190 TYR A OH   1 
ATOM   297 N  N    . TYR A 1 58 ? 4.016   -0.235  -4.757  1.00 5.14  ? 191 TYR A N    1 
ATOM   298 C  CA   . TYR A 1 58 ? 5.395   -0.191  -4.301  1.00 6.28  ? 191 TYR A CA   1 
ATOM   299 C  C    . TYR A 1 58 ? 6.127   1.065   -4.786  1.00 4.98  ? 191 TYR A C    1 
ATOM   300 O  O    . TYR A 1 58 ? 5.950   1.490   -5.944  1.00 5.87  ? 191 TYR A O    1 
ATOM   301 C  CB   . TYR A 1 58 ? 6.099   -1.489  -4.721  1.00 6.11  ? 191 TYR A CB   1 
ATOM   302 C  CG   . TYR A 1 58 ? 7.480   -1.707  -4.144  1.00 4.55  ? 191 TYR A CG   1 
ATOM   303 C  CD1  . TYR A 1 58 ? 7.763   -1.387  -2.811  1.00 4.83  ? 191 TYR A CD1  1 
ATOM   304 C  CD2  . TYR A 1 58 ? 8.461   -2.367  -4.875  1.00 5.42  ? 191 TYR A CD2  1 
ATOM   305 C  CE1  . TYR A 1 58 ? 9.028   -1.623  -2.263  1.00 5.64  ? 191 TYR A CE1  1 
ATOM   306 C  CE2  . TYR A 1 58 ? 9.719   -2.630  -4.330  1.00 4.83  ? 191 TYR A CE2  1 
ATOM   307 C  CZ   . TYR A 1 58 ? 9.998   -2.259  -3.022  1.00 6.50  ? 191 TYR A CZ   1 
ATOM   308 O  OH   . TYR A 1 58 ? 11.272  -2.452  -2.523  1.00 5.40  ? 191 TYR A OH   1 
ATOM   309 N  N    . THR A 1 59 ? 6.868   1.704   -3.872  1.00 5.19  ? 192 THR A N    1 
ATOM   310 C  CA   . THR A 1 59 ? 7.690   2.903   -4.154  1.00 5.52  ? 192 THR A CA   1 
ATOM   311 C  C    . THR A 1 59 ? 9.107   2.520   -4.617  1.00 6.33  ? 192 THR A C    1 
ATOM   312 O  O    . THR A 1 59 ? 9.915   3.402   -4.931  1.00 7.84  ? 192 THR A O    1 
ATOM   313 C  CB   . THR A 1 59 ? 7.840   3.789   -2.902  1.00 5.41  ? 192 THR A CB   1 
ATOM   314 O  OG1  . THR A 1 59 ? 8.563   3.063   -1.897  1.00 5.88  ? 192 THR A OG1  1 
ATOM   315 C  CG2  . THR A 1 59 ? 6.496   4.384   -2.392  1.00 4.82  ? 192 THR A CG2  1 
ATOM   316 N  N    . GLY A 1 60 ? 9.427   1.226   -4.573  1.00 4.91  ? 193 GLY A N    1 
ATOM   317 C  CA   . GLY A 1 60 ? 10.741  0.689   -4.948  1.00 4.79  ? 193 GLY A CA   1 
ATOM   318 C  C    . GLY A 1 60 ? 11.785  0.736   -3.852  1.00 7.40  ? 193 GLY A C    1 
ATOM   319 O  O    . GLY A 1 60 ? 12.952  0.417   -4.093  1.00 7.05  ? 193 GLY A O    1 
ATOM   320 N  N    . ILE A 1 61 ? 11.379  1.125   -2.623  1.00 4.99  ? 194 ILE A N    1 
ATOM   321 C  CA   . ILE A 1 61 ? 12.312  1.306   -1.500  1.00 5.99  ? 194 ILE A CA   1 
ATOM   322 C  C    . ILE A 1 61 ? 11.901  0.425   -0.352  1.00 5.79  ? 194 ILE A C    1 
ATOM   323 O  O    . ILE A 1 61 ? 10.807  0.632   0.164   1.00 5.30  ? 194 ILE A O    1 
ATOM   324 C  CB   . ILE A 1 61 ? 12.250  2.808   -1.074  1.00 6.07  ? 194 ILE A CB   1 
ATOM   325 C  CG1  . ILE A 1 61 ? 12.670  3.726   -2.241  1.00 5.73  ? 194 ILE A CG1  1 
ATOM   326 C  CG2  . ILE A 1 61 ? 13.086  3.097   0.210   1.00 6.78  ? 194 ILE A CG2  1 
ATOM   327 C  CD1  . ILE A 1 61 ? 12.272  5.325   -2.002  1.00 6.07  ? 194 ILE A CD1  1 
ATOM   328 N  N    . GLY A 1 62 ? 12.780  -0.485  0.085   1.00 3.45  ? 195 GLY A N    1 
ATOM   329 C  CA   . GLY A 1 62 ? 12.512  -1.346  1.238   1.00 4.06  ? 195 GLY A CA   1 
ATOM   330 C  C    . GLY A 1 62 ? 11.199  -2.069  1.094   1.00 5.92  ? 195 GLY A C    1 
ATOM   331 O  O    . GLY A 1 62 ? 10.990  -2.709  0.066   1.00 5.16  ? 195 GLY A O    1 
ATOM   332 N  N    . ASP A 1 63 ? 10.299  -1.975  2.101   1.00 5.65  ? 196 ASP A N    1 
ATOM   333 C  CA   . ASP A 1 63 ? 8.955   -2.555  2.018   1.00 5.99  ? 196 ASP A CA   1 
ATOM   334 C  C    . ASP A 1 63 ? 7.935   -1.372  2.017   1.00 4.42  ? 196 ASP A C    1 
ATOM   335 O  O    . ASP A 1 63 ? 6.789   -1.510  2.432   1.00 4.14  ? 196 ASP A O    1 
ATOM   336 C  CB   . ASP A 1 63 ? 8.704   -3.568  3.161   1.00 4.11  ? 196 ASP A CB   1 
ATOM   337 C  CG   . ASP A 1 63 ? 8.668   -2.977  4.573   1.00 6.84  ? 196 ASP A CG   1 
ATOM   338 O  OD1  . ASP A 1 63 ? 8.981   -1.781  4.730   1.00 6.51  ? 196 ASP A OD1  1 
ATOM   339 O  OD2  . ASP A 1 63 ? 8.296   -3.706  5.504   1.00 6.05  ? 196 ASP A OD2  1 
ATOM   340 N  N    . GLN A 1 64 ? 8.377   -0.214  1.523   1.00 3.30  ? 197 GLN A N    1 
ATOM   341 C  CA   . GLN A 1 64 ? 7.584   1.000   1.594   1.00 6.15  ? 197 GLN A CA   1 
ATOM   342 C  C    . GLN A 1 64 ? 6.599   1.094   0.448   1.00 7.55  ? 197 GLN A C    1 
ATOM   343 O  O    . GLN A 1 64 ? 6.985   1.069   -0.727  1.00 7.04  ? 197 GLN A O    1 
ATOM   344 C  CB   . GLN A 1 64 ? 8.501   2.235   1.688   1.00 4.24  ? 197 GLN A CB   1 
ATOM   345 C  CG   . GLN A 1 64 ? 9.556   2.108   2.816   1.00 5.50  ? 197 GLN A CG   1 
ATOM   346 C  CD   . GLN A 1 64 ? 10.455  3.308   2.901   1.00 8.00  ? 197 GLN A CD   1 
ATOM   347 O  OE1  . GLN A 1 64 ? 10.299  4.285   2.167   1.00 8.33  ? 197 GLN A OE1  1 
ATOM   348 N  NE2  . GLN A 1 64 ? 11.491  3.234   3.731   1.00 7.42  ? 197 GLN A NE2  1 
ATOM   349 N  N    . VAL A 1 65 ? 5.316   1.120   0.809   1.00 5.19  ? 198 VAL A N    1 
ATOM   350 C  CA   . VAL A 1 65 ? 4.196   1.216   -0.140  1.00 7.25  ? 198 VAL A CA   1 
ATOM   351 C  C    . VAL A 1 65 ? 3.417   2.501   0.045   1.00 6.80  ? 198 VAL A C    1 
ATOM   352 O  O    . VAL A 1 65 ? 3.454   3.095   1.126   1.00 6.00  ? 198 VAL A O    1 
ATOM   353 C  CB   . VAL A 1 65 ? 3.248   -0.010  -0.050  1.00 4.33  ? 198 VAL A CB   1 
ATOM   354 C  CG1  . VAL A 1 65 ? 3.994   -1.307  -0.370  1.00 4.48  ? 198 VAL A CG1  1 
ATOM   355 C  CG2  . VAL A 1 65 ? 2.537   -0.062  1.300   1.00 5.67  ? 198 VAL A CG2  1 
ATOM   356 N  N    . GLN A 1 66 ? 2.584   2.849   -0.964  1.00 6.09  ? 199 GLN A N    1 
ATOM   357 C  CA   . GLN A 1 66 ? 1.791   4.064   -0.896  1.00 5.33  ? 199 GLN A CA   1 
ATOM   358 C  C    . GLN A 1 66 ? 0.421   3.871   -1.505  1.00 7.61  ? 199 GLN A C    1 
ATOM   359 O  O    . GLN A 1 66 ? 0.278   3.095   -2.423  1.00 3.00  ? 199 GLN A O    1 
ATOM   360 C  CB   . GLN A 1 66 ? 2.542   5.253   -1.548  1.00 5.40  ? 199 GLN A CB   1 
ATOM   361 C  CG   . GLN A 1 66 ? 1.888   6.639   -1.258  1.00 12.22 ? 199 GLN A CG   1 
ATOM   362 C  CD   . GLN A 1 66 ? 2.798   7.777   -1.675  1.00 23.12 ? 199 GLN A CD   1 
ATOM   363 O  OE1  . GLN A 1 66 ? 3.859   7.536   -2.244  1.00 11.72 ? 199 GLN A OE1  1 
ATOM   364 N  NE2  . GLN A 1 66 ? 2.480   9.019   -1.273  1.00 5.46  ? 199 GLN A NE2  1 
ATOM   365 N  N    . CYS A 1 67 ? -0.594  4.584   -0.992  1.00 4.49  ? 200 CYS A N    1 
ATOM   366 C  CA   . CYS A 1 67 ? -1.966  4.406   -1.475  1.00 6.81  ? 200 CYS A CA   1 
ATOM   367 C  C    . CYS A 1 67 ? -2.217  5.335   -2.622  1.00 3.77  ? 200 CYS A C    1 
ATOM   368 O  O    . CYS A 1 67 ? -1.955  6.553   -2.504  1.00 5.21  ? 200 CYS A O    1 
ATOM   369 C  CB   . CYS A 1 67 ? -2.971  4.643   -0.348  1.00 7.73  ? 200 CYS A CB   1 
ATOM   370 S  SG   . CYS A 1 67 ? -4.707  4.565   -0.875  1.00 5.85  ? 200 CYS A SG   1 
ATOM   371 N  N    . PHE A 1 68 ? -2.755  4.797   -3.722  1.00 3.56  ? 201 PHE A N    1 
ATOM   372 C  CA   . PHE A 1 68 ? -3.098  5.623   -4.903  1.00 3.02  ? 201 PHE A CA   1 
ATOM   373 C  C    . PHE A 1 68 ? -4.177  6.640   -4.553  1.00 4.47  ? 201 PHE A C    1 
ATOM   374 O  O    . PHE A 1 68 ? -4.262  7.663   -5.211  1.00 6.17  ? 201 PHE A O    1 
ATOM   375 C  CB   . PHE A 1 68 ? -3.598  4.727   -6.070  1.00 6.20  ? 201 PHE A CB   1 
ATOM   376 C  CG   . PHE A 1 68 ? -5.043  4.274   -6.007  1.00 7.10  ? 201 PHE A CG   1 
ATOM   377 C  CD1  . PHE A 1 68 ? -5.418  3.178   -5.232  1.00 5.38  ? 201 PHE A CD1  1 
ATOM   378 C  CD2  . PHE A 1 68 ? -6.034  4.970   -6.678  1.00 5.03  ? 201 PHE A CD2  1 
ATOM   379 C  CE1  . PHE A 1 68 ? -6.764  2.774   -5.160  1.00 7.15  ? 201 PHE A CE1  1 
ATOM   380 C  CE2  . PHE A 1 68 ? -7.371  4.542   -6.645  1.00 6.71  ? 201 PHE A CE2  1 
ATOM   381 C  CZ   . PHE A 1 68 ? -7.728  3.461   -5.865  1.00 6.18  ? 201 PHE A CZ   1 
ATOM   382 N  N    . ALA A 1 69 ? -5.032  6.334   -3.551  1.00 3.93  ? 202 ALA A N    1 
ATOM   383 C  CA   . ALA A 1 69 ? -6.194  7.164   -3.168  1.00 3.18  ? 202 ALA A CA   1 
ATOM   384 C  C    . ALA A 1 69 ? -5.854  8.270   -2.150  1.00 3.40  ? 202 ALA A C    1 
ATOM   385 O  O    . ALA A 1 69 ? -6.008  9.452   -2.489  1.00 4.56  ? 202 ALA A O    1 
ATOM   386 C  CB   . ALA A 1 69 ? -7.324  6.278   -2.643  1.00 3.82  ? 202 ALA A CB   1 
ATOM   387 N  N    . CYS A 1 70 ? -5.342  7.897   -0.946  1.00 4.32  ? 203 CYS A N    1 
ATOM   388 C  CA   . CYS A 1 70 ? -5.012  8.894   0.089   1.00 5.71  ? 203 CYS A CA   1 
ATOM   389 C  C    . CYS A 1 70 ? -3.548  9.381   0.090   1.00 4.93  ? 203 CYS A C    1 
ATOM   390 O  O    . CYS A 1 70 ? -3.231  10.351  0.796   1.00 4.18  ? 203 CYS A O    1 
ATOM   391 C  CB   . CYS A 1 70 ? -5.412  8.383   1.473   1.00 6.26  ? 203 CYS A CB   1 
ATOM   392 S  SG   . CYS A 1 70 ? -4.443  6.962   2.041   1.00 5.87  ? 203 CYS A SG   1 
ATOM   393 N  N    . GLY A 1 71 ? -2.658  8.692   -0.636  1.00 4.01  ? 204 GLY A N    1 
ATOM   394 C  CA   . GLY A 1 71 ? -1.249  9.051   -0.583  1.00 4.51  ? 204 GLY A CA   1 
ATOM   395 C  C    . GLY A 1 71 ? -0.601  8.610   0.727   1.00 6.96  ? 204 GLY A C    1 
ATOM   396 O  O    . GLY A 1 71 ? 0.563   8.928   0.970   1.00 5.00  ? 204 GLY A O    1 
ATOM   397 N  N    . GLY A 1 72 ? -1.340  7.850   1.557   1.00 6.32  ? 205 GLY A N    1 
ATOM   398 C  CA   . GLY A 1 72 ? -0.828  7.347   2.831   1.00 6.48  ? 205 GLY A CA   1 
ATOM   399 C  C    . GLY A 1 72 ? 0.333   6.399   2.596   1.00 8.77  ? 205 GLY A C    1 
ATOM   400 O  O    . GLY A 1 72 ? 0.274   5.580   1.669   1.00 7.42  ? 205 GLY A O    1 
ATOM   401 N  N    . LYS A 1 73 ? 1.417   6.546   3.392   1.00 4.93  ? 206 LYS A N    1 
ATOM   402 C  CA   . LYS A 1 73 ? 2.631   5.758   3.240   1.00 4.43  ? 206 LYS A CA   1 
ATOM   403 C  C    . LYS A 1 73 ? 2.760   4.727   4.363   1.00 4.11  ? 206 LYS A C    1 
ATOM   404 O  O    . LYS A 1 73 ? 2.621   5.096   5.534   1.00 4.14  ? 206 LYS A O    1 
ATOM   405 C  CB   . LYS A 1 73 ? 3.876   6.648   3.165   1.00 7.08  ? 206 LYS A CB   1 
ATOM   406 C  CG   . LYS A 1 73 ? 3.908   7.640   1.983   1.00 5.39  ? 206 LYS A CG   1 
ATOM   407 C  CD   . LYS A 1 73 ? 4.992   8.717   2.181   1.00 8.88  ? 206 LYS A CD   1 
ATOM   408 C  CE   . LYS A 1 73 ? 4.854   9.880   1.207   1.00 6.26  ? 206 LYS A CE   1 
ATOM   409 N  NZ   . LYS A 1 73 ? 5.849   10.973  1.487   1.00 12.79 ? 206 LYS A NZ   1 
ATOM   410 N  N    . LEU A 1 74 ? 3.075   3.450   4.000   1.00 3.62  ? 207 LEU A N    1 
ATOM   411 C  CA   . LEU A 1 74 ? 3.218   2.385   4.999   1.00 5.11  ? 207 LEU A CA   1 
ATOM   412 C  C    . LEU A 1 74 ? 4.510   1.588   4.808   1.00 5.71  ? 207 LEU A C    1 
ATOM   413 O  O    . LEU A 1 74 ? 4.875   1.262   3.684   1.00 6.31  ? 207 LEU A O    1 
ATOM   414 C  CB   . LEU A 1 74 ? 2.007   1.425   4.938   1.00 5.17  ? 207 LEU A CB   1 
ATOM   415 C  CG   . LEU A 1 74 ? 0.676   1.992   5.439   1.00 4.54  ? 207 LEU A CG   1 
ATOM   416 C  CD1  . LEU A 1 74 ? -0.487  1.132   4.970   1.00 6.58  ? 207 LEU A CD1  1 
ATOM   417 C  CD2  . LEU A 1 74 ? 0.700   2.203   6.996   1.00 3.95  ? 207 LEU A CD2  1 
ATOM   418 N  N    . LYS A 1 75 ? 5.156   1.214   5.921   1.00 4.95  ? 208 LYS A N    1 
ATOM   419 C  CA   . LYS A 1 75 ? 6.404   0.465   5.911   1.00 5.60  ? 208 LYS A CA   1 
ATOM   420 C  C    . LYS A 1 75 ? 6.506   -0.425  7.136   1.00 6.49  ? 208 LYS A C    1 
ATOM   421 O  O    . LYS A 1 75 ? 5.583   -0.466  7.957   1.00 6.67  ? 208 LYS A O    1 
ATOM   422 C  CB   . LYS A 1 75 ? 7.619   1.432   5.836   1.00 5.70  ? 208 LYS A CB   1 
ATOM   423 C  CG   . LYS A 1 75 ? 7.842   2.292   7.087   1.00 9.02  ? 208 LYS A CG   1 
ATOM   424 C  CD   . LYS A 1 75 ? 9.167   3.062   7.019   1.00 13.06 ? 208 LYS A CD   1 
ATOM   425 C  CE   . LYS A 1 75 ? 9.277   4.113   8.113   1.00 20.62 ? 208 LYS A CE   1 
ATOM   426 N  NZ   . LYS A 1 75 ? 9.689   3.540   9.399   1.00 31.48 ? 208 LYS A NZ   1 
ATOM   427 N  N    . ASN A 1 76 ? 7.624   -1.160  7.245   1.00 5.30  ? 209 ASN A N    1 
ATOM   428 C  CA   . ASN A 1 76 ? 7.898   -2.082  8.354   1.00 5.29  ? 209 ASN A CA   1 
ATOM   429 C  C    . ASN A 1 76 ? 6.726   -3.041  8.611   1.00 7.86  ? 209 ASN A C    1 
ATOM   430 O  O    . ASN A 1 76 ? 6.229   -3.162  9.740   1.00 6.24  ? 209 ASN A O    1 
ATOM   431 C  CB   . ASN A 1 76 ? 8.341   -1.336  9.608   1.00 5.10  ? 209 ASN A CB   1 
ATOM   432 C  CG   . ASN A 1 76 ? 9.458   -0.374  9.378   1.00 17.16 ? 209 ASN A CG   1 
ATOM   433 O  OD1  . ASN A 1 76 ? 9.489   0.683   9.974   1.00 15.49 ? 209 ASN A OD1  1 
ATOM   434 N  ND2  . ASN A 1 76 ? 10.361  -0.694  8.465   1.00 8.46  ? 209 ASN A ND2  1 
ATOM   435 N  N    . TRP A 1 77 ? 6.295   -3.713  7.522   1.00 5.66  ? 210 TRP A N    1 
ATOM   436 C  CA   . TRP A 1 77 ? 5.235   -4.733  7.505   1.00 5.62  ? 210 TRP A CA   1 
ATOM   437 C  C    . TRP A 1 77 ? 5.716   -5.916  8.359   1.00 11.84 ? 210 TRP A C    1 
ATOM   438 O  O    . TRP A 1 77 ? 6.898   -6.279  8.332   1.00 8.16  ? 210 TRP A O    1 
ATOM   439 C  CB   . TRP A 1 77 ? 4.993   -5.189  6.069   1.00 5.48  ? 210 TRP A CB   1 
ATOM   440 C  CG   . TRP A 1 77 ? 4.300   -4.131  5.253   1.00 5.89  ? 210 TRP A CG   1 
ATOM   441 C  CD1  . TRP A 1 77 ? 4.892   -3.188  4.460   1.00 6.61  ? 210 TRP A CD1  1 
ATOM   442 C  CD2  . TRP A 1 77 ? 2.892   -3.844  5.244   1.00 6.17  ? 210 TRP A CD2  1 
ATOM   443 N  NE1  . TRP A 1 77 ? 3.942   -2.325  3.963   1.00 6.72  ? 210 TRP A NE1  1 
ATOM   444 C  CE2  . TRP A 1 77 ? 2.706   -2.692  4.442   1.00 7.35  ? 210 TRP A CE2  1 
ATOM   445 C  CE3  . TRP A 1 77 ? 1.775   -4.394  5.914   1.00 5.56  ? 210 TRP A CE3  1 
ATOM   446 C  CZ2  . TRP A 1 77 ? 1.438   -2.148  4.197   1.00 6.03  ? 210 TRP A CZ2  1 
ATOM   447 C  CZ3  . TRP A 1 77 ? 0.525   -3.844  5.689   1.00 5.74  ? 210 TRP A CZ3  1 
ATOM   448 C  CH2  . TRP A 1 77 ? 0.361   -2.739  4.828   1.00 6.18  ? 210 TRP A CH2  1 
ATOM   449 N  N    . GLU A 1 78 ? 4.824   -6.473  9.157   1.00 8.56  ? 211 GLU A N    1 
ATOM   450 C  CA   . GLU A 1 78 ? 5.232   -7.571  10.035  1.00 7.95  ? 211 GLU A CA   1 
ATOM   451 C  C    . GLU A 1 78 ? 4.314   -8.736  9.765   1.00 8.95  ? 211 GLU A C    1 
ATOM   452 O  O    . GLU A 1 78 ? 3.122   -8.483  9.489   1.00 8.14  ? 211 GLU A O    1 
ATOM   453 C  CB   . GLU A 1 78 ? 5.063   -7.153  11.504  1.00 9.97  ? 211 GLU A CB   1 
ATOM   454 C  CG   . GLU A 1 78 ? 6.082   -6.153  12.031  1.00 18.81 ? 211 GLU A CG   1 
ATOM   455 C  CD   . GLU A 1 78 ? 5.823   -5.679  13.454  1.00 33.83 ? 211 GLU A CD   1 
ATOM   456 O  OE1  . GLU A 1 78 ? 5.318   -6.484  14.264  1.00 14.13 ? 211 GLU A OE1  1 
ATOM   457 O  OE2  . GLU A 1 78 ? 6.132   -4.507  13.769  1.00 25.01 ? 211 GLU A OE2  1 
ATOM   458 N  N    . PRO A 1 79 ? 4.806   -10.000 9.876   1.00 6.46  ? 212 PRO A N    1 
ATOM   459 C  CA   . PRO A 1 79 ? 3.906   -11.160 9.710   1.00 6.35  ? 212 PRO A CA   1 
ATOM   460 C  C    . PRO A 1 79 ? 2.698   -10.947 10.629  1.00 10.12 ? 212 PRO A C    1 
ATOM   461 O  O    . PRO A 1 79 ? 2.876   -10.451 11.746  1.00 8.99  ? 212 PRO A O    1 
ATOM   462 C  CB   . PRO A 1 79 ? 4.746   -12.331 10.243  1.00 7.94  ? 212 PRO A CB   1 
ATOM   463 C  CG   . PRO A 1 79 ? 6.165   -11.901 9.988   1.00 11.61 ? 212 PRO A CG   1 
ATOM   464 C  CD   . PRO A 1 79 ? 6.181   -10.430 10.229  1.00 7.81  ? 212 PRO A CD   1 
ATOM   465 N  N    . GLY A 1 80 ? 1.508   -11.260 10.138  1.00 9.28  ? 213 GLY A N    1 
ATOM   466 C  CA   . GLY A 1 80 ? 0.284   -11.036 10.897  1.00 10.59 ? 213 GLY A CA   1 
ATOM   467 C  C    . GLY A 1 80 ? -0.476  -9.787  10.484  1.00 11.73 ? 213 GLY A C    1 
ATOM   468 O  O    . GLY A 1 80 ? -1.681  -9.708  10.713  1.00 11.86 ? 213 GLY A O    1 
ATOM   469 N  N    . ASP A 1 81 ? 0.212   -8.791  9.888   1.00 7.95  ? 214 ASP A N    1 
ATOM   470 C  CA   . ASP A 1 81 ? -0.472  -7.588  9.378   1.00 6.24  ? 214 ASP A CA   1 
ATOM   471 C  C    . ASP A 1 81 ? -1.393  -7.965  8.262   1.00 7.95  ? 214 ASP A C    1 
ATOM   472 O  O    . ASP A 1 81 ? -1.074  -8.837  7.450   1.00 7.04  ? 214 ASP A O    1 
ATOM   473 C  CB   . ASP A 1 81 ? 0.536   -6.552  8.788   1.00 6.44  ? 214 ASP A CB   1 
ATOM   474 C  CG   . ASP A 1 81 ? 1.383   -5.765  9.780   1.00 9.78  ? 214 ASP A CG   1 
ATOM   475 O  OD1  . ASP A 1 81 ? 1.085   -5.815  10.994  1.00 7.06  ? 214 ASP A OD1  1 
ATOM   476 O  OD2  . ASP A 1 81 ? 2.345   -5.100  9.341   1.00 7.31  ? 214 ASP A OD2  1 
ATOM   477 N  N    . ARG A 1 82 ? -2.488  -7.222  8.132   1.00 7.75  ? 215 ARG A N    1 
ATOM   478 C  CA   . ARG A 1 82 ? -3.366  -7.330  6.971   1.00 7.11  ? 215 ARG A CA   1 
ATOM   479 C  C    . ARG A 1 82 ? -3.266  -5.979  6.280   1.00 8.99  ? 215 ARG A C    1 
ATOM   480 O  O    . ARG A 1 82 ? -3.300  -4.947  6.968   1.00 8.52  ? 215 ARG A O    1 
ATOM   481 C  CB   . ARG A 1 82 ? -4.815  -7.688  7.353   1.00 9.03  ? 215 ARG A CB   1 
ATOM   482 C  CG   . ARG A 1 82 ? -4.948  -9.117  7.889   1.00 13.81 ? 215 ARG A CG   1 
ATOM   483 C  CD   . ARG A 1 82 ? -5.158  -10.141 6.780   1.00 19.22 ? 215 ARG A CD   1 
ATOM   484 N  NE   . ARG A 1 82 ? -3.987  -10.332 5.919   1.00 14.40 ? 215 ARG A NE   1 
ATOM   485 C  CZ   . ARG A 1 82 ? -2.969  -11.142 6.199   1.00 31.03 ? 215 ARG A CZ   1 
ATOM   486 N  NH1  . ARG A 1 82 ? -2.956  -11.836 7.330   1.00 18.77 ? 215 ARG A NH1  1 
ATOM   487 N  NH2  . ARG A 1 82 ? -1.954  -11.258 5.355   1.00 16.98 ? 215 ARG A NH2  1 
ATOM   488 N  N    . ALA A 1 83 ? -3.079  -5.971  4.935   1.00 5.07  ? 216 ALA A N    1 
ATOM   489 C  CA   . ALA A 1 83 ? -2.948  -4.718  4.197   1.00 6.11  ? 216 ALA A CA   1 
ATOM   490 C  C    . ALA A 1 83 ? -4.188  -3.820  4.404   1.00 8.29  ? 216 ALA A C    1 
ATOM   491 O  O    . ALA A 1 83 ? -4.031  -2.661  4.743   1.00 6.62  ? 216 ALA A O    1 
ATOM   492 C  CB   . ALA A 1 83 ? -2.754  -4.999  2.717   1.00 5.52  ? 216 ALA A CB   1 
ATOM   493 N  N    . TRP A 1 84 ? -5.406  -4.386  4.318   1.00 6.73  ? 217 TRP A N    1 
ATOM   494 C  CA   . TRP A 1 84 ? -6.632  -3.584  4.491   1.00 7.66  ? 217 TRP A CA   1 
ATOM   495 C  C    . TRP A 1 84 ? -6.711  -2.923  5.892   1.00 9.77  ? 217 TRP A C    1 
ATOM   496 O  O    . TRP A 1 84 ? -6.935  -1.704  5.990   1.00 7.25  ? 217 TRP A O    1 
ATOM   497 C  CB   . TRP A 1 84 ? -7.886  -4.429  4.184   1.00 6.83  ? 217 TRP A CB   1 
ATOM   498 C  CG   . TRP A 1 84 ? -9.156  -3.634  4.165   1.00 8.44  ? 217 TRP A CG   1 
ATOM   499 C  CD1  . TRP A 1 84 ? -9.888  -3.218  5.241   1.00 11.71 ? 217 TRP A CD1  1 
ATOM   500 C  CD2  . TRP A 1 84 ? -9.819  -3.131  3.005   1.00 8.17  ? 217 TRP A CD2  1 
ATOM   501 N  NE1  . TRP A 1 84 ? -10.981 -2.501  4.815   1.00 11.56 ? 217 TRP A NE1  1 
ATOM   502 C  CE2  . TRP A 1 84 ? -10.967 -2.438  3.444   1.00 12.23 ? 217 TRP A CE2  1 
ATOM   503 C  CE3  . TRP A 1 84 ? -9.560  -3.218  1.624   1.00 9.54  ? 217 TRP A CE3  1 
ATOM   504 C  CZ2  . TRP A 1 84 ? -11.865 -1.840  2.556   1.00 12.28 ? 217 TRP A CZ2  1 
ATOM   505 C  CZ3  . TRP A 1 84 ? -10.485 -2.674  0.742   1.00 11.34 ? 217 TRP A CZ3  1 
ATOM   506 C  CH2  . TRP A 1 84 ? -11.604 -1.970  1.208   1.00 12.15 ? 217 TRP A CH2  1 
ATOM   507 N  N    . SER A 1 85 ? -6.503  -3.727  6.953   1.00 6.91  ? 218 SER A N    1 
ATOM   508 C  CA   . SER A 1 85 ? -6.548  -3.275  8.350   1.00 8.17  ? 218 SER A CA   1 
ATOM   509 C  C    . SER A 1 85 ? -5.530  -2.196  8.705   1.00 9.06  ? 218 SER A C    1 
ATOM   510 O  O    . SER A 1 85 ? -5.909  -1.188  9.296   1.00 7.65  ? 218 SER A O    1 
ATOM   511 C  CB   . SER A 1 85 ? -6.420  -4.453  9.313   1.00 12.36 ? 218 SER A CB   1 
ATOM   512 O  OG   . SER A 1 85 ? -7.421  -5.394  8.999   1.00 25.29 ? 218 SER A OG   1 
ATOM   513 N  N    . GLU A 1 86 ? -4.260  -2.383  8.321   1.00 5.32  ? 219 GLU A N    1 
ATOM   514 C  CA   . GLU A 1 86 ? -3.216  -1.393  8.591   1.00 5.34  ? 219 GLU A CA   1 
ATOM   515 C  C    . GLU A 1 86 ? -3.535  -0.093  7.858   1.00 6.74  ? 219 GLU A C    1 
ATOM   516 O  O    . GLU A 1 86 ? -3.395  0.984   8.431   1.00 6.00  ? 219 GLU A O    1 
ATOM   517 C  CB   . GLU A 1 86 ? -1.826  -1.906  8.139   1.00 5.66  ? 219 GLU A CB   1 
ATOM   518 C  CG   . GLU A 1 86 ? -1.279  -3.064  8.973   1.00 13.63 ? 219 GLU A CG   1 
ATOM   519 C  CD   . GLU A 1 86 ? -1.219  -2.778  10.457  1.00 21.75 ? 219 GLU A CD   1 
ATOM   520 O  OE1  . GLU A 1 86 ? -0.280  -2.072  10.901  1.00 10.00 ? 219 GLU A OE1  1 
ATOM   521 O  OE2  . GLU A 1 86 ? -2.106  -3.279  11.183  1.00 12.12 ? 219 GLU A OE2  1 
ATOM   522 N  N    . HIS A 1 87 ? -4.001  -0.213  6.611   1.00 3.80  ? 220 HIS A N    1 
ATOM   523 C  CA   . HIS A 1 87 ? -4.348  0.927   5.778   1.00 3.37  ? 220 HIS A CA   1 
ATOM   524 C  C    . HIS A 1 87 ? -5.482  1.732   6.430   1.00 5.42  ? 220 HIS A C    1 
ATOM   525 O  O    . HIS A 1 87 ? -5.316  2.921   6.693   1.00 3.00  ? 220 HIS A O    1 
ATOM   526 C  CB   . HIS A 1 87 ? -4.748  0.415   4.373   1.00 3.28  ? 220 HIS A CB   1 
ATOM   527 C  CG   . HIS A 1 87 ? -4.874  1.469   3.309   1.00 4.90  ? 220 HIS A CG   1 
ATOM   528 N  ND1  . HIS A 1 87 ? -5.073  1.117   1.993   1.00 4.60  ? 220 HIS A ND1  1 
ATOM   529 C  CD2  . HIS A 1 87 ? -4.907  2.819   3.413   1.00 3.79  ? 220 HIS A CD2  1 
ATOM   530 C  CE1  . HIS A 1 87 ? -5.174  2.254   1.323   1.00 4.67  ? 220 HIS A CE1  1 
ATOM   531 N  NE2  . HIS A 1 87 ? -5.081  3.312   2.139   1.00 3.99  ? 220 HIS A NE2  1 
ATOM   532 N  N    . ARG A 1 88 ? -6.589  1.063   6.746   1.00 3.85  ? 221 ARG A N    1 
ATOM   533 C  CA   . ARG A 1 88 ? -7.772  1.676   7.353   1.00 4.41  ? 221 ARG A CA   1 
ATOM   534 C  C    . ARG A 1 88 ? -7.466  2.264   8.734   1.00 7.99  ? 221 ARG A C    1 
ATOM   535 O  O    . ARG A 1 88 ? -7.837  3.402   9.010   1.00 8.01  ? 221 ARG A O    1 
ATOM   536 C  CB   . ARG A 1 88 ? -8.930  0.645   7.412   1.00 7.19  ? 221 ARG A CB   1 
ATOM   537 C  CG   . ARG A 1 88 ? -10.169 1.088   8.205   1.00 9.07  ? 221 ARG A CG   1 
ATOM   538 C  CD   . ARG A 1 88 ? -10.863 2.310   7.615   1.00 13.95 ? 221 ARG A CD   1 
ATOM   539 N  NE   . ARG A 1 88 ? -11.941 2.736   8.510   1.00 15.69 ? 221 ARG A NE   1 
ATOM   540 C  CZ   . ARG A 1 88 ? -12.452 3.957   8.568   1.00 28.19 ? 221 ARG A CZ   1 
ATOM   541 N  NH1  . ARG A 1 88 ? -12.027 4.902   7.737   1.00 13.10 ? 221 ARG A NH1  1 
ATOM   542 N  NH2  . ARG A 1 88 ? -13.402 4.242   9.447   1.00 16.89 ? 221 ARG A NH2  1 
ATOM   543 N  N    . ARG A 1 89 ? -6.771  1.509   9.580   1.00 6.73  ? 222 ARG A N    1 
ATOM   544 C  CA   . ARG A 1 89 ? -6.500  1.974   10.943  1.00 8.81  ? 222 ARG A CA   1 
ATOM   545 C  C    . ARG A 1 89 ? -5.594  3.229   10.965  1.00 11.02 ? 222 ARG A C    1 
ATOM   546 O  O    . ARG A 1 89 ? -5.827  4.118   11.766  1.00 11.20 ? 222 ARG A O    1 
ATOM   547 C  CB   . ARG A 1 89 ? -5.978  0.830   11.836  1.00 10.05 ? 222 ARG A CB   1 
ATOM   548 C  CG   . ARG A 1 89 ? -4.480  0.613   11.935  1.00 18.86 ? 222 ARG A CG   1 
ATOM   549 C  CD   . ARG A 1 89 ? -4.176  -0.576  12.843  1.00 25.10 ? 222 ARG A CD   1 
ATOM   550 N  NE   . ARG A 1 89 ? -2.767  -0.988  12.764  1.00 31.64 ? 222 ARG A NE   1 
ATOM   551 C  CZ   . ARG A 1 89 ? -1.820  -0.586  13.611  1.00 40.96 ? 222 ARG A CZ   1 
ATOM   552 N  NH1  . ARG A 1 89 ? -2.115  0.252   14.600  1.00 23.38 ? 222 ARG A NH1  1 
ATOM   553 N  NH2  . ARG A 1 89 ? -0.564  -1.009  13.466  1.00 16.46 ? 222 ARG A NH2  1 
ATOM   554 N  N    . HIS A 1 90 ? -4.623  3.309   10.046  1.00 5.92  ? 223 HIS A N    1 
ATOM   555 C  CA   . HIS A 1 90 ? -3.684  4.421   9.991   1.00 6.17  ? 223 HIS A CA   1 
ATOM   556 C  C    . HIS A 1 90 ? -4.156  5.601   9.161   1.00 6.10  ? 223 HIS A C    1 
ATOM   557 O  O    . HIS A 1 90 ? -3.747  6.733   9.427   1.00 7.46  ? 223 HIS A O    1 
ATOM   558 C  CB   . HIS A 1 90 ? -2.314  3.937   9.507   1.00 6.39  ? 223 HIS A CB   1 
ATOM   559 C  CG   . HIS A 1 90 ? -1.597  3.043   10.490  1.00 9.84  ? 223 HIS A CG   1 
ATOM   560 N  ND1  . HIS A 1 90 ? -1.477  3.387   11.840  1.00 12.15 ? 223 HIS A ND1  1 
ATOM   561 C  CD2  . HIS A 1 90 ? -0.921  1.890   10.271  1.00 10.89 ? 223 HIS A CD2  1 
ATOM   562 C  CE1  . HIS A 1 90 ? -0.775  2.410   12.400  1.00 12.29 ? 223 HIS A CE1  1 
ATOM   563 N  NE2  . HIS A 1 90 ? -0.392  1.501   11.492  1.00 12.31 ? 223 HIS A NE2  1 
ATOM   564 N  N    . PHE A 1 91 ? -5.031  5.355   8.186   1.00 3.76  ? 224 PHE A N    1 
ATOM   565 C  CA   . PHE A 1 91 ? -5.520  6.423   7.308   1.00 3.81  ? 224 PHE A CA   1 
ATOM   566 C  C    . PHE A 1 91 ? -7.039  6.476   7.294   1.00 7.81  ? 224 PHE A C    1 
ATOM   567 O  O    . PHE A 1 91 ? -7.646  6.033   6.315   1.00 6.49  ? 224 PHE A O    1 
ATOM   568 C  CB   . PHE A 1 91 ? -4.891  6.321   5.887   1.00 5.67  ? 224 PHE A CB   1 
ATOM   569 C  CG   . PHE A 1 91 ? -3.370  6.405   5.946   1.00 5.53  ? 224 PHE A CG   1 
ATOM   570 C  CD1  . PHE A 1 91 ? -2.727  7.624   6.154   1.00 8.08  ? 224 PHE A CD1  1 
ATOM   571 C  CD2  . PHE A 1 91 ? -2.592  5.261   5.849   1.00 6.50  ? 224 PHE A CD2  1 
ATOM   572 C  CE1  . PHE A 1 91 ? -1.334  7.688   6.288   1.00 8.91  ? 224 PHE A CE1  1 
ATOM   573 C  CE2  . PHE A 1 91 ? -1.195  5.331   5.955   1.00 8.49  ? 224 PHE A CE2  1 
ATOM   574 C  CZ   . PHE A 1 91 ? -0.580  6.542   6.162   1.00 7.34  ? 224 PHE A CZ   1 
ATOM   575 N  N    . PRO A 1 92 ? -7.681  7.003   8.380   1.00 7.72  ? 225 PRO A N    1 
ATOM   576 C  CA   . PRO A 1 92 ? -9.157  7.051   8.416   1.00 7.16  ? 225 PRO A CA   1 
ATOM   577 C  C    . PRO A 1 92 ? -9.798  7.992   7.406   1.00 9.25  ? 225 PRO A C    1 
ATOM   578 O  O    . PRO A 1 92 ? -10.982 7.878   7.162   1.00 6.95  ? 225 PRO A O    1 
ATOM   579 C  CB   . PRO A 1 92 ? -9.473  7.493   9.859   1.00 10.08 ? 225 PRO A CB   1 
ATOM   580 C  CG   . PRO A 1 92 ? -8.255  8.243   10.303  1.00 15.04 ? 225 PRO A CG   1 
ATOM   581 C  CD   . PRO A 1 92 ? -7.098  7.530   9.638   1.00 10.60 ? 225 PRO A CD   1 
ATOM   582 N  N    . ASN A 1 93 ? -9.028  8.910   6.813   1.00 7.78  ? 226 ASN A N    1 
ATOM   583 C  CA   . ASN A 1 93 ? -9.565  9.836   5.797   1.00 8.71  ? 226 ASN A CA   1 
ATOM   584 C  C    . ASN A 1 93 ? -9.633  9.155   4.410   1.00 11.03 ? 226 ASN A C    1 
ATOM   585 O  O    . ASN A 1 93 ? -10.346 9.650   3.560   1.00 11.62 ? 226 ASN A O    1 
ATOM   586 C  CB   . ASN A 1 93 ? -8.677  11.088  5.713   1.00 7.35  ? 226 ASN A CB   1 
ATOM   587 C  CG   . ASN A 1 93 ? -7.268  10.734  5.361   1.00 21.71 ? 226 ASN A CG   1 
ATOM   588 O  OD1  . ASN A 1 93 ? -6.575  10.017  6.090   1.00 8.47  ? 226 ASN A OD1  1 
ATOM   589 N  ND2  . ASN A 1 93 ? -6.843  11.149  4.202   1.00 13.92 ? 226 ASN A ND2  1 
ATOM   590 N  N    . CYS A 1 94 ? -8.923  8.009   4.194   1.00 5.73  ? 227 CYS A N    1 
ATOM   591 C  CA   . CYS A 1 94 ? -8.928  7.288   2.893   1.00 4.45  ? 227 CYS A CA   1 
ATOM   592 C  C    . CYS A 1 94 ? -10.314 6.795   2.416   1.00 6.29  ? 227 CYS A C    1 
ATOM   593 O  O    . CYS A 1 94 ? -10.919 5.896   3.037   1.00 4.73  ? 227 CYS A O    1 
ATOM   594 C  CB   . CYS A 1 94 ? -7.938  6.129   2.895   1.00 6.28  ? 227 CYS A CB   1 
ATOM   595 S  SG   . CYS A 1 94 ? -7.765  5.339   1.263   1.00 5.02  ? 227 CYS A SG   1 
ATOM   596 N  N    . PHE A 1 95 ? -10.737 7.269   1.230   1.00 5.60  ? 228 PHE A N    1 
ATOM   597 C  CA   . PHE A 1 95 ? -12.034 6.858   0.659   1.00 5.36  ? 228 PHE A CA   1 
ATOM   598 C  C    . PHE A 1 95 ? -12.010 5.408   0.198   1.00 6.23  ? 228 PHE A C    1 
ATOM   599 O  O    . PHE A 1 95 ? -13.055 4.748   0.228   1.00 7.47  ? 228 PHE A O    1 
ATOM   600 C  CB   . PHE A 1 95 ? -12.489 7.795   -0.492  1.00 6.09  ? 228 PHE A CB   1 
ATOM   601 C  CG   . PHE A 1 95 ? -11.548 7.978   -1.680  1.00 6.64  ? 228 PHE A CG   1 
ATOM   602 C  CD1  . PHE A 1 95 ? -11.403 6.976   -2.639  1.00 6.69  ? 228 PHE A CD1  1 
ATOM   603 C  CD2  . PHE A 1 95 ? -10.923 9.205   -1.911  1.00 6.97  ? 228 PHE A CD2  1 
ATOM   604 C  CE1  . PHE A 1 95 ? -10.568 7.163   -3.753  1.00 7.51  ? 228 PHE A CE1  1 
ATOM   605 C  CE2  . PHE A 1 95 ? -10.083 9.389   -3.015  1.00 9.72  ? 228 PHE A CE2  1 
ATOM   606 C  CZ   . PHE A 1 95 ? -9.929  8.374   -3.944  1.00 7.77  ? 228 PHE A CZ   1 
ATOM   607 N  N    . PHE A 1 96 ? -10.823 4.907   -0.232  1.00 3.38  ? 229 PHE A N    1 
ATOM   608 C  CA   . PHE A 1 96 ? -10.701 3.547   -0.743  1.00 4.84  ? 229 PHE A CA   1 
ATOM   609 C  C    . PHE A 1 96 ? -10.991 2.461   0.313   1.00 8.46  ? 229 PHE A C    1 
ATOM   610 O  O    . PHE A 1 96 ? -11.713 1.511   0.032   1.00 6.38  ? 229 PHE A O    1 
ATOM   611 C  CB   . PHE A 1 96 ? -9.330  3.316   -1.418  1.00 4.36  ? 229 PHE A CB   1 
ATOM   612 C  CG   . PHE A 1 96 ? -9.309  2.076   -2.268  1.00 6.07  ? 229 PHE A CG   1 
ATOM   613 C  CD1  . PHE A 1 96 ? -10.024 2.020   -3.466  1.00 8.48  ? 229 PHE A CD1  1 
ATOM   614 C  CD2  . PHE A 1 96 ? -8.612  0.944   -1.857  1.00 6.74  ? 229 PHE A CD2  1 
ATOM   615 C  CE1  . PHE A 1 96 ? -9.988  0.872   -4.259  1.00 10.22 ? 229 PHE A CE1  1 
ATOM   616 C  CE2  . PHE A 1 96 ? -8.624  -0.223  -2.625  1.00 9.95  ? 229 PHE A CE2  1 
ATOM   617 C  CZ   . PHE A 1 96 ? -9.307  -0.252  -3.820  1.00 8.36  ? 229 PHE A CZ   1 
ATOM   618 N  N    . VAL A 1 97 ? -10.448 2.594   1.512   1.00 6.06  ? 230 VAL A N    1 
ATOM   619 C  CA   . VAL A 1 97 ? -10.725 1.543   2.505   1.00 6.27  ? 230 VAL A CA   1 
ATOM   620 C  C    . VAL A 1 97 ? -11.813 1.932   3.531   1.00 8.91  ? 230 VAL A C    1 
ATOM   621 O  O    . VAL A 1 97 ? -12.029 1.217   4.502   1.00 8.07  ? 230 VAL A O    1 
ATOM   622 C  CB   . VAL A 1 97 ? -9.417  1.069   3.182   1.00 8.85  ? 230 VAL A CB   1 
ATOM   623 C  CG1  . VAL A 1 97 ? -8.539  0.344   2.172   1.00 7.87  ? 230 VAL A CG1  1 
ATOM   624 C  CG2  . VAL A 1 97 ? -8.659  2.242   3.829   1.00 8.29  ? 230 VAL A CG2  1 
ATOM   625 N  N    . LEU A 1 98 ? -12.514 3.041   3.306   1.00 7.20  ? 231 LEU A N    1 
ATOM   626 C  CA   . LEU A 1 98 ? -13.527 3.550   4.233   1.00 12.35 ? 231 LEU A CA   1 
ATOM   627 C  C    . LEU A 1 98 ? -14.689 2.579   4.450   1.00 9.51  ? 231 LEU A C    1 
ATOM   628 O  O    . LEU A 1 98 ? -15.119 1.965   3.460   1.00 13.02 ? 231 LEU A O    1 
ATOM   629 C  CB   . LEU A 1 98 ? -14.060 4.901   3.706   1.00 13.61 ? 231 LEU A CB   1 
ATOM   630 C  CG   . LEU A 1 98 ? -14.926 5.673   4.694   1.00 20.53 ? 231 LEU A CG   1 
ATOM   631 C  CD1  . LEU A 1 98 ? -14.149 6.800   5.343   1.00 21.70 ? 231 LEU A CD1  1 
ATOM   632 C  CD2  . LEU A 1 98 ? -16.112 6.189   4.014   1.00 25.04 ? 231 LEU A CD2  1 
ATOM   633 O  OXT  . LEU A 1 98 ? -15.179 2.471   5.594   1.00 13.91 ? 231 LEU A OXT  1 
HETATM 634 N  N    . MAA B 2 1  ? 2.372   -2.685  10.586  1.00 12.89 ? 1   MAA B N    1 
HETATM 635 C  CM   . MAA B 2 1  ? 3.034   -3.058  11.837  1.00 10.07 ? 1   MAA B CM   1 
HETATM 636 C  CA   . MAA B 2 1  ? 3.065   -1.713  9.731   1.00 8.87  ? 1   MAA B CA   1 
HETATM 637 C  CB   . MAA B 2 1  ? 2.414   -1.680  8.354   1.00 10.57 ? 1   MAA B CB   1 
HETATM 638 C  C    . MAA B 2 1  ? 2.980   -0.335  10.379  1.00 11.01 ? 1   MAA B C    1 
HETATM 639 O  O    . MAA B 2 1  ? 2.089   -0.079  11.186  1.00 9.71  ? 1   MAA B O    1 
HETATM 640 H  H    . MAA B 2 1  ? 1.404   -2.422  10.736  0.00 12.94 ? 1   MAA B H    1 
HETATM 641 H  HM1  . MAA B 2 1  ? 2.769   -2.338  12.609  0.00 10.36 ? 1   MAA B HM1  1 
HETATM 642 H  HM2  . MAA B 2 1  ? 4.121   -3.099  11.809  0.00 10.05 ? 1   MAA B HM2  1 
HETATM 643 H  HM3  . MAA B 2 1  ? 2.696   -4.030  12.191  0.00 10.41 ? 1   MAA B HM3  1 
HETATM 644 H  HA   . MAA B 2 1  ? 4.094   -2.037  9.599   0.00 8.79  ? 1   MAA B HA   1 
HETATM 645 H  HB1  . MAA B 2 1  ? 2.754   -2.524  7.758   0.00 10.46 ? 1   MAA B HB1  1 
HETATM 646 H  HB2  . MAA B 2 1  ? 2.662   -0.783  7.790   0.00 10.32 ? 1   MAA B HB2  1 
HETATM 647 H  HB3  . MAA B 2 1  ? 1.329   -1.736  8.414   0.00 10.64 ? 1   MAA B HB3  1 
ATOM   648 N  N    . VAL B 2 2  ? 3.938   0.539   10.060  1.00 8.00  ? 2   VAL B N    1 
ATOM   649 C  CA   . VAL B 2 2  ? 3.922   1.864   10.663  1.00 10.33 ? 2   VAL B CA   1 
ATOM   650 C  C    . VAL B 2 2  ? 3.727   2.888   9.543   1.00 9.44  ? 2   VAL B C    1 
ATOM   651 O  O    . VAL B 2 2  ? 4.243   2.703   8.454   1.00 7.84  ? 2   VAL B O    1 
ATOM   652 C  CB   . VAL B 2 2  ? 5.170   2.163   11.514  1.00 11.85 ? 2   VAL B CB   1 
ATOM   653 C  CG1  . VAL B 2 2  ? 5.397   1.079   12.576  1.00 12.98 ? 2   VAL B CG1  1 
ATOM   654 C  CG2  . VAL B 2 2  ? 6.407   2.336   10.668  1.00 12.32 ? 2   VAL B CG2  1 
ATOM   655 H  H    . VAL B 2 2  ? 4.679   0.331   9.398   0.00 7.64  ? 2   VAL B H    1 
ATOM   656 H  HA   . VAL B 2 2  ? 3.119   1.941   11.393  0.00 10.54 ? 2   VAL B HA   1 
ATOM   657 H  HB   . VAL B 2 2  ? 5.012   3.102   12.042  0.00 12.09 ? 2   VAL B HB   1 
ATOM   658 H  HG11 . VAL B 2 2  ? 5.955   1.473   13.424  0.00 13.47 ? 2   VAL B HG11 1 
ATOM   659 H  HG12 . VAL B 2 2  ? 4.470   0.665   12.967  0.00 13.22 ? 2   VAL B HG12 1 
ATOM   660 H  HG13 . VAL B 2 2  ? 5.984   0.241   12.204  0.00 12.91 ? 2   VAL B HG13 1 
ATOM   661 H  HG21 . VAL B 2 2  ? 7.306   2.264   11.279  0.00 12.68 ? 2   VAL B HG21 1 
ATOM   662 H  HG22 . VAL B 2 2  ? 6.511   1.583   9.890   0.00 12.06 ? 2   VAL B HG22 1 
ATOM   663 H  HG23 . VAL B 2 2  ? 6.462   3.307   10.177  0.00 12.25 ? 2   VAL B HG23 1 
HETATM 664 C  C18  . 3V8 B 2 3  ? 1.680   5.877   9.270   1.00 6.75  ? 3   3V8 B C18  1 
HETATM 665 C  CA   . 3V8 B 2 3  ? 2.836   5.003   8.750   1.00 6.42  ? 3   3V8 B CA   1 
HETATM 666 C  C    . 3V8 B 2 3  ? 4.139   5.794   8.673   1.00 9.96  ? 3   3V8 B C    1 
HETATM 667 C  C19  . 3V8 B 2 3  ? 1.136   5.246   10.550  1.00 7.97  ? 3   3V8 B C19  1 
HETATM 668 C  C20  . 3V8 B 2 3  ? 2.290   4.366   11.031  1.00 7.24  ? 3   3V8 B C20  1 
HETATM 669 C  C11  . 3V8 B 2 3  ? -0.983  10.011  11.980  1.00 10.81 ? 3   3V8 B C11  1 
HETATM 670 C  C12  . 3V8 B 2 3  ? -0.806  9.117   13.193  1.00 12.91 ? 3   3V8 B C12  1 
HETATM 671 C  C10  . 3V8 B 2 3  ? 0.343   10.387  11.346  1.00 12.28 ? 3   3V8 B C10  1 
HETATM 672 O  O3   . 3V8 B 2 3  ? 1.269   10.813  12.036  1.00 13.06 ? 3   3V8 B O3   1 
HETATM 673 O  O    . 3V8 B 2 3  ? 4.936   5.776   9.611   1.00 11.25 ? 3   3V8 B O    1 
HETATM 674 N  N    . 3V8 B 2 3  ? 2.978   3.978   9.791   1.00 9.16  ? 3   3V8 B N    1 
HETATM 675 N  N5   . 3V8 B 2 3  ? 0.742   6.246   11.613  1.00 12.18 ? 3   3V8 B N5   1 
HETATM 676 C  C30  . 3V8 B 2 3  ? -0.297  7.099   11.624  1.00 10.42 ? 3   3V8 B C30  1 
HETATM 677 C  C31  . 3V8 B 2 3  ? -0.110  7.871   12.735  1.00 12.70 ? 3   3V8 B C31  1 
HETATM 678 N  N8   . 3V8 B 2 3  ? 1.004   7.426   13.375  1.00 17.79 ? 3   3V8 B N8   1 
HETATM 679 N  N9   . 3V8 B 2 3  ? 1.525   6.433   12.695  1.00 18.23 ? 3   3V8 B N9   1 
HETATM 680 H  H21  . 3V8 B 2 3  ? 0.903   5.978   8.514   0.00 6.58  ? 3   3V8 B H21  1 
HETATM 681 H  H20  . 3V8 B 2 3  ? 2.018   6.898   9.442   0.00 6.93  ? 3   3V8 B H20  1 
HETATM 682 H  HA   . 3V8 B 2 3  ? 2.594   4.519   7.806   0.00 6.12  ? 3   3V8 B HA   1 
HETATM 683 H  H22  . 3V8 B 2 3  ? 0.249   4.667   10.314  0.00 7.84  ? 3   3V8 B H22  1 
HETATM 684 H  H24  . 3V8 B 2 3  ? 1.875   3.537   11.601  0.00 7.38  ? 3   3V8 B H24  1 
HETATM 685 H  H23  . 3V8 B 2 3  ? 3.001   4.848   11.700  0.00 7.48  ? 3   3V8 B H23  1 
HETATM 686 H  H11  . 3V8 B 2 3  ? -1.663  9.537   11.276  0.00 10.40 ? 3   3V8 B H11  1 
HETATM 687 H  H10  . 3V8 B 2 3  ? -1.516  10.906  12.297  0.00 11.30 ? 3   3V8 B H10  1 
HETATM 688 H  H13  . 3V8 B 2 3  ? -0.232  9.578   13.995  0.00 13.43 ? 3   3V8 B H13  1 
HETATM 689 H  H12  . 3V8 B 2 3  ? -1.770  8.872   13.636  0.00 13.26 ? 3   3V8 B H12  1 
HETATM 690 H  H42  . 3V8 B 2 3  ? -1.102  7.133   10.892  0.00 10.22 ? 3   3V8 B H42  1 
ATOM   691 N  N    . PHE B 2 4  ? 4.364   6.474   7.547   1.00 9.84  ? 4   PHE B N    1 
ATOM   692 C  CA   . PHE B 2 4  ? 5.444   7.447   7.468   1.00 11.72 ? 4   PHE B CA   1 
ATOM   693 C  C    . PHE B 2 4  ? 5.072   8.555   6.484   1.00 13.20 ? 4   PHE B C    1 
ATOM   694 O  O    . PHE B 2 4  ? 4.071   8.449   5.780   1.00 10.68 ? 4   PHE B O    1 
ATOM   695 C  CB   . PHE B 2 4  ? 6.800   6.766   7.177   1.00 13.37 ? 4   PHE B CB   1 
ATOM   696 C  CG   . PHE B 2 4  ? 6.995   6.293   5.757   1.00 12.79 ? 4   PHE B CG   1 
ATOM   697 C  CD1  . PHE B 2 4  ? 7.733   7.048   4.852   1.00 13.88 ? 4   PHE B CD1  1 
ATOM   698 C  CD2  . PHE B 2 4  ? 6.445   5.096   5.321   1.00 9.03  ? 4   PHE B CD2  1 
ATOM   699 C  CE1  . PHE B 2 4  ? 7.894   6.628   3.541   1.00 10.40 ? 4   PHE B CE1  1 
ATOM   700 C  CE2  . PHE B 2 4  ? 6.616   4.669   4.011   1.00 5.96  ? 4   PHE B CE2  1 
ATOM   701 C  CZ   . PHE B 2 4  ? 7.333   5.438   3.116   1.00 7.56  ? 4   PHE B CZ   1 
ATOM   702 H  H    . PHE B 2 4  ? 3.806   6.336   6.711   0.00 9.48  ? 4   PHE B H    1 
ATOM   703 H  HA   . PHE B 2 4  ? 5.557   7.917   8.443   0.00 12.08 ? 4   PHE B HA   1 
ATOM   704 H  HB2  . PHE B 2 4  ? 7.621   7.429   7.444   0.00 13.71 ? 4   PHE B HB2  1 
ATOM   705 H  HB3  . PHE B 2 4  ? 6.910   5.919   7.851   0.00 13.46 ? 4   PHE B HB3  1 
ATOM   706 H  HD1  . PHE B 2 4  ? 8.193   7.983   5.167   0.00 14.25 ? 4   PHE B HD1  1 
ATOM   707 H  HD2  . PHE B 2 4  ? 5.870   4.474   6.007   0.00 9.09  ? 4   PHE B HD2  1 
ATOM   708 H  HE1  . PHE B 2 4  ? 8.463   7.239   2.841   0.00 10.61 ? 4   PHE B HE1  1 
ATOM   709 H  HE2  . PHE B 2 4  ? 6.177   3.724   3.696   0.00 5.67  ? 4   PHE B HE2  1 
ATOM   710 H  HZ   . PHE B 2 4  ? 7.449   5.122   2.081   0.00 7.28  ? 4   PHE B HZ   1 
HETATM 711 O  O    . HOX B 2 5  ? 7.769   11.421  5.677   1.00 24.24 ? 5   HOX B O    1 
HETATM 712 C  C    . HOX B 2 5  ? 6.678   11.467  5.168   1.00 23.14 ? 5   HOX B C    1 
HETATM 713 N  N    . HOX B 2 5  ? 5.832   9.652   6.521   1.00 14.17 ? 5   HOX B N    1 
HETATM 714 O  OXT  . HOX B 2 5  ? 6.426   11.970  4.003   1.00 26.95 ? 5   HOX B OXT  1 
HETATM 715 C  CA   . HOX B 2 5  ? 5.454   10.894  5.862   1.00 18.63 ? 5   HOX B CA   1 
HETATM 716 C  CB   . HOX B 2 5  ? 4.906   11.910  6.884   1.00 15.96 ? 5   HOX B CB   1 
HETATM 717 C  CG   . HOX B 2 5  ? 3.728   11.369  7.659   1.00 13.13 ? 5   HOX B CG   1 
HETATM 718 C  CZ   . HOX B 2 5  ? 1.531   10.490  9.163   1.00 13.27 ? 5   HOX B CZ   1 
HETATM 719 N  NZ   . HOX B 2 5  ? 0.420   10.202  10.004  1.00 11.57 ? 5   HOX B NZ   1 
HETATM 720 C  CD1  . HOX B 2 5  ? 3.906   10.787  8.904   1.00 13.87 ? 5   HOX B CD1  1 
HETATM 721 C  CD2  . HOX B 2 5  ? 2.441   11.455  7.152   1.00 8.16  ? 5   HOX B CD2  1 
HETATM 722 C  CE1  . HOX B 2 5  ? 2.827   10.338  9.647   1.00 13.14 ? 5   HOX B CE1  1 
HETATM 723 C  CE2  . HOX B 2 5  ? 1.349   11.027  7.893   1.00 12.24 ? 5   HOX B CE2  1 
HETATM 724 H  H    . HOX B 2 5  ? 6.715   9.669   7.022   0.00 14.45 ? 5   HOX B H    1 
HETATM 725 H  HXT  . HOX B 2 5  ? 7.239   12.339  3.567   0.00 27.07 ? 5   HOX B HXT  1 
HETATM 726 H  HA   . HOX B 2 5  ? 4.682   10.740  5.111   0.00 18.37 ? 5   HOX B HA   1 
HETATM 727 H  HB   . HOX B 2 5  ? 4.624   12.831  6.373   0.00 16.19 ? 5   HOX B HB   1 
HETATM 728 H  HBA  . HOX B 2 5  ? 5.695   12.207  7.573   0.00 16.35 ? 5   HOX B HBA  1 
HETATM 729 H  HNZ  . HOX B 2 5  ? -0.376  9.820   9.503   0.00 11.28 ? 5   HOX B HNZ  1 
HETATM 730 H  HD1  . HOX B 2 5  ? 4.910   10.652  9.303   0.00 14.04 ? 5   HOX B HD1  1 
HETATM 731 H  HD2  . HOX B 2 5  ? 2.275   11.860  6.156   0.00 7.98  ? 5   HOX B HD2  1 
HETATM 732 H  HE1  . HOX B 2 5  ? 3.044   9.829   10.584  0.00 13.45 ? 5   HOX B HE1  1 
HETATM 733 H  HE2  . HOX B 2 5  ? 0.369   11.139  7.429   0.00 12.15 ? 5   HOX B HE2  1 
HETATM 734 ZN ZN   . ZN  C 3 .  ? -5.540  5.099   1.216   1.00 7.15  ? 301 ZN  A ZN   1 
HETATM 735 S  S    . SO4 D 4 .  ? 12.865  2.576   7.400   1.00 23.90 ? 302 SO4 A S    1 
HETATM 736 O  O1   . SO4 D 4 .  ? 12.569  3.882   6.822   1.00 21.91 ? 302 SO4 A O1   1 
HETATM 737 O  O2   . SO4 D 4 .  ? 12.543  1.536   6.451   1.00 24.70 ? 302 SO4 A O2   1 
HETATM 738 O  O3   . SO4 D 4 .  ? 14.318  2.528   7.715   1.00 25.65 ? 302 SO4 A O3   1 
HETATM 739 O  O4   . SO4 D 4 .  ? 12.070  2.279   8.580   1.00 27.79 ? 302 SO4 A O4   1 
HETATM 740 C  C1   . GOL E 5 .  ? -8.371  10.420  0.295   1.00 13.49 ? 303 GOL A C1   1 
HETATM 741 O  O1   . GOL E 5 .  ? -9.567  9.946   0.846   1.00 15.88 ? 303 GOL A O1   1 
HETATM 742 C  C2   . GOL E 5 .  ? -8.218  11.898  0.527   1.00 15.18 ? 303 GOL A C2   1 
HETATM 743 O  O2   . GOL E 5 .  ? -8.198  12.197  1.927   1.00 10.90 ? 303 GOL A O2   1 
HETATM 744 C  C3   . GOL E 5 .  ? -6.992  12.473  -0.142  1.00 15.86 ? 303 GOL A C3   1 
HETATM 745 O  O3   . GOL E 5 .  ? -7.367  13.725  -0.660  1.00 15.24 ? 303 GOL A O3   1 
HETATM 746 H  H11  . GOL E 5 .  ? -7.543  9.878   0.741   1.00 14.18 ? 303 GOL A H11  1 
HETATM 747 H  H12  . GOL E 5 .  ? -8.349  10.215  -0.773  1.00 14.34 ? 303 GOL A H12  1 
HETATM 748 H  HO1  . GOL E 5 .  ? -9.583  9.014   0.513   1.00 15.69 ? 303 GOL A HO1  1 
HETATM 749 H  H2   . GOL E 5 .  ? -9.120  12.406  0.192   1.00 15.92 ? 303 GOL A H2   1 
HETATM 750 H  HO2  . GOL E 5 .  ? -7.285  11.985  2.249   1.00 9.81  ? 303 GOL A HO2  1 
HETATM 751 H  H31  . GOL E 5 .  ? -6.146  12.584  0.534   1.00 15.39 ? 303 GOL A H31  1 
HETATM 752 H  H32  . GOL E 5 .  ? -6.641  11.823  -0.942  1.00 15.37 ? 303 GOL A H32  1 
HETATM 753 H  HO3  . GOL E 5 .  ? -7.147  13.688  -1.628  1.00 15.44 ? 303 GOL A HO3  1 
HETATM 754 O  O    . HOH F 6 .  ? 11.216  0.082   4.769   1.00 18.67 ? 401 HOH A O    1 
HETATM 755 O  O    . HOH F 6 .  ? 4.357   7.642   -4.894  1.00 17.69 ? 402 HOH A O    1 
HETATM 756 O  O    . HOH F 6 .  ? 9.193   5.126   -0.079  1.00 8.33  ? 403 HOH A O    1 
HETATM 757 O  O    . HOH F 6 .  ? -8.082  -6.880  6.908   1.00 36.57 ? 404 HOH A O    1 
HETATM 758 O  O    . HOH F 6 .  ? -12.776 -0.781  6.088   1.00 13.21 ? 405 HOH A O    1 
HETATM 759 O  O    . HOH F 6 .  ? -6.129  -3.776  -15.779 1.00 31.91 ? 406 HOH A O    1 
HETATM 760 O  O    . HOH F 6 .  ? -0.184  -11.293 1.577   1.00 6.85  ? 407 HOH A O    1 
HETATM 761 O  O    . HOH F 6 .  ? -14.279 1.715   0.941   1.00 20.87 ? 408 HOH A O    1 
HETATM 762 O  O    . HOH F 6 .  ? 6.272   -5.262  -13.340 1.00 26.28 ? 409 HOH A O    1 
HETATM 763 O  O    . HOH F 6 .  ? 12.662  -2.167  4.684   1.00 25.84 ? 410 HOH A O    1 
HETATM 764 O  O    . HOH F 6 .  ? -12.475 1.555   -14.447 1.00 15.86 ? 411 HOH A O    1 
HETATM 765 O  O    . HOH F 6 .  ? -9.673  -6.227  -5.995  1.00 28.72 ? 412 HOH A O    1 
HETATM 766 O  O    . HOH F 6 .  ? 0.399   3.866   -14.575 1.00 31.72 ? 413 HOH A O    1 
HETATM 767 O  O    . HOH F 6 .  ? -12.457 11.297  3.895   1.00 26.89 ? 414 HOH A O    1 
HETATM 768 O  O    . HOH F 6 .  ? 1.215   10.644  2.953   1.00 25.40 ? 415 HOH A O    1 
HETATM 769 O  O    . HOH F 6 .  ? 11.227  -1.741  -7.889  1.00 10.89 ? 416 HOH A O    1 
HETATM 770 O  O    . HOH F 6 .  ? 15.781  -3.960  2.004   1.00 23.20 ? 417 HOH A O    1 
HETATM 771 O  O    . HOH F 6 .  ? -17.153 0.861   6.508   1.00 12.14 ? 418 HOH A O    1 
HETATM 772 O  O    . HOH F 6 .  ? -4.868  10.103  8.216   1.00 32.85 ? 419 HOH A O    1 
HETATM 773 O  O    . HOH F 6 .  ? 16.111  1.780   5.787   1.00 18.78 ? 420 HOH A O    1 
HETATM 774 O  O    . HOH F 6 .  ? -0.445  10.439  -11.259 1.00 38.07 ? 421 HOH A O    1 
HETATM 775 O  O    . HOH F 6 .  ? -3.398  -5.611  10.472  1.00 15.38 ? 422 HOH A O    1 
HETATM 776 O  O    . HOH F 6 .  ? -2.464  9.152   9.078   1.00 23.66 ? 423 HOH A O    1 
HETATM 777 O  O    . HOH F 6 .  ? 8.942   -12.018 7.791   1.00 27.12 ? 424 HOH A O    1 
HETATM 778 O  O    . HOH F 6 .  ? 15.209  -1.452  -0.862  1.00 32.29 ? 425 HOH A O    1 
HETATM 779 O  O    . HOH F 6 .  ? 8.983   -0.232  -7.747  1.00 11.62 ? 426 HOH A O    1 
HETATM 780 O  O    . HOH F 6 .  ? -12.341 -0.149  -2.130  1.00 15.62 ? 427 HOH A O    1 
HETATM 781 O  O    . HOH F 6 .  ? 11.053  -2.913  6.907   1.00 28.38 ? 428 HOH A O    1 
HETATM 782 O  O    . HOH F 6 .  ? -8.342  -0.420  -7.941  1.00 27.22 ? 429 HOH A O    1 
HETATM 783 O  O    . HOH F 6 .  ? -8.426  -3.155  -5.350  1.00 17.97 ? 430 HOH A O    1 
HETATM 784 O  O    . HOH F 6 .  ? -14.241 6.874   8.823   1.00 30.29 ? 431 HOH A O    1 
HETATM 785 O  O    . HOH F 6 .  ? 12.533  -9.535  -4.942  1.00 33.54 ? 432 HOH A O    1 
HETATM 786 O  O    . HOH F 6 .  ? -7.893  5.431   13.220  1.00 15.34 ? 433 HOH A O    1 
HETATM 787 O  O    . HOH F 6 .  ? 13.474  -1.401  -6.242  1.00 17.21 ? 434 HOH A O    1 
HETATM 788 O  O    . HOH F 6 .  ? 6.464   8.700   -1.821  1.00 15.45 ? 435 HOH A O    1 
HETATM 789 O  O    . HOH F 6 .  ? 1.530   -11.556 -5.148  1.00 5.33  ? 436 HOH A O    1 
HETATM 790 O  O    . HOH F 6 .  ? -2.225  15.922  2.925   1.00 33.59 ? 437 HOH A O    1 
HETATM 791 O  O    . HOH F 6 .  ? -8.523  -8.665  -6.947  1.00 27.32 ? 438 HOH A O    1 
HETATM 792 O  O    . HOH F 6 .  ? -10.242 -4.398  9.185   1.00 27.36 ? 439 HOH A O    1 
HETATM 793 O  O    . HOH F 6 .  ? -4.113  7.632   12.292  1.00 10.70 ? 440 HOH A O    1 
HETATM 794 O  O    . HOH F 6 .  ? 0.223   12.362  -1.544  1.00 18.65 ? 441 HOH A O    1 
HETATM 795 O  O    . HOH F 6 .  ? 15.910  -9.354  -9.525  1.00 33.49 ? 442 HOH A O    1 
HETATM 796 O  O    . HOH F 6 .  ? 14.553  -10.682 1.825   1.00 34.86 ? 443 HOH A O    1 
HETATM 797 O  O    . HOH F 6 .  ? -1.665  -1.701  -16.549 1.00 38.83 ? 444 HOH A O    1 
HETATM 798 O  O    . HOH F 6 .  ? -5.398  4.391   14.868  1.00 36.48 ? 445 HOH A O    1 
HETATM 799 O  O    . HOH F 6 .  ? -8.647  -1.663  -11.175 1.00 18.63 ? 446 HOH A O    1 
HETATM 800 O  O    . HOH F 6 .  ? -4.644  -12.596 3.802   1.00 45.61 ? 447 HOH A O    1 
HETATM 801 O  O    . HOH F 6 .  ? -1.076  14.404  -5.465  1.00 29.74 ? 448 HOH A O    1 
HETATM 802 O  O    . HOH F 6 .  ? 5.312   -7.577  -10.554 1.00 35.03 ? 449 HOH A O    1 
HETATM 803 O  O    . HOH F 6 .  ? 0.965   11.439  -8.862  1.00 39.61 ? 450 HOH A O    1 
HETATM 804 O  O    . HOH F 6 .  ? 1.923   -2.438  -20.360 1.00 20.52 ? 451 HOH A O    1 
HETATM 805 O  O    . HOH F 6 .  ? 0.635   10.808  -3.826  1.00 19.26 ? 452 HOH A O    1 
HETATM 806 O  O    . HOH F 6 .  ? 6.280   -11.573 -1.136  1.00 29.56 ? 453 HOH A O    1 
HETATM 807 O  O    . HOH F 6 .  ? 10.557  -5.599  8.338   1.00 39.95 ? 454 HOH A O    1 
HETATM 808 O  O    . HOH F 6 .  ? -5.417  -7.045  -11.307 1.00 23.24 ? 455 HOH A O    1 
HETATM 809 O  O    . HOH F 6 .  ? -9.678  -6.875  -0.974  1.00 35.00 ? 456 HOH A O    1 
HETATM 810 O  O    . HOH F 6 .  ? -1.973  10.892  -13.482 1.00 35.86 ? 457 HOH A O    1 
HETATM 811 O  O    . HOH F 6 .  ? 16.412  1.412   -2.683  1.00 35.12 ? 458 HOH A O    1 
HETATM 812 O  O    . HOH F 6 .  ? -5.592  -10.659 -1.418  1.00 37.73 ? 459 HOH A O    1 
HETATM 813 O  O    . HOH F 6 .  ? -4.902  -10.163 -7.589  1.00 31.53 ? 460 HOH A O    1 
HETATM 814 O  O    . HOH F 6 .  ? -9.657  18.218  -5.158  1.00 35.43 ? 461 HOH A O    1 
HETATM 815 O  O    . HOH F 6 .  ? -13.606 4.882   13.517  1.00 36.29 ? 462 HOH A O    1 
HETATM 816 O  O    . HOH F 6 .  ? 10.070  -4.571  11.557  1.00 33.19 ? 463 HOH A O    1 
HETATM 817 O  O    . HOH F 6 .  ? 8.686   7.746   -0.629  1.00 26.73 ? 464 HOH A O    1 
HETATM 818 O  O    . HOH F 6 .  ? -4.129  -7.832  -6.420  1.00 10.43 ? 465 HOH A O    1 
HETATM 819 O  O    . HOH F 6 .  ? -0.002  8.057   -4.049  1.00 11.68 ? 466 HOH A O    1 
HETATM 820 O  O    . HOH F 6 .  ? -5.675  -7.210  3.392   1.00 9.32  ? 467 HOH A O    1 
HETATM 821 O  O    . HOH F 6 .  ? -10.332 4.933   5.532   1.00 5.71  ? 468 HOH A O    1 
HETATM 822 O  O    . HOH F 6 .  ? -9.541  4.383   11.203  1.00 29.35 ? 469 HOH A O    1 
HETATM 823 O  O    . HOH F 6 .  ? -2.777  5.484   13.647  1.00 27.98 ? 470 HOH A O    1 
HETATM 824 O  O    . HOH F 6 .  ? 6.641   -2.342  12.311  1.00 15.21 ? 471 HOH A O    1 
HETATM 825 O  O    . HOH F 6 .  ? -2.131  -13.892 -1.706  1.00 32.59 ? 472 HOH A O    1 
HETATM 826 O  O    . HOH F 6 .  ? -3.741  3.236   -13.349 1.00 14.40 ? 473 HOH A O    1 
HETATM 827 O  O    . HOH F 6 .  ? 13.949  -3.301  -3.561  1.00 24.29 ? 474 HOH A O    1 
HETATM 828 O  O    . HOH F 6 .  ? 2.163   -0.125  14.219  1.00 39.89 ? 475 HOH A O    1 
HETATM 829 O  O    . HOH F 6 .  ? 9.469   6.210   11.277  1.00 47.38 ? 476 HOH A O    1 
HETATM 830 O  O    . HOH F 6 .  ? -4.068  11.416  3.148   1.00 16.52 ? 477 HOH A O    1 
HETATM 831 O  O    . HOH G 6 .  ? 10.586  10.988  4.819   1.00 25.07 ? 101 HOH B O    1 
HETATM 832 O  O    . HOH G 6 .  ? 8.501   14.164  3.933   1.00 15.28 ? 102 HOH B O    1 
HETATM 833 O  O    . HOH G 6 .  ? 1.570   8.857   4.983   1.00 11.00 ? 103 HOH B O    1 
# 
loop_
_atom_site_anisotrop.id 
_atom_site_anisotrop.type_symbol 
_atom_site_anisotrop.pdbx_label_atom_id 
_atom_site_anisotrop.pdbx_label_alt_id 
_atom_site_anisotrop.pdbx_label_comp_id 
_atom_site_anisotrop.pdbx_label_asym_id 
_atom_site_anisotrop.pdbx_label_seq_id 
_atom_site_anisotrop.pdbx_PDB_ins_code 
_atom_site_anisotrop.U[1][1] 
_atom_site_anisotrop.U[2][2] 
_atom_site_anisotrop.U[3][3] 
_atom_site_anisotrop.U[1][2] 
_atom_site_anisotrop.U[1][3] 
_atom_site_anisotrop.U[2][3] 
_atom_site_anisotrop.pdbx_auth_seq_id 
_atom_site_anisotrop.pdbx_auth_comp_id 
_atom_site_anisotrop.pdbx_auth_asym_id 
_atom_site_anisotrop.pdbx_auth_atom_id 
1   N  N    . GLY A 20 ? 0.2017 0.1999 0.2658 0.0429  -0.0185 -0.0381 -3  GLY A N    
2   C  CA   . GLY A 20 ? 0.2078 0.1941 0.2682 0.0385  -0.0212 -0.0314 -3  GLY A CA   
3   C  C    . GLY A 20 ? 0.2410 0.2263 0.2980 0.0344  -0.0205 -0.0219 -3  GLY A C    
4   O  O    . GLY A 20 ? 0.2325 0.2266 0.2885 0.0340  -0.0174 -0.0207 -3  GLY A O    
5   N  N    . HIS A 21 ? 0.1892 0.1643 0.2444 0.0311  -0.0234 -0.0152 -2  HIS A N    
6   C  CA   . HIS A 21 ? 0.1666 0.1410 0.2180 0.0274  -0.0230 -0.0062 -2  HIS A CA   
7   C  C    . HIS A 21 ? 0.1767 0.1573 0.2216 0.0225  -0.0177 -0.0036 -2  HIS A C    
8   O  O    . HIS A 21 ? 0.1692 0.1503 0.2122 0.0205  -0.0156 -0.0062 -2  HIS A O    
9   C  CB   . HIS A 21 ? 0.1802 0.1430 0.2329 0.0253  -0.0279 0.0003  -2  HIS A CB   
10  N  N    . MET A 22 ? 0.0864 0.0707 0.1281 0.0207  -0.0164 0.0015  -1  MET A N    
11  C  CA   . MET A 22 ? 0.0642 0.0591 0.0922 0.0049  -0.0097 0.0007  -1  MET A CA   
12  C  C    . MET A 22 ? 0.1006 0.0837 0.1356 0.0132  -0.0132 0.0087  -1  MET A C    
13  O  O    . MET A 22 ? 0.0803 0.0651 0.1143 0.0075  -0.0146 0.0108  -1  MET A O    
14  C  CB   . MET A 22 ? 0.0686 0.0641 0.0985 0.0108  -0.0100 0.0053  -1  MET A CB   
15  C  CG   . MET A 22 ? 0.0750 0.0736 0.1049 0.0133  -0.0084 0.0090  -1  MET A CG   
16  S  SD   . MET A 22 ? 0.0864 0.0911 0.1138 0.0140  -0.0087 0.0108  -1  MET A SD   
17  C  CE   . MET A 22 ? 0.0660 0.0692 0.0846 0.0059  -0.0049 0.0023  -1  MET A CE   
18  N  N    . ARG A 23 ? 0.0587 0.0575 0.0749 -0.0004 -0.0048 0.0013  156 ARG A N    
19  C  CA   . ARG A 23 ? 0.0566 0.0551 0.0808 -0.0011 -0.0074 0.0038  156 ARG A CA   
20  C  C    . ARG A 23 ? 0.0931 0.0751 0.1244 0.0041  -0.0105 0.0171  156 ARG A C    
21  O  O    . ARG A 23 ? 0.1086 0.0868 0.1413 0.0017  -0.0123 0.0223  156 ARG A O    
22  C  CB   . ARG A 23 ? 0.0611 0.0602 0.0724 -0.0003 -0.0034 0.0011  156 ARG A CB   
23  C  CG   . ARG A 23 ? 0.1264 0.1018 0.1623 0.0087  -0.0133 0.0004  156 ARG A CG   
24  C  CD   . ARG A 23 ? 0.2080 0.1736 0.2488 0.0085  -0.0183 0.0019  156 ARG A CD   
25  N  NE   . ARG A 23 ? 0.1730 0.1346 0.2171 0.0121  -0.0214 -0.0056 156 ARG A NE   
26  C  CZ   . ARG A 23 ? 0.2762 0.2376 0.3195 0.0118  -0.0217 -0.0110 156 ARG A CZ   
27  N  NH1  . ARG A 23 ? 0.2648 0.2295 0.3044 0.0080  -0.0194 -0.0092 156 ARG A NH1  
28  N  NH2  . ARG A 23 ? 0.1291 0.0875 0.1751 0.0158  -0.0246 -0.0188 156 ARG A NH2  
29  N  N    . ASN A 24 ? 0.0545 0.0565 0.0734 -0.0011 -0.0033 0.0068  157 ASN A N    
30  C  CA   . ASN A 24 ? 0.0746 0.0746 0.0746 0.0000  0.0000  0.0000  157 ASN A CA   
31  C  C    . ASN A 24 ? 0.1064 0.1051 0.1283 0.0040  -0.0049 0.0215  157 ASN A C    
32  O  O    . ASN A 24 ? 0.0938 0.0976 0.1141 0.0042  -0.0028 0.0188  157 ASN A O    
33  C  CB   . ASN A 24 ? 0.0755 0.0762 0.0780 -0.0001 -0.0003 0.0013  157 ASN A CB   
34  C  CG   . ASN A 24 ? 0.1981 0.2002 0.2214 -0.0027 -0.0013 0.0256  157 ASN A CG   
35  O  OD1  . ASN A 24 ? 0.1045 0.1090 0.1254 -0.0023 -0.0015 0.0290  157 ASN A OD1  
36  N  ND2  . ASN A 24 ? 0.0604 0.0665 0.0728 -0.0006 -0.0008 0.0087  157 ASN A ND2  
37  N  N    . PRO A 25 ? 0.0897 0.0872 0.1110 0.0055  -0.0074 0.0247  158 PRO A N    
38  C  CA   . PRO A 25 ? 0.0882 0.0912 0.1061 0.0074  -0.0074 0.0244  158 PRO A CA   
39  C  C    . PRO A 25 ? 0.1149 0.1249 0.1281 0.0060  -0.0048 0.0257  158 PRO A C    
40  O  O    . PRO A 25 ? 0.1089 0.1239 0.1199 0.0078  -0.0047 0.0231  158 PRO A O    
41  C  CB   . PRO A 25 ? 0.1194 0.1186 0.1373 0.0089  -0.0114 0.0286  158 PRO A CB   
42  C  CG   . PRO A 25 ? 0.1783 0.1690 0.2014 0.0091  -0.0138 0.0283  158 PRO A CG   
43  C  CD   . PRO A 25 ? 0.1192 0.1092 0.1428 0.0055  -0.0113 0.0285  158 PRO A CD   
44  N  N    . ALA A 26 ? 0.0672 0.0835 0.0840 0.0001  0.0001  0.0166  159 ALA A N    
45  C  CA   . ALA A 26 ? 0.0652 0.0898 0.0810 0.0016  0.0009  0.0235  159 ALA A CA   
46  C  C    . ALA A 26 ? 0.0875 0.1100 0.0981 0.0036  0.0017  0.0225  159 ALA A C    
47  O  O    . ALA A 26 ? 0.0904 0.1193 0.0986 0.0045  0.0031  0.0201  159 ALA A O    
48  C  CB   . ALA A 26 ? 0.0763 0.0991 0.0875 -0.0011 0.0018  0.0326  159 ALA A CB   
49  N  N    . MET A 27 ? 0.0528 0.0628 0.0613 0.0013  0.0012  0.0094  160 MET A N    
50  C  CA   . MET A 27 ? 0.0926 0.0926 0.0926 0.0000  0.0000  0.0000  160 MET A CA   
51  C  C    . MET A 27 ? 0.0751 0.0925 0.0923 0.0057  0.0007  0.0114  160 MET A C    
52  O  O    . MET A 27 ? 0.0750 0.0774 0.0780 0.0006  0.0007  0.0029  160 MET A O    
53  C  CB   . MET A 27 ? 0.0868 0.0868 0.0868 0.0000  0.0000  0.0000  160 MET A CB   
54  C  CG   . MET A 27 ? 0.0596 0.0788 0.0793 0.0006  0.0042  0.0163  160 MET A CG   
55  S  SD   . MET A 27 ? 0.0869 0.1131 0.1060 0.0024  0.0055  0.0126  160 MET A SD   
56  C  CE   . MET A 27 ? 0.0875 0.0875 0.0875 0.0000  0.0000  0.0000  160 MET A CE   
57  N  N    . TYR A 28 ? 0.0880 0.0880 0.0880 0.0000  0.0000  0.0000  161 TYR A N    
58  C  CA   . TYR A 28 ? 0.0559 0.0656 0.0639 0.0032  0.0010  0.0075  161 TYR A CA   
59  C  C    . TYR A 28 ? 0.0843 0.1067 0.1027 0.0090  -0.0024 0.0058  161 TYR A C    
60  O  O    . TYR A 28 ? 0.0758 0.0984 0.0976 0.0086  -0.0028 0.0032  161 TYR A O    
61  C  CB   . TYR A 28 ? 0.0467 0.0639 0.0634 0.0100  -0.0043 0.0106  161 TYR A CB   
62  C  CG   . TYR A 28 ? 0.0809 0.0809 0.0809 0.0000  0.0000  0.0000  161 TYR A CG   
63  C  CD1  . TYR A 28 ? 0.0828 0.0828 0.0828 0.0000  0.0000  0.0000  161 TYR A CD1  
64  C  CD2  . TYR A 28 ? 0.0644 0.0899 0.0810 0.0136  -0.0082 0.0074  161 TYR A CD2  
65  C  CE1  . TYR A 28 ? 0.0742 0.0751 0.0741 0.0006  -0.0003 -0.0006 161 TYR A CE1  
66  C  CE2  . TYR A 28 ? 0.0884 0.1179 0.1083 0.0153  -0.0107 0.0044  161 TYR A CE2  
67  C  CZ   . TYR A 28 ? 0.1195 0.1494 0.1459 0.0152  -0.0106 0.0020  161 TYR A CZ   
68  O  OH   . TYR A 28 ? 0.1045 0.1391 0.1351 0.0162  -0.0129 -0.0008 161 TYR A OH   
69  N  N    . SER A 29 ? 0.0791 0.0830 0.0792 0.0012  0.0004  0.0015  162 SER A N    
70  C  CA   . SER A 29 ? 0.0657 0.0787 0.0642 0.0045  0.0001  0.0006  162 SER A CA   
71  C  C    . SER A 29 ? 0.0510 0.0774 0.0697 0.0087  -0.0022 -0.0002 162 SER A C    
72  O  O    . SER A 29 ? 0.0774 0.0823 0.0769 0.0015  0.0002  0.0006  162 SER A O    
73  C  CB   . SER A 29 ? 0.0708 0.1050 0.0811 0.0118  -0.0031 0.0012  162 SER A CB   
74  O  OG   . SER A 29 ? 0.1714 0.2078 0.1829 0.0128  -0.0039 -0.0040 162 SER A OG   
75  N  N    . GLU A 30 ? 0.0893 0.0893 0.0893 0.0000  0.0000  0.0000  163 GLU A N    
76  C  CA   . GLU A 30 ? 0.0873 0.0873 0.0873 0.0000  0.0000  0.0000  163 GLU A CA   
77  C  C    . GLU A 30 ? 0.0598 0.0826 0.0838 0.0079  -0.0041 -0.0066 163 GLU A C    
78  O  O    . GLU A 30 ? 0.0613 0.0613 0.0613 0.0000  0.0000  0.0000  163 GLU A O    
79  C  CB   . GLU A 30 ? 0.0408 0.0618 0.0712 0.0048  -0.0058 -0.0053 163 GLU A CB   
80  C  CG   . GLU A 30 ? 0.0666 0.0834 0.1002 0.0026  -0.0065 -0.0047 163 GLU A CG   
81  C  CD   . GLU A 30 ? 0.2147 0.2306 0.2534 -0.0003 -0.0083 -0.0047 163 GLU A CD   
82  O  OE1  . GLU A 30 ? 0.1930 0.2124 0.2329 -0.0008 -0.0081 -0.0047 163 GLU A OE1  
83  O  OE2  . GLU A 30 ? 0.1286 0.1405 0.1704 -0.0023 -0.0102 -0.0040 163 GLU A OE2  
84  N  N    . GLU A 31 ? 0.0659 0.0757 0.0698 0.0041  -0.0029 -0.0079 164 GLU A N    
85  C  CA   . GLU A 31 ? 0.0707 0.0876 0.0758 0.0070  -0.0044 -0.0123 164 GLU A CA   
86  C  C    . GLU A 31 ? 0.0818 0.1174 0.1008 0.0129  -0.0015 -0.0097 164 GLU A C    
87  O  O    . GLU A 31 ? 0.0672 0.0875 0.0700 0.0068  -0.0032 -0.0104 164 GLU A O    
88  C  CB   . GLU A 31 ? 0.0706 0.1067 0.0868 0.0151  -0.0065 -0.0172 164 GLU A CB   
89  C  CG   . GLU A 31 ? 0.1018 0.1451 0.1190 0.0190  -0.0064 -0.0226 164 GLU A CG   
90  C  CD   . GLU A 31 ? 0.2651 0.3164 0.2762 0.0219  -0.0071 -0.0261 164 GLU A CD   
91  O  OE1  . GLU A 31 ? 0.1962 0.2474 0.2048 0.0215  -0.0090 -0.0251 164 GLU A OE1  
92  O  OE2  . GLU A 31 ? 0.3382 0.3969 0.3469 0.0248  -0.0058 -0.0304 164 GLU A OE2  
93  N  N    . ALA A 32 ? 0.0766 0.1128 0.0922 0.0116  0.0003  -0.0047 165 ALA A N    
94  C  CA   . ALA A 32 ? 0.0772 0.1158 0.0917 0.0104  0.0031  -0.0007 165 ALA A CA   
95  C  C    . ALA A 32 ? 0.0848 0.1183 0.1040 0.0086  0.0034  0.0003  165 ALA A C    
96  O  O    . ALA A 32 ? 0.0761 0.1065 0.0911 0.0069  0.0037  0.0011  165 ALA A O    
97  C  CB   . ALA A 32 ? 0.0876 0.1255 0.0985 0.0090  0.0037  0.0048  165 ALA A CB   
98  N  N    . ARG A 33 ? 0.0792 0.0844 0.0790 0.0015  0.0002  0.0007  166 ARG A N    
99  C  CA   . ARG A 33 ? 0.0694 0.0767 0.0772 0.0018  0.0009  0.0017  166 ARG A CA   
100 C  C    . ARG A 33 ? 0.0836 0.1069 0.1114 0.0068  0.0003  -0.0017 166 ARG A C    
101 O  O    . ARG A 33 ? 0.0793 0.1025 0.1093 0.0063  0.0005  -0.0010 166 ARG A O    
102 C  CB   . ARG A 33 ? 0.0673 0.0673 0.0673 0.0000  0.0000  0.0000  166 ARG A CB   
103 C  CG   . ARG A 33 ? 0.0802 0.0975 0.1026 0.0036  0.0015  0.0047  166 ARG A CG   
104 C  CD   . ARG A 33 ? 0.0923 0.1065 0.1154 0.0023  0.0014  0.0050  166 ARG A CD   
105 N  NE   . ARG A 33 ? 0.0734 0.0742 0.0816 0.0001  0.0005  0.0026  166 ARG A NE   
106 C  CZ   . ARG A 33 ? 0.0934 0.1105 0.1189 0.0028  0.0002  0.0026  166 ARG A CZ   
107 N  NH1  . ARG A 33 ? 0.0585 0.0585 0.0585 0.0000  0.0000  0.0000  166 ARG A NH1  
108 N  NH2  . ARG A 33 ? 0.0380 0.0380 0.0380 0.0000  0.0000  0.0000  166 ARG A NH2  
109 N  N    . LEU A 34 ? 0.0742 0.0742 0.0742 0.0000  0.0000  0.0000  167 LEU A N    
110 C  CA   . LEU A 34 ? 0.0589 0.0589 0.0589 0.0000  0.0000  0.0000  167 LEU A CA   
111 C  C    . LEU A 34 ? 0.0439 0.0738 0.0781 0.0128  -0.0021 -0.0115 167 LEU A C    
112 O  O    . LEU A 34 ? 0.0666 0.0666 0.0666 0.0000  0.0000  0.0000  167 LEU A O    
113 C  CB   . LEU A 34 ? 0.0460 0.0495 0.0543 0.0021  -0.0029 -0.0064 167 LEU A CB   
114 C  CG   . LEU A 34 ? 0.0847 0.0993 0.1224 0.0090  -0.0096 -0.0121 167 LEU A CG   
115 C  CD1  . LEU A 34 ? 0.0881 0.1021 0.1276 0.0098  -0.0126 -0.0164 167 LEU A CD1  
116 C  CD2  . LEU A 34 ? 0.1097 0.1185 0.1518 0.0079  -0.0120 -0.0107 167 LEU A CD2  
117 N  N    . LYS A 35 ? 0.0645 0.0645 0.0645 0.0000  0.0000  0.0000  168 LYS A N    
118 C  CA   . LYS A 35 ? 0.0564 0.0564 0.0564 0.0000  0.0000  0.0000  168 LYS A CA   
119 C  C    . LYS A 35 ? 0.0576 0.0790 0.0623 0.0050  -0.0009 -0.0072 168 LYS A C    
120 O  O    . LYS A 35 ? 0.0594 0.0688 0.0603 0.0020  -0.0007 -0.0036 168 LYS A O    
121 C  CB   . LYS A 35 ? 0.0418 0.0760 0.0449 0.0089  -0.0020 -0.0111 168 LYS A CB   
122 C  CG   . LYS A 35 ? 0.1162 0.1714 0.1389 0.0200  0.0026  -0.0202 168 LYS A CG   
123 C  CD   . LYS A 35 ? 0.2025 0.2683 0.2187 0.0222  0.0045  -0.0222 168 LYS A CD   
124 C  CE   . LYS A 35 ? 0.2689 0.3329 0.2785 0.0201  0.0044  -0.0172 168 LYS A CE   
125 N  NZ   . LYS A 35 ? 0.2520 0.3248 0.2547 0.0227  0.0043  -0.0205 168 LYS A NZ   
126 N  N    . SER A 36 ? 0.0519 0.0519 0.0519 0.0000  0.0000  0.0000  169 SER A N    
127 C  CA   . SER A 36 ? 0.0638 0.0638 0.0638 0.0000  0.0000  0.0000  169 SER A CA   
128 C  C    . SER A 36 ? 0.0646 0.1042 0.1049 0.0082  0.0037  -0.0021 169 SER A C    
129 O  O    . SER A 36 ? 0.0747 0.1169 0.1185 0.0069  0.0042  -0.0004 169 SER A O    
130 C  CB   . SER A 36 ? 0.0472 0.0691 0.0664 0.0030  0.0036  0.0046  169 SER A CB   
131 O  OG   . SER A 36 ? 0.0794 0.1064 0.1115 0.0039  0.0031  0.0035  169 SER A OG   
132 N  N    . PHE A 37 ? 0.0582 0.0582 0.0582 0.0000  0.0000  0.0000  170 PHE A N    
133 C  CA   . PHE A 37 ? 0.0762 0.0762 0.0762 0.0000  0.0000  0.0000  170 PHE A CA   
134 C  C    . PHE A 37 ? 0.1176 0.1562 0.1714 0.0149  -0.0030 -0.0114 170 PHE A C    
135 O  O    . PHE A 37 ? 0.1478 0.1834 0.2059 0.0179  -0.0067 -0.0154 170 PHE A O    
136 C  CB   . PHE A 37 ? 0.0636 0.0636 0.0636 0.0000  0.0000  0.0000  170 PHE A CB   
137 C  CG   . PHE A 37 ? 0.0523 0.0521 0.0714 0.0004  -0.0032 -0.0023 170 PHE A CG   
138 C  CD1  . PHE A 37 ? 0.0763 0.0920 0.1142 0.0054  -0.0043 -0.0009 170 PHE A CD1  
139 C  CD2  . PHE A 37 ? 0.0704 0.0825 0.1135 0.0050  -0.0084 0.0007  170 PHE A CD2  
140 C  CE1  . PHE A 37 ? 0.0907 0.1027 0.1251 0.0025  -0.0039 0.0024  170 PHE A CE1  
141 C  CE2  . PHE A 37 ? 0.1098 0.1185 0.1482 0.0018  -0.0078 0.0042  170 PHE A CE2  
142 C  CZ   . PHE A 37 ? 0.0833 0.0923 0.1177 0.0008  -0.0054 0.0047  170 PHE A CZ   
143 N  N    . GLN A 38 ? 0.1141 0.1628 0.1692 0.0148  0.0005  -0.0111 171 GLN A N    
144 C  CA   . GLN A 38 ? 0.1023 0.1605 0.1646 0.0187  0.0009  -0.0160 171 GLN A CA   
145 C  C    . GLN A 38 ? 0.1091 0.1661 0.1774 0.0176  -0.0013 -0.0139 171 GLN A C    
146 O  O    . GLN A 38 ? 0.1006 0.1554 0.1670 0.0133  -0.0004 -0.0086 171 GLN A O    
147 C  CB   . GLN A 38 ? 0.1113 0.1833 0.1721 0.0187  0.0063  -0.0163 171 GLN A CB   
148 C  CG   . GLN A 38 ? 0.1849 0.2606 0.2399 0.0212  0.0079  -0.0199 171 GLN A CG   
149 C  CD   . GLN A 38 ? 0.3313 0.4235 0.3861 0.0228  0.0129  -0.0220 171 GLN A CD   
150 O  OE1  . GLN A 38 ? 0.1775 0.2796 0.2380 0.0220  0.0155  -0.0210 171 GLN A OE1  
151 N  NE2  . GLN A 38 ? 0.2803 0.3773 0.3288 0.0247  0.0144  -0.0249 171 GLN A NE2  
152 N  N    . ASN A 39 ? 0.0853 0.1424 0.1613 0.0214  -0.0050 -0.0182 172 ASN A N    
153 C  CA   . ASN A 39 ? 0.0943 0.1502 0.1768 0.0211  -0.0084 -0.0167 172 ASN A CA   
154 C  C    . ASN A 39 ? 0.1227 0.1663 0.2006 0.0171  -0.0117 -0.0110 172 ASN A C    
155 O  O    . ASN A 39 ? 0.1071 0.1509 0.1867 0.0147  -0.0127 -0.0079 172 ASN A O    
156 C  CB   . ASN A 39 ? 0.0816 0.1505 0.1693 0.0198  -0.0046 -0.0157 172 ASN A CB   
157 C  CG   . ASN A 39 ? 0.3157 0.3994 0.4087 0.0239  -0.0011 -0.0216 172 ASN A CG   
158 O  OD1  . ASN A 39 ? 0.2834 0.3770 0.3733 0.0222  0.0046  -0.0204 172 ASN A OD1  
159 N  ND2  . ASN A 39 ? 0.1791 0.2644 0.2796 0.0298  -0.0046 -0.0281 172 ASN A ND2  
160 N  N    . TRP A 40 ? 0.0604 0.0910 0.1289 0.0150  -0.0130 -0.0102 173 TRP A N    
161 C  CA   . TRP A 40 ? 0.0649 0.0708 0.1124 0.0052  -0.0124 -0.0065 173 TRP A CA   
162 C  C    . TRP A 40 ? 0.1337 0.1530 0.2068 0.0147  -0.0224 -0.0050 173 TRP A C    
163 O  O    . TRP A 40 ? 0.0950 0.1137 0.1743 0.0188  -0.0255 -0.0091 173 TRP A O    
164 C  CB   . TRP A 40 ? 0.0703 0.0695 0.0852 0.0007  -0.0044 -0.0025 173 TRP A CB   
165 C  CG   . TRP A 40 ? 0.0602 0.0573 0.0899 0.0004  -0.0101 -0.0014 173 TRP A CG   
166 C  CD1  . TRP A 40 ? 0.0787 0.0788 0.1363 0.0083  -0.0233 0.0014  173 TRP A CD1  
167 C  CD2  . TRP A 40 ? 0.0736 0.0736 0.0736 0.0000  0.0000  0.0000  173 TRP A CD2  
168 N  NE1  . TRP A 40 ? 0.0735 0.0662 0.1169 -0.0015 -0.0196 0.0040  173 TRP A NE1  
169 C  CE2  . TRP A 40 ? 0.0700 0.0653 0.1044 -0.0018 -0.0143 0.0050  173 TRP A CE2  
170 C  CE3  . TRP A 40 ? 0.0694 0.0694 0.0694 0.0000  0.0000  0.0000  173 TRP A CE3  
171 C  CZ2  . TRP A 40 ? 0.0627 0.0604 0.0819 -0.0020 -0.0087 0.0051  173 TRP A CZ2  
172 C  CZ3  . TRP A 40 ? 0.0472 0.0467 0.0600 -0.0008 -0.0041 0.0028  173 TRP A CZ3  
173 C  CH2  . TRP A 40 ? 0.0510 0.0497 0.0694 -0.0020 -0.0075 0.0054  173 TRP A CH2  
174 N  N    . PRO A 41 ? 0.1191 0.1358 0.1911 0.0122  -0.0249 -0.0011 174 PRO A N    
175 C  CA   . PRO A 41 ? 0.1372 0.1513 0.2158 0.0145  -0.0313 -0.0010 174 PRO A CA   
176 C  C    . PRO A 41 ? 0.2121 0.2149 0.2889 0.0144  -0.0370 0.0017  174 PRO A C    
177 O  O    . PRO A 41 ? 0.2060 0.2032 0.2750 0.0108  -0.0359 0.0053  174 PRO A O    
178 C  CB   . PRO A 41 ? 0.1535 0.1698 0.2310 0.0118  -0.0321 0.0021  174 PRO A CB   
179 C  CG   . PRO A 41 ? 0.2080 0.2228 0.2758 0.0072  -0.0277 0.0049  174 PRO A CG   
180 C  CD   . PRO A 41 ? 0.1388 0.1559 0.2048 0.0079  -0.0226 0.0026  174 PRO A CD   
181 N  N    . ASP A 42 ? 0.2428 0.2427 0.3278 0.0181  -0.0433 0.0002  175 ASP A N    
182 C  CA   . ASP A 42 ? 0.2566 0.2449 0.3418 0.0180  -0.0498 0.0034  175 ASP A CA   
183 C  C    . ASP A 42 ? 0.3432 0.3248 0.4203 0.0130  -0.0528 0.0116  175 ASP A C    
184 O  O    . ASP A 42 ? 0.3581 0.3312 0.4317 0.0103  -0.0556 0.0162  175 ASP A O    
185 C  CB   . ASP A 42 ? 0.2923 0.2789 0.3896 0.0239  -0.0565 -0.0006 175 ASP A CB   
186 N  N    . TYR A 43 ? 0.2744 0.2606 0.3488 0.0115  -0.0525 0.0135  176 TYR A N    
187 C  CA   . TYR A 43 ? 0.2514 0.2331 0.3172 0.0073  -0.0553 0.0204  176 TYR A CA   
188 C  C    . TYR A 43 ? 0.2979 0.2787 0.3522 0.0023  -0.0501 0.0236  176 TYR A C    
189 O  O    . TYR A 43 ? 0.3183 0.2950 0.3648 -0.0014 -0.0523 0.0297  176 TYR A O    
190 C  CB   . TYR A 43 ? 0.2425 0.2302 0.3092 0.0076  -0.0569 0.0202  176 TYR A CB   
191 C  CG   . TYR A 43 ? 0.2157 0.2122 0.2819 0.0067  -0.0502 0.0163  176 TYR A CG   
192 C  CD1  . TYR A 43 ? 0.2221 0.2190 0.2784 0.0027  -0.0453 0.0178  176 TYR A CD1  
193 C  CD2  . TYR A 43 ? 0.2142 0.2190 0.2904 0.0097  -0.0495 0.0116  176 TYR A CD2  
194 C  CE1  . TYR A 43 ? 0.1922 0.1955 0.2486 0.0017  -0.0404 0.0149  176 TYR A CE1  
195 C  CE2  . TYR A 43 ? 0.2175 0.2300 0.2935 0.0080  -0.0439 0.0094  176 TYR A CE2  
196 C  CZ   . TYR A 43 ? 0.2433 0.2540 0.3096 0.0040  -0.0398 0.0112  176 TYR A CZ   
197 O  OH   . TYR A 43 ? 0.2310 0.2473 0.2977 0.0022  -0.0352 0.0096  176 TYR A OH   
198 N  N    . ALA A 44 ? 0.2385 0.2240 0.2919 0.0022  -0.0432 0.0197  177 ALA A N    
199 C  CA   . ALA A 44 ? 0.2272 0.2133 0.2715 -0.0016 -0.0379 0.0213  177 ALA A CA   
200 C  C    . ALA A 44 ? 0.2317 0.2120 0.2720 -0.0045 -0.0387 0.0256  177 ALA A C    
201 O  O    . ALA A 44 ? 0.2401 0.2215 0.2724 -0.0080 -0.0353 0.0279  177 ALA A O    
202 C  CB   . ALA A 44 ? 0.2357 0.2274 0.2814 -0.0003 -0.0318 0.0163  177 ALA A CB   
203 N  N    . HIS A 45 ? 0.1662 0.1406 0.2125 -0.0031 -0.0434 0.0263  178 HIS A N    
204 C  CA   . HIS A 45 ? 0.1673 0.1350 0.2124 -0.0063 -0.0457 0.0310  178 HIS A CA   
205 C  C    . HIS A 45 ? 0.1836 0.1532 0.2274 -0.0078 -0.0403 0.0289  178 HIS A C    
206 O  O    . HIS A 45 ? 0.1790 0.1434 0.2278 -0.0080 -0.0429 0.0288  178 HIS A O    
207 C  CB   . HIS A 45 ? 0.1808 0.1461 0.2175 -0.0112 -0.0480 0.0394  178 HIS A CB   
208 C  CG   . HIS A 45 ? 0.2272 0.1851 0.2649 -0.0147 -0.0518 0.0456  178 HIS A CG   
209 N  ND1  . HIS A 45 ? 0.2542 0.2035 0.3002 -0.0129 -0.0596 0.0472  178 HIS A ND1  
210 C  CD2  . HIS A 45 ? 0.2548 0.2135 0.2881 -0.0198 -0.0488 0.0498  178 HIS A CD2  
211 C  CE1  . HIS A 45 ? 0.2627 0.2064 0.3086 -0.0176 -0.0615 0.0532  178 HIS A CE1  
212 N  NE2  . HIS A 45 ? 0.2680 0.2177 0.3063 -0.0221 -0.0549 0.0551  178 HIS A NE2  
213 N  N    . LEU A 46 ? 0.0933 0.0763 0.1324 -0.0105 -0.0334 0.0241  179 LEU A N    
214 C  CA   . LEU A 46 ? 0.0932 0.0751 0.1307 -0.0104 -0.0294 0.0241  179 LEU A CA   
215 C  C    . LEU A 46 ? 0.1365 0.1164 0.1796 -0.0058 -0.0285 0.0187  179 LEU A C    
216 O  O    . LEU A 46 ? 0.1361 0.1190 0.1819 -0.0024 -0.0284 0.0153  179 LEU A O    
217 C  CB   . LEU A 46 ? 0.0940 0.0789 0.1235 -0.0120 -0.0238 0.0253  179 LEU A CB   
218 C  CG   . LEU A 46 ? 0.1702 0.1554 0.1932 -0.0169 -0.0230 0.0311  179 LEU A CG   
219 C  CD1  . LEU A 46 ? 0.1892 0.1746 0.2062 -0.0181 -0.0252 0.0345  179 LEU A CD1  
220 C  CD2  . LEU A 46 ? 0.1541 0.1453 0.1734 -0.0180 -0.0173 0.0292  179 LEU A CD2  
221 N  N    . THR A 47 ? 0.0657 0.0577 0.1031 -0.0053 -0.0226 0.0113  180 THR A N    
222 C  CA   . THR A 47 ? 0.0582 0.0505 0.0945 -0.0026 -0.0195 0.0060  180 THR A CA   
223 C  C    . THR A 47 ? 0.0632 0.0585 0.0926 -0.0016 -0.0134 0.0041  180 THR A C    
224 O  O    . THR A 47 ? 0.0643 0.0623 0.0804 -0.0013 -0.0072 0.0036  180 THR A O    
225 C  CB   . THR A 47 ? 0.1029 0.0787 0.1585 -0.0024 -0.0309 0.0091  180 THR A CB   
226 O  OG1  . THR A 47 ? 0.0600 0.0507 0.1046 -0.0042 -0.0246 0.0096  180 THR A OG1  
227 C  CG2  . THR A 47 ? 0.1153 0.0821 0.1767 -0.0027 -0.0381 0.0117  180 THR A CG2  
228 N  N    . PRO A 48 ? 0.0583 0.0583 0.0583 0.0000  0.0000  0.0000  181 PRO A N    
229 C  CA   . PRO A 48 ? 0.0783 0.0783 0.0783 0.0000  0.0000  0.0000  181 PRO A CA   
230 C  C    . PRO A 48 ? 0.0622 0.0581 0.1015 0.0000  -0.0134 0.0000  181 PRO A C    
231 O  O    . PRO A 48 ? 0.0648 0.0621 0.0995 -0.0004 -0.0101 0.0016  181 PRO A O    
232 C  CB   . PRO A 48 ? 0.0469 0.0452 0.0697 0.0012  -0.0076 -0.0040 181 PRO A CB   
233 C  CG   . PRO A 48 ? 0.0730 0.0713 0.1199 0.0050  -0.0166 -0.0073 181 PRO A CG   
234 C  CD   . PRO A 48 ? 0.0590 0.0564 0.0754 0.0005  -0.0069 -0.0014 181 PRO A CD   
235 N  N    . ARG A 49 ? 0.0638 0.0611 0.0833 0.0002  -0.0076 -0.0005 182 ARG A N    
236 C  CA   . ARG A 49 ? 0.0668 0.0649 0.0825 0.0001  -0.0061 -0.0001 182 ARG A CA   
237 C  C    . ARG A 49 ? 0.0901 0.0836 0.1347 -0.0054 -0.0162 0.0046  182 ARG A C    
238 O  O    . ARG A 49 ? 0.0784 0.0753 0.1166 -0.0018 -0.0125 0.0050  182 ARG A O    
239 C  CB   . ARG A 49 ? 0.0810 0.0672 0.1362 -0.0012 -0.0244 -0.0024 182 ARG A CB   
240 N  N    . GLU A 50 ? 0.0741 0.0687 0.1156 -0.0044 -0.0173 0.0096  183 GLU A N    
241 C  CA   . GLU A 50 ? 0.0607 0.0590 0.0957 -0.0056 -0.0151 0.0134  183 GLU A CA   
242 C  C    . GLU A 50 ? 0.0724 0.0714 0.1047 -0.0086 -0.0104 0.0128  183 GLU A C    
243 O  O    . GLU A 50 ? 0.0673 0.0697 0.0991 -0.0118 -0.0071 0.0134  183 GLU A O    
244 C  CB   . GLU A 50 ? 0.0706 0.0672 0.1058 -0.0095 -0.0181 0.0180  183 GLU A CB   
245 C  CG   . GLU A 50 ? 0.1517 0.1455 0.1847 -0.0197 -0.0139 0.0243  183 GLU A CG   
246 C  CD   . GLU A 50 ? 0.1723 0.1639 0.2018 -0.0232 -0.0159 0.0306  183 GLU A CD   
247 O  OE1  . GLU A 50 ? 0.0632 0.0645 0.0887 -0.0115 -0.0198 0.0211  183 GLU A OE1  
248 O  OE2  . GLU A 50 ? 0.0862 0.0835 0.1097 -0.0257 -0.0126 0.0332  183 GLU A OE2  
249 N  N    . LEU A 51 ? 0.0623 0.0623 0.0623 0.0000  0.0000  0.0000  184 LEU A N    
250 C  CA   . LEU A 51 ? 0.0581 0.0581 0.0581 0.0000  0.0000  0.0000  184 LEU A CA   
251 C  C    . LEU A 51 ? 0.0395 0.0395 0.0395 0.0000  0.0000  0.0000  184 LEU A C    
252 O  O    . LEU A 51 ? 0.0420 0.0420 0.0420 0.0000  0.0000  0.0000  184 LEU A O    
253 C  CB   . LEU A 51 ? 0.0490 0.0490 0.0490 0.0000  0.0000  0.0000  184 LEU A CB   
254 C  CG   . LEU A 51 ? 0.0393 0.0394 0.0438 -0.0007 -0.0019 0.0021  184 LEU A CG   
255 C  CD1  . LEU A 51 ? 0.0605 0.0605 0.0605 0.0000  0.0000  0.0000  184 LEU A CD1  
256 C  CD2  . LEU A 51 ? 0.0546 0.0546 0.0546 0.0000  0.0000  0.0000  184 LEU A CD2  
257 N  N    . ALA A 52 ? 0.0560 0.0560 0.0560 0.0000  0.0000  0.0000  185 ALA A N    
258 C  CA   . ALA A 52 ? 0.0852 0.0852 0.0852 0.0000  0.0000  0.0000  185 ALA A CA   
259 C  C    . ALA A 52 ? 0.0689 0.0766 0.0972 -0.0023 -0.0029 0.0039  185 ALA A C    
260 O  O    . ALA A 52 ? 0.0960 0.1088 0.1253 -0.0018 -0.0014 0.0034  185 ALA A O    
261 C  CB   . ALA A 52 ? 0.0387 0.0387 0.0387 0.0000  0.0000  0.0000  185 ALA A CB   
262 N  N    . SER A 53 ? 0.0649 0.0649 0.0649 0.0000  0.0000  0.0000  186 SER A N    
263 C  CA   . SER A 53 ? 0.0698 0.0701 0.0784 -0.0004 -0.0015 0.0022  186 SER A CA   
264 C  C    . SER A 53 ? 0.1100 0.1249 0.1427 -0.0085 -0.0012 0.0070  186 SER A C    
265 O  O    . SER A 53 ? 0.1176 0.1370 0.1514 -0.0083 0.0003  0.0060  186 SER A O    
266 C  CB   . SER A 53 ? 0.0757 0.0843 0.1155 -0.0108 -0.0070 0.0072  186 SER A CB   
267 O  OG   . SER A 53 ? 0.1064 0.1136 0.1445 -0.0139 -0.0067 0.0115  186 SER A OG   
268 N  N    . ALA A 54 ? 0.0767 0.0788 0.0859 -0.0007 -0.0014 0.0047  187 ALA A N    
269 C  CA   . ALA A 54 ? 0.0731 0.0749 0.0770 -0.0004 -0.0005 0.0027  187 ALA A CA   
270 C  C    . ALA A 54 ? 0.0738 0.0901 0.0975 -0.0061 0.0032  0.0066  187 ALA A C    
271 O  O    . ALA A 54 ? 0.0695 0.0870 0.0908 -0.0057 0.0046  0.0058  187 ALA A O    
272 C  CB   . ALA A 54 ? 0.0783 0.0835 0.0847 -0.0018 -0.0019 0.0064  187 ALA A CB   
273 N  N    . GLY A 55 ? 0.0477 0.0583 0.0684 -0.0026 0.0016  0.0052  188 GLY A N    
274 C  CA   . GLY A 55 ? 0.0893 0.0893 0.0893 0.0000  0.0000  0.0000  188 GLY A CA   
275 C  C    . GLY A 55 ? 0.0503 0.0612 0.0726 -0.0014 0.0023  0.0054  188 GLY A C    
276 O  O    . GLY A 55 ? 0.0736 0.0736 0.0736 0.0000  0.0000  0.0000  188 GLY A O    
277 N  N    . LEU A 56 ? 0.0452 0.0452 0.0452 0.0000  0.0000  0.0000  189 LEU A N    
278 C  CA   . LEU A 56 ? 0.0719 0.0719 0.0719 0.0000  0.0000  0.0000  189 LEU A CA   
279 C  C    . LEU A 56 ? 0.0435 0.0523 0.0678 -0.0017 0.0004  0.0070  189 LEU A C    
280 O  O    . LEU A 56 ? 0.0816 0.0823 0.0892 -0.0001 -0.0002 0.0025  189 LEU A O    
281 C  CB   . LEU A 56 ? 0.0992 0.0992 0.0992 0.0000  0.0000  0.0000  189 LEU A CB   
282 C  CG   . LEU A 56 ? 0.0811 0.0887 0.0987 -0.0061 0.0003  0.0083  189 LEU A CG   
283 C  CD1  . LEU A 56 ? 0.0851 0.0917 0.0990 -0.0070 -0.0017 0.0100  189 LEU A CD1  
284 C  CD2  . LEU A 56 ? 0.0857 0.0931 0.1017 -0.0050 0.0010  0.0063  189 LEU A CD2  
285 N  N    . TYR A 57 ? 0.0636 0.0636 0.0636 0.0000  0.0000  0.0000  190 TYR A N    
286 C  CA   . TYR A 57 ? 0.0888 0.0888 0.0888 0.0000  0.0000  0.0000  190 TYR A CA   
287 C  C    . TYR A 57 ? 0.0393 0.0526 0.0687 -0.0014 0.0006  0.0083  190 TYR A C    
288 O  O    . TYR A 57 ? 0.0633 0.0633 0.0633 0.0000  0.0000  0.0000  190 TYR A O    
289 C  CB   . TYR A 57 ? 0.0610 0.0610 0.0610 0.0000  0.0000  0.0000  190 TYR A CB   
290 C  CG   . TYR A 57 ? 0.0638 0.0775 0.0890 -0.0012 0.0030  0.0112  190 TYR A CG   
291 C  CD1  . TYR A 57 ? 0.1006 0.1161 0.1282 -0.0028 0.0034  0.0133  190 TYR A CD1  
292 C  CD2  . TYR A 57 ? 0.0776 0.0875 0.1012 -0.0009 0.0023  0.0113  190 TYR A CD2  
293 C  CE1  . TYR A 57 ? 0.1028 0.1149 0.1310 -0.0046 0.0027  0.0159  190 TYR A CE1  
294 C  CE2  . TYR A 57 ? 0.0868 0.0934 0.1110 -0.0019 0.0016  0.0131  190 TYR A CE2  
295 C  CZ   . TYR A 57 ? 0.0875 0.0947 0.1142 -0.0039 0.0015  0.0156  190 TYR A CZ   
296 O  OH   . TYR A 57 ? 0.1038 0.1064 0.1321 -0.0053 -0.0002 0.0176  190 TYR A OH   
297 N  N    . TYR A 58 ? 0.0651 0.0651 0.0651 0.0000  0.0000  0.0000  191 TYR A N    
298 C  CA   . TYR A 58 ? 0.0796 0.0796 0.0796 0.0000  0.0000  0.0000  191 TYR A CA   
299 C  C    . TYR A 58 ? 0.0426 0.0658 0.0807 -0.0027 0.0016  0.0101  191 TYR A C    
300 O  O    . TYR A 58 ? 0.0616 0.0756 0.0857 -0.0006 0.0019  0.0109  191 TYR A O    
301 C  CB   . TYR A 58 ? 0.0774 0.0774 0.0774 0.0000  0.0000  0.0000  191 TYR A CB   
302 C  CG   . TYR A 58 ? 0.0546 0.0549 0.0632 -0.0001 -0.0004 0.0019  191 TYR A CG   
303 C  CD1  . TYR A 58 ? 0.0476 0.0557 0.0804 -0.0006 -0.0036 0.0065  191 TYR A CD1  
304 C  CD2  . TYR A 58 ? 0.0686 0.0686 0.0686 0.0000  0.0000  0.0000  191 TYR A CD2  
305 C  CE1  . TYR A 58 ? 0.0714 0.0714 0.0714 0.0000  0.0000  0.0000  191 TYR A CE1  
306 C  CE2  . TYR A 58 ? 0.0490 0.0562 0.0785 0.0010  -0.0021 0.0011  191 TYR A CE2  
307 C  CZ   . TYR A 58 ? 0.0525 0.0836 0.1107 0.0024  -0.0072 0.0038  191 TYR A CZ   
308 O  OH   . TYR A 58 ? 0.0479 0.0634 0.0940 0.0011  -0.0068 0.0029  191 TYR A OH   
309 N  N    . THR A 59 ? 0.0658 0.0658 0.0658 0.0000  0.0000  0.0000  192 THR A N    
310 C  CA   . THR A 59 ? 0.0699 0.0699 0.0699 0.0000  0.0000  0.0000  192 THR A CA   
311 C  C    . THR A 59 ? 0.0529 0.0851 0.1025 -0.0073 0.0016  0.0137  192 THR A C    
312 O  O    . THR A 59 ? 0.0687 0.1058 0.1233 -0.0104 0.0026  0.0163  192 THR A O    
313 C  CB   . THR A 59 ? 0.0542 0.0639 0.0873 -0.0042 -0.0031 0.0136  192 THR A CB   
314 O  OG1  . THR A 59 ? 0.0664 0.0696 0.0875 -0.0015 -0.0035 0.0089  192 THR A OG1  
315 C  CG2  . THR A 59 ? 0.0611 0.0611 0.0611 0.0000  0.0000  0.0000  192 THR A CG2  
316 N  N    . GLY A 60 ? 0.0593 0.0610 0.0664 -0.0001 -0.0001 0.0035  193 GLY A N    
317 C  CA   . GLY A 60 ? 0.0543 0.0578 0.0699 0.0000  0.0000  0.0074  193 GLY A CA   
318 C  C    . GLY A 60 ? 0.0567 0.1019 0.1224 -0.0045 -0.0017 0.0090  193 GLY A C    
319 O  O    . GLY A 60 ? 0.0468 0.1008 0.1203 -0.0037 -0.0015 0.0077  193 GLY A O    
320 N  N    . ILE A 61 ? 0.0610 0.0616 0.0672 -0.0003 -0.0007 0.0022  194 ILE A N    
321 C  CA   . ILE A 61 ? 0.0759 0.0759 0.0759 0.0000  0.0000  0.0000  194 ILE A CA   
322 C  C    . ILE A 61 ? 0.0556 0.0654 0.0990 -0.0032 -0.0093 0.0092  194 ILE A C    
323 O  O    . ILE A 61 ? 0.0569 0.0575 0.0870 -0.0022 -0.0078 0.0091  194 ILE A O    
324 C  CB   . ILE A 61 ? 0.0690 0.0711 0.0905 -0.0015 -0.0043 0.0080  194 ILE A CB   
325 C  CG1  . ILE A 61 ? 0.0620 0.0667 0.0891 -0.0018 -0.0043 0.0121  194 ILE A CG1  
326 C  CG2  . ILE A 61 ? 0.0706 0.0756 0.1116 -0.0043 -0.0102 0.0125  194 ILE A CG2  
327 C  CD1  . ILE A 61 ? 0.0655 0.0706 0.0944 -0.0027 -0.0058 0.0136  194 ILE A CD1  
328 N  N    . GLY A 62 ? 0.0437 0.0437 0.0437 0.0000  0.0000  0.0000  195 GLY A N    
329 C  CA   . GLY A 62 ? 0.0514 0.0514 0.0514 0.0000  0.0000  0.0000  195 GLY A CA   
330 C  C    . GLY A 62 ? 0.0708 0.0700 0.0839 -0.0008 -0.0045 0.0028  195 GLY A C    
331 O  O    . GLY A 62 ? 0.0557 0.0541 0.0864 -0.0014 -0.0088 0.0050  195 GLY A O    
332 N  N    . ASP A 63 ? 0.0716 0.0716 0.0716 0.0000  0.0000  0.0000  196 ASP A N    
333 C  CA   . ASP A 63 ? 0.0758 0.0758 0.0758 0.0000  0.0000  0.0000  196 ASP A CA   
334 C  C    . ASP A 63 ? 0.0445 0.0467 0.0767 -0.0047 -0.0143 0.0111  196 ASP A C    
335 O  O    . ASP A 63 ? 0.0524 0.0524 0.0524 0.0000  0.0000  0.0000  196 ASP A O    
336 C  CB   . ASP A 63 ? 0.0498 0.0486 0.0576 -0.0014 -0.0046 0.0030  196 ASP A CB   
337 C  CG   . ASP A 63 ? 0.0797 0.0736 0.1066 -0.0076 -0.0206 0.0140  196 ASP A CG   
338 O  OD1  . ASP A 63 ? 0.0765 0.0713 0.0995 -0.0067 -0.0179 0.0122  196 ASP A OD1  
339 O  OD2  . ASP A 63 ? 0.0701 0.0644 0.0953 -0.0090 -0.0249 0.0167  196 ASP A OD2  
340 N  N    . GLN A 64 ? 0.0418 0.0418 0.0418 0.0000  0.0000  0.0000  197 GLN A N    
341 C  CA   . GLN A 64 ? 0.0779 0.0779 0.0779 0.0000  0.0000  0.0000  197 GLN A CA   
342 C  C    . GLN A 64 ? 0.0816 0.0898 0.1154 -0.0067 -0.0085 0.0096  197 GLN A C    
343 O  O    . GLN A 64 ? 0.0726 0.0845 0.1104 -0.0060 -0.0065 0.0098  197 GLN A O    
344 C  CB   . GLN A 64 ? 0.0506 0.0505 0.0600 -0.0013 -0.0038 0.0036  197 GLN A CB   
345 C  CG   . GLN A 64 ? 0.0665 0.0657 0.0771 -0.0017 -0.0052 0.0041  197 GLN A CG   
346 C  CD   . GLN A 64 ? 0.0848 0.0924 0.1269 -0.0107 -0.0180 0.0089  197 GLN A CD   
347 O  OE1  . GLN A 64 ? 0.0862 0.0963 0.1340 -0.0138 -0.0168 0.0089  197 GLN A OE1  
348 N  NE2  . GLN A 64 ? 0.0772 0.0843 0.1205 -0.0107 -0.0212 0.0085  197 GLN A NE2  
349 N  N    . VAL A 65 ? 0.0605 0.0616 0.0751 -0.0018 -0.0047 0.0063  198 VAL A N    
350 C  CA   . VAL A 65 ? 0.0919 0.0919 0.0919 0.0000  0.0000  0.0000  198 VAL A CA   
351 C  C    . VAL A 65 ? 0.0768 0.0801 0.1013 -0.0061 -0.0039 0.0084  198 VAL A C    
352 O  O    . VAL A 65 ? 0.0759 0.0759 0.0761 0.0000  -0.0001 0.0001  198 VAL A O    
353 C  CB   . VAL A 65 ? 0.0449 0.0498 0.0699 -0.0052 -0.0046 0.0093  198 VAL A CB   
354 C  CG1  . VAL A 65 ? 0.0489 0.0508 0.0707 -0.0020 -0.0054 0.0087  198 VAL A CG1  
355 C  CG2  . VAL A 65 ? 0.0718 0.0718 0.0718 0.0000  0.0000  0.0000  198 VAL A CG2  
356 N  N    . GLN A 66 ? 0.0743 0.0754 0.0816 -0.0004 -0.0010 0.0028  199 GLN A N    
357 C  CA   . GLN A 66 ? 0.0675 0.0675 0.0675 0.0000  0.0000  0.0000  199 GLN A CA   
358 C  C    . GLN A 66 ? 0.0964 0.0964 0.0964 0.0000  0.0000  0.0000  199 GLN A C    
359 O  O    . GLN A 66 ? 0.0380 0.0380 0.0380 0.0000  0.0000  0.0000  199 GLN A O    
360 C  CB   . GLN A 66 ? 0.0630 0.0643 0.0780 -0.0007 -0.0022 0.0051  199 GLN A CB   
361 C  CG   . GLN A 66 ? 0.1476 0.1426 0.1743 -0.0051 -0.0039 0.0079  199 GLN A CG   
362 C  CD   . GLN A 66 ? 0.2852 0.2774 0.3160 -0.0071 -0.0057 0.0103  199 GLN A CD   
363 O  OE1  . GLN A 66 ? 0.1389 0.1342 0.1725 -0.0090 -0.0051 0.0132  199 GLN A OE1  
364 N  NE2  . GLN A 66 ? 0.0637 0.0633 0.0806 -0.0010 -0.0048 0.0038  199 GLN A NE2  
365 N  N    . CYS A 67 ? 0.0568 0.0568 0.0568 0.0000  0.0000  0.0000  200 CYS A N    
366 C  CA   . CYS A 67 ? 0.0863 0.0863 0.0863 0.0000  0.0000  0.0000  200 CYS A CA   
367 C  C    . CYS A 67 ? 0.0397 0.0414 0.0620 0.0009  0.0003  0.0055  200 CYS A C    
368 O  O    . CYS A 67 ? 0.0657 0.0657 0.0667 0.0000  -0.0001 0.0002  200 CYS A O    
369 C  CB   . CYS A 67 ? 0.0979 0.0979 0.0979 0.0000  0.0000  0.0000  200 CYS A CB   
370 S  SG   . CYS A 67 ? 0.0640 0.0732 0.0849 0.0024  0.0028  -0.0004 200 CYS A SG   
371 N  N    . PHE A 68 ? 0.0451 0.0451 0.0451 0.0000  0.0000  0.0000  201 PHE A N    
372 C  CA   . PHE A 68 ? 0.0382 0.0382 0.0382 0.0000  0.0000  0.0000  201 PHE A CA   
373 C  C    . PHE A 68 ? 0.0566 0.0566 0.0566 0.0000  0.0000  0.0000  201 PHE A C    
374 O  O    . PHE A 68 ? 0.0702 0.0678 0.0964 0.0063  -0.0035 0.0083  201 PHE A O    
375 C  CB   . PHE A 68 ? 0.0785 0.0785 0.0785 0.0000  0.0000  0.0000  201 PHE A CB   
376 C  CG   . PHE A 68 ? 0.0899 0.0899 0.0899 0.0000  0.0000  0.0000  201 PHE A CG   
377 C  CD1  . PHE A 68 ? 0.0559 0.0683 0.0800 0.0044  0.0015  0.0045  201 PHE A CD1  
378 C  CD2  . PHE A 68 ? 0.0520 0.0624 0.0765 0.0077  -0.0012 0.0066  201 PHE A CD2  
379 C  CE1  . PHE A 68 ? 0.0765 0.0927 0.1028 0.0050  0.0015  0.0026  201 PHE A CE1  
380 C  CE2  . PHE A 68 ? 0.0713 0.0856 0.0981 0.0090  -0.0014 0.0041  201 PHE A CE2  
381 C  CZ   . PHE A 68 ? 0.0728 0.0767 0.0851 0.0017  0.0004  0.0020  201 PHE A CZ   
382 N  N    . ALA A 69 ? 0.0498 0.0498 0.0498 0.0000  0.0000  0.0000  202 ALA A N    
383 C  CA   . ALA A 69 ? 0.0403 0.0403 0.0403 0.0000  0.0000  0.0000  202 ALA A CA   
384 C  C    . ALA A 69 ? 0.0390 0.0391 0.0509 0.0003  -0.0019 -0.0021 202 ALA A C    
385 O  O    . ALA A 69 ? 0.0577 0.0577 0.0577 0.0000  0.0000  0.0000  202 ALA A O    
386 C  CB   . ALA A 69 ? 0.0483 0.0483 0.0483 0.0000  0.0000  0.0000  202 ALA A CB   
387 N  N    . CYS A 70 ? 0.0547 0.0547 0.0547 0.0000  0.0000  0.0000  203 CYS A N    
388 C  CA   . CYS A 70 ? 0.0723 0.0723 0.0723 0.0000  0.0000  0.0000  203 CYS A CA   
389 C  C    . CYS A 70 ? 0.0566 0.0480 0.0830 0.0071  -0.0056 -0.0074 203 CYS A C    
390 O  O    . CYS A 70 ? 0.0530 0.0530 0.0530 0.0000  0.0000  0.0000  203 CYS A O    
391 C  CB   . CYS A 70 ? 0.0793 0.0793 0.0793 0.0000  0.0000  0.0000  203 CYS A CB   
392 S  SG   . CYS A 70 ? 0.0671 0.0731 0.0829 0.0030  -0.0001 -0.0093 203 CYS A SG   
393 N  N    . GLY A 71 ? 0.0508 0.0508 0.0508 0.0000  0.0000  0.0000  204 GLY A N    
394 C  CA   . GLY A 71 ? 0.0572 0.0572 0.0572 0.0000  0.0000  0.0000  204 GLY A CA   
395 C  C    . GLY A 71 ? 0.0838 0.0729 0.1076 0.0003  -0.0066 -0.0028 204 GLY A C    
396 O  O    . GLY A 71 ? 0.0576 0.0558 0.0763 0.0002  -0.0062 -0.0006 204 GLY A O    
397 N  N    . GLY A 72 ? 0.0754 0.0695 0.0953 0.0012  -0.0046 -0.0054 205 GLY A N    
398 C  CA   . GLY A 72 ? 0.0780 0.0742 0.0939 -0.0002 -0.0047 -0.0069 205 GLY A CA   
399 C  C    . GLY A 72 ? 0.1069 0.1035 0.1230 -0.0029 -0.0049 -0.0027 205 GLY A C    
400 O  O    . GLY A 72 ? 0.0888 0.0871 0.1062 -0.0033 -0.0034 0.0005  205 GLY A O    
401 N  N    . LYS A 73 ? 0.0618 0.0613 0.0642 0.0001  -0.0011 -0.0002 206 LYS A N    
402 C  CA   . LYS A 73 ? 0.0556 0.0552 0.0577 -0.0001 -0.0011 0.0003  206 LYS A CA   
403 C  C    . LYS A 73 ? 0.0484 0.0473 0.0604 -0.0071 -0.0088 0.0002  206 LYS A C    
404 O  O    . LYS A 73 ? 0.0524 0.0524 0.0524 0.0000  0.0000  0.0000  206 LYS A O    
405 C  CB   . LYS A 73 ? 0.0849 0.0784 0.1059 -0.0071 -0.0109 0.0003  206 LYS A CB   
406 C  CG   . LYS A 73 ? 0.0651 0.0634 0.0761 -0.0006 -0.0049 0.0015  206 LYS A CG   
407 C  CD   . LYS A 73 ? 0.1064 0.0928 0.1384 -0.0104 -0.0146 0.0014  206 LYS A CD   
408 C  CE   . LYS A 73 ? 0.0729 0.0551 0.1098 -0.0112 -0.0153 0.0037  206 LYS A CE   
409 N  NZ   . LYS A 73 ? 0.1551 0.1329 0.1980 -0.0140 -0.0194 0.0035  206 LYS A NZ   
410 N  N    . LEU A 74 ? 0.0458 0.0458 0.0458 0.0000  0.0000  0.0000  207 LEU A N    
411 C  CA   . LEU A 74 ? 0.0647 0.0647 0.0647 0.0000  0.0000  0.0000  207 LEU A CA   
412 C  C    . LEU A 74 ? 0.0676 0.0691 0.0801 -0.0094 -0.0123 0.0078  207 LEU A C    
413 O  O    . LEU A 74 ? 0.0760 0.0751 0.0886 -0.0051 -0.0101 0.0092  207 LEU A O    
414 C  CB   . LEU A 74 ? 0.0655 0.0655 0.0655 0.0000  0.0000  0.0000  207 LEU A CB   
415 C  CG   . LEU A 74 ? 0.0546 0.0616 0.0564 -0.0086 -0.0047 0.0048  207 LEU A CG   
416 C  CD1  . LEU A 74 ? 0.0793 0.0889 0.0818 -0.0092 -0.0021 0.0067  207 LEU A CD1  
417 C  CD2  . LEU A 74 ? 0.0485 0.0584 0.0431 -0.0095 -0.0057 0.0033  207 LEU A CD2  
418 N  N    . LYS A 75 ? 0.0626 0.0618 0.0637 -0.0018 -0.0028 0.0022  208 LYS A N    
419 C  CA   . LYS A 75 ? 0.0709 0.0709 0.0709 0.0000  0.0000  0.0000  208 LYS A CA   
420 C  C    . LYS A 75 ? 0.0790 0.0804 0.0873 -0.0113 -0.0223 0.0132  208 LYS A C    
421 O  O    . LYS A 75 ? 0.0835 0.0858 0.0841 -0.0124 -0.0213 0.0138  208 LYS A O    
422 C  CB   . LYS A 75 ? 0.0708 0.0662 0.0798 -0.0052 -0.0117 0.0076  208 LYS A CB   
423 C  CG   . LYS A 75 ? 0.1089 0.1106 0.1233 -0.0115 -0.0240 0.0060  208 LYS A CG   
424 C  CD   . LYS A 75 ? 0.1574 0.1598 0.1788 -0.0123 -0.0271 0.0045  208 LYS A CD   
425 C  CE   . LYS A 75 ? 0.2551 0.2562 0.2723 -0.0132 -0.0302 0.0006  208 LYS A CE   
426 N  NZ   . LYS A 75 ? 0.3939 0.3963 0.4056 -0.0133 -0.0347 0.0009  208 LYS A NZ   
427 N  N    . ASN A 76 ? 0.0671 0.0671 0.0671 0.0000  0.0000  0.0000  209 ASN A N    
428 C  CA   . ASN A 76 ? 0.0670 0.0626 0.0713 -0.0074 -0.0119 0.0089  209 ASN A CA   
429 C  C    . ASN A 76 ? 0.0994 0.0976 0.1019 -0.0131 -0.0295 0.0228  209 ASN A C    
430 O  O    . ASN A 76 ? 0.0801 0.0769 0.0802 -0.0183 -0.0231 0.0205  209 ASN A O    
431 C  CB   . ASN A 76 ? 0.0665 0.0586 0.0687 -0.0114 -0.0170 0.0121  209 ASN A CB   
432 C  CG   . ASN A 76 ? 0.2136 0.2162 0.2221 -0.0121 -0.0358 0.0136  209 ASN A CG   
433 O  OD1  . ASN A 76 ? 0.1934 0.1968 0.1982 -0.0127 -0.0364 0.0102  209 ASN A OD1  
434 N  ND2  . ASN A 76 ? 0.0999 0.1031 0.1186 -0.0108 -0.0365 0.0137  209 ASN A ND2  
435 N  N    . TRP A 77 ? 0.0707 0.0690 0.0751 -0.0060 -0.0089 0.0076  210 TRP A N    
436 C  CA   . TRP A 77 ? 0.0688 0.0667 0.0779 -0.0135 -0.0186 0.0173  210 TRP A CA   
437 C  C    . TRP A 77 ? 0.1512 0.1423 0.1563 -0.0151 -0.0325 0.0327  210 TRP A C    
438 O  O    . TRP A 77 ? 0.1035 0.0925 0.1140 -0.0131 -0.0372 0.0326  210 TRP A O    
439 C  CB   . TRP A 77 ? 0.0676 0.0666 0.0739 -0.0050 -0.0081 0.0073  210 TRP A CB   
440 C  CG   . TRP A 77 ? 0.0733 0.0732 0.0773 -0.0029 -0.0045 0.0044  210 TRP A CG   
441 C  CD1  . TRP A 77 ? 0.0783 0.0764 0.0964 -0.0094 -0.0178 0.0173  210 TRP A CD1  
442 C  CD2  . TRP A 77 ? 0.0782 0.0782 0.0782 0.0000  0.0000  0.0000  210 TRP A CD2  
443 N  NE1  . TRP A 77 ? 0.0797 0.0797 0.0961 -0.0094 -0.0136 0.0154  210 TRP A NE1  
444 C  CE2  . TRP A 77 ? 0.0891 0.0892 0.1009 -0.0111 -0.0122 0.0171  210 TRP A CE2  
445 C  CE3  . TRP A 77 ? 0.0673 0.0708 0.0731 -0.0088 -0.0097 0.0118  210 TRP A CE3  
446 C  CZ2  . TRP A 77 ? 0.0733 0.0768 0.0792 -0.0054 -0.0063 0.0086  210 TRP A CZ2  
447 C  CZ3  . TRP A 77 ? 0.0677 0.0757 0.0743 -0.0136 -0.0122 0.0182  210 TRP A CZ3  
448 C  CH2  . TRP A 77 ? 0.0742 0.0801 0.0807 -0.0123 -0.0084 0.0166  210 TRP A CH2  
449 N  N    . GLU A 78 ? 0.1120 0.1029 0.1103 -0.0185 -0.0325 0.0378  211 GLU A N    
450 C  CA   . GLU A 78 ? 0.1063 0.0932 0.1025 -0.0203 -0.0386 0.0446  211 GLU A CA   
451 C  C    . GLU A 78 ? 0.1195 0.1024 0.1181 -0.0228 -0.0389 0.0496  211 GLU A C    
452 O  O    . GLU A 78 ? 0.1088 0.0951 0.1056 -0.0247 -0.0335 0.0490  211 GLU A O    
453 C  CB   . GLU A 78 ? 0.1345 0.1261 0.1184 -0.0232 -0.0389 0.0479  211 GLU A CB   
454 C  CG   . GLU A 78 ? 0.2464 0.2407 0.2275 -0.0212 -0.0408 0.0437  211 GLU A CG   
455 C  CD   . GLU A 78 ? 0.4393 0.4391 0.4071 -0.0237 -0.0411 0.0454  211 GLU A CD   
456 O  OE1  . GLU A 78 ? 0.1921 0.1923 0.1526 -0.0272 -0.0425 0.0528  211 GLU A OE1  
457 O  OE2  . GLU A 78 ? 0.3273 0.3312 0.2918 -0.0222 -0.0400 0.0395  211 GLU A OE2  
458 N  N    . PRO A 79 ? 0.0799 0.0699 0.0956 -0.0274 -0.0413 0.0400  212 PRO A N    
459 C  CA   . PRO A 79 ? 0.0748 0.0692 0.0972 -0.0300 -0.0426 0.0389  212 PRO A CA   
460 C  C    . PRO A 79 ? 0.1375 0.1139 0.1334 -0.0320 -0.0427 0.0657  212 PRO A C    
461 O  O    . PRO A 79 ? 0.1214 0.1077 0.1125 -0.0342 -0.0419 0.0630  212 PRO A O    
462 C  CB   . PRO A 79 ? 0.1028 0.0781 0.1208 -0.0295 -0.0533 0.0549  212 PRO A CB   
463 C  CG   . PRO A 79 ? 0.1548 0.1173 0.1690 -0.0207 -0.0587 0.0606  212 PRO A CG   
464 C  CD   . PRO A 79 ? 0.1022 0.0800 0.1147 -0.0235 -0.0498 0.0486  212 PRO A CD   
465 N  N    . GLY A 80 ? 0.1256 0.1029 0.1241 -0.0348 -0.0391 0.0666  213 GLY A N    
466 C  CA   . GLY A 80 ? 0.1421 0.1274 0.1326 -0.0401 -0.0342 0.0709  213 GLY A CA   
467 C  C    . GLY A 80 ? 0.1543 0.1488 0.1426 -0.0385 -0.0263 0.0634  213 GLY A C    
468 O  O    . GLY A 80 ? 0.1545 0.1559 0.1403 -0.0421 -0.0215 0.0654  213 GLY A O    
469 N  N    . ASP A 81 ? 0.1042 0.1014 0.0965 -0.0328 -0.0252 0.0529  214 ASP A N    
470 C  CA   . ASP A 81 ? 0.0734 0.0880 0.0760 -0.0279 -0.0216 0.0345  214 ASP A CA   
471 C  C    . ASP A 81 ? 0.1012 0.1022 0.0986 -0.0313 -0.0162 0.0466  214 ASP A C    
472 O  O    . ASP A 81 ? 0.0823 0.0905 0.0946 -0.0253 -0.0236 0.0352  214 ASP A O    
473 C  CB   . ASP A 81 ? 0.0785 0.0873 0.0790 -0.0246 -0.0198 0.0320  214 ASP A CB   
474 C  CG   . ASP A 81 ? 0.1279 0.1309 0.1128 -0.0249 -0.0198 0.0394  214 ASP A CG   
475 O  OD1  . ASP A 81 ? 0.0868 0.1021 0.0795 -0.0279 -0.0197 0.0314  214 ASP A OD1  
476 O  OD2  . ASP A 81 ? 0.0959 0.0973 0.0846 -0.0215 -0.0210 0.0343  214 ASP A OD2  
477 N  N    . ARG A 82 ? 0.0964 0.1053 0.0927 -0.0313 -0.0108 0.0431  215 ARG A N    
478 C  CA   . ARG A 82 ? 0.0847 0.0963 0.0893 -0.0285 -0.0104 0.0373  215 ARG A CA   
479 C  C    . ARG A 82 ? 0.1087 0.1202 0.1125 -0.0261 -0.0053 0.0330  215 ARG A C    
480 O  O    . ARG A 82 ? 0.1030 0.1198 0.1009 -0.0253 -0.0027 0.0305  215 ARG A O    
481 C  CB   . ARG A 82 ? 0.1079 0.1239 0.1113 -0.0357 -0.0052 0.0443  215 ARG A CB   
482 C  CG   . ARG A 82 ? 0.1693 0.1814 0.1740 -0.0414 -0.0090 0.0533  215 ARG A CG   
483 C  CD   . ARG A 82 ? 0.2369 0.2413 0.2520 -0.0419 -0.0126 0.0536  215 ARG A CD   
484 N  NE   . ARG A 82 ? 0.1775 0.1726 0.1972 -0.0368 -0.0171 0.0493  215 ARG A NE   
485 C  CZ   . ARG A 82 ? 0.3906 0.3772 0.4113 -0.0366 -0.0230 0.0528  215 ARG A CZ   
486 N  NH1  . ARG A 82 ? 0.2370 0.2220 0.2540 -0.0415 -0.0258 0.0613  215 ARG A NH1  
487 N  NH2  . ARG A 82 ? 0.2130 0.1933 0.2387 -0.0315 -0.0263 0.0478  215 ARG A NH2  
488 N  N    . ALA A 83 ? 0.0633 0.0651 0.0644 -0.0015 -0.0014 0.0022  216 ALA A N    
489 C  CA   . ALA A 83 ? 0.0774 0.0774 0.0774 0.0000  0.0000  0.0000  216 ALA A CA   
490 C  C    . ALA A 83 ? 0.0963 0.1131 0.1055 -0.0190 0.0009  0.0207  216 ALA A C    
491 O  O    . ALA A 83 ? 0.0770 0.0943 0.0803 -0.0113 -0.0026 0.0130  216 ALA A O    
492 C  CB   . ALA A 83 ? 0.0671 0.0706 0.0721 -0.0030 -0.0034 0.0059  216 ALA A CB   
493 N  N    . TRP A 84 ? 0.0747 0.0952 0.0858 -0.0203 0.0015  0.0215  217 TRP A N    
494 C  CA   . TRP A 84 ? 0.0832 0.1127 0.0950 -0.0210 0.0066  0.0196  217 TRP A CA   
495 C  C    . TRP A 84 ? 0.1104 0.1463 0.1147 -0.0217 0.0091  0.0192  217 TRP A C    
496 O  O    . TRP A 84 ? 0.0777 0.1173 0.0806 -0.0183 0.0112  0.0140  217 TRP A O    
497 C  CB   . TRP A 84 ? 0.0726 0.1023 0.0847 -0.0190 0.0031  0.0188  217 TRP A CB   
498 C  CG   . TRP A 84 ? 0.0860 0.1295 0.1050 -0.0232 0.0117  0.0184  217 TRP A CG   
499 C  CD1  . TRP A 84 ? 0.1252 0.1790 0.1410 -0.0245 0.0155  0.0181  217 TRP A CD1  
500 C  CD2  . TRP A 84 ? 0.0803 0.1248 0.1053 -0.0200 0.0119  0.0141  217 TRP A CD2  
501 N  NE1  . TRP A 84 ? 0.1191 0.1805 0.1398 -0.0219 0.0182  0.0134  217 TRP A NE1  
502 C  CE2  . TRP A 84 ? 0.1276 0.1829 0.1540 -0.0193 0.0157  0.0113  217 TRP A CE2  
503 C  CE3  . TRP A 84 ? 0.0983 0.1365 0.1275 -0.0175 0.0091  0.0122  217 TRP A CE3  
504 C  CZ2  . TRP A 84 ? 0.1251 0.1841 0.1575 -0.0161 0.0161  0.0071  217 TRP A CZ2  
505 C  CZ3  . TRP A 84 ? 0.1183 0.1604 0.1522 -0.0149 0.0097  0.0086  217 TRP A CZ3  
506 C  CH2  . TRP A 84 ? 0.1247 0.1764 0.1604 -0.0141 0.0129  0.0063  217 TRP A CH2  
507 N  N    . SER A 85 ? 0.0760 0.1112 0.0754 -0.0223 0.0037  0.0213  218 SER A N    
508 C  CA   . SER A 85 ? 0.0916 0.1362 0.0825 -0.0270 0.0104  0.0251  218 SER A CA   
509 C  C    . SER A 85 ? 0.1055 0.1471 0.0915 -0.0232 0.0091  0.0203  218 SER A C    
510 O  O    . SER A 85 ? 0.0861 0.1329 0.0715 -0.0198 0.0084  0.0133  218 SER A O    
511 C  CB   . SER A 85 ? 0.1460 0.1912 0.1325 -0.0326 0.0089  0.0336  218 SER A CB   
512 O  OG   . SER A 85 ? 0.3069 0.3551 0.2991 -0.0369 0.0100  0.0381  218 SER A OG   
513 N  N    . GLU A 86 ? 0.0594 0.0861 0.0565 -0.0141 -0.0043 0.0102  219 GLU A N    
514 C  CA   . GLU A 86 ? 0.0599 0.0871 0.0560 -0.0146 -0.0039 0.0090  219 GLU A CA   
515 C  C    . GLU A 86 ? 0.0796 0.1089 0.0675 -0.0149 0.0048  0.0100  219 GLU A C    
516 O  O    . GLU A 86 ? 0.0704 0.1012 0.0564 -0.0125 0.0042  0.0047  219 GLU A O    
517 C  CB   . GLU A 86 ? 0.0662 0.0882 0.0606 -0.0165 -0.0053 0.0137  219 GLU A CB   
518 C  CG   . GLU A 86 ? 0.1722 0.1904 0.1553 -0.0219 -0.0052 0.0258  219 GLU A CG   
519 C  CD   . GLU A 86 ? 0.2765 0.3003 0.2498 -0.0235 -0.0053 0.0266  219 GLU A CD   
520 O  OE1  . GLU A 86 ? 0.1291 0.1516 0.0993 -0.0216 -0.0078 0.0235  219 GLU A OE1  
521 O  OE2  . GLU A 86 ? 0.1540 0.1842 0.1223 -0.0269 -0.0030 0.0306  219 GLU A OE2  
522 N  N    . HIS A 87 ? 0.0481 0.0481 0.0481 0.0000  0.0000  0.0000  220 HIS A N    
523 C  CA   . HIS A 87 ? 0.0426 0.0426 0.0426 0.0000  0.0000  0.0000  220 HIS A CA   
524 C  C    . HIS A 87 ? 0.0686 0.0686 0.0686 0.0000  0.0000  0.0000  220 HIS A C    
525 O  O    . HIS A 87 ? 0.0380 0.0380 0.0380 0.0000  0.0000  0.0000  220 HIS A O    
526 C  CB   . HIS A 87 ? 0.0416 0.0416 0.0416 0.0000  0.0000  0.0000  220 HIS A CB   
527 C  CG   . HIS A 87 ? 0.0620 0.0620 0.0620 0.0000  0.0000  0.0000  220 HIS A CG   
528 N  ND1  . HIS A 87 ? 0.0583 0.0583 0.0583 0.0000  0.0000  0.0000  220 HIS A ND1  
529 C  CD2  . HIS A 87 ? 0.0480 0.0480 0.0480 0.0000  0.0000  0.0000  220 HIS A CD2  
530 C  CE1  . HIS A 87 ? 0.0591 0.0591 0.0591 0.0000  0.0000  0.0000  220 HIS A CE1  
531 N  NE2  . HIS A 87 ? 0.0505 0.0505 0.0505 0.0000  0.0000  0.0000  220 HIS A NE2  
532 N  N    . ARG A 88 ? 0.0488 0.0488 0.0488 0.0000  0.0000  0.0000  221 ARG A N    
533 C  CA   . ARG A 88 ? 0.0444 0.0798 0.0433 -0.0074 0.0007  -0.0035 221 ARG A CA   
534 C  C    . ARG A 88 ? 0.0858 0.1433 0.0744 -0.0086 0.0169  -0.0056 221 ARG A C    
535 O  O    . ARG A 88 ? 0.0849 0.1457 0.0738 -0.0046 0.0177  -0.0129 221 ARG A O    
536 C  CB   . ARG A 88 ? 0.0709 0.1324 0.0699 -0.0132 0.0195  0.0019  221 ARG A CB   
537 C  CG   . ARG A 88 ? 0.0900 0.1659 0.0887 -0.0124 0.0241  -0.0020 221 ARG A CG   
538 C  CD   . ARG A 88 ? 0.1490 0.2269 0.1539 -0.0066 0.0248  -0.0098 221 ARG A CD   
539 N  NE   . ARG A 88 ? 0.1661 0.2592 0.1707 -0.0053 0.0292  -0.0145 221 ARG A NE   
540 C  CZ   . ARG A 88 ? 0.3222 0.4192 0.3296 0.0008  0.0299  -0.0231 221 ARG A CZ   
541 N  NH1  . ARG A 88 ? 0.1335 0.2194 0.1447 0.0054  0.0259  -0.0270 221 ARG A NH1  
542 N  NH2  . ARG A 88 ? 0.1740 0.2866 0.1810 0.0020  0.0343  -0.0279 221 ARG A NH2  
543 N  N    . ARG A 89 ? 0.0722 0.1292 0.0542 -0.0123 0.0154  -0.0010 222 ARG A N    
544 C  CA   . ARG A 89 ? 0.0997 0.1628 0.0722 -0.0119 0.0161  -0.0039 222 ARG A CA   
545 C  C    . ARG A 89 ? 0.1303 0.1864 0.1022 -0.0077 0.0126  -0.0107 222 ARG A C    
546 O  O    . ARG A 89 ? 0.1320 0.1938 0.0999 -0.0049 0.0133  -0.0175 222 ARG A O    
547 C  CB   . ARG A 89 ? 0.1174 0.1820 0.0823 -0.0171 0.0151  0.0039  222 ARG A CB   
548 C  CG   . ARG A 89 ? 0.2335 0.2879 0.1954 -0.0177 0.0096  0.0065  222 ARG A CG   
549 C  CD   . ARG A 89 ? 0.3141 0.3705 0.2691 -0.0227 0.0082  0.0151  222 ARG A CD   
550 N  NE   . ARG A 89 ? 0.4004 0.4464 0.3554 -0.0231 0.0024  0.0183  222 ARG A NE   
551 C  CZ   . ARG A 89 ? 0.5209 0.5661 0.4692 -0.0222 -0.0010 0.0166  222 ARG A CZ   
552 N  NH1  . ARG A 89 ? 0.2983 0.3516 0.2385 -0.0207 0.0006  0.0110  222 ARG A NH1  
553 N  NH2  . ARG A 89 ? 0.2130 0.2494 0.1632 -0.0224 -0.0064 0.0196  222 ARG A NH2  
554 N  N    . HIS A 90 ? 0.0672 0.1116 0.0460 -0.0072 0.0082  -0.0090 223 HIS A N    
555 C  CA   . HIS A 90 ? 0.0672 0.1050 0.0623 -0.0048 0.0023  -0.0105 223 HIS A CA   
556 C  C    . HIS A 90 ? 0.0670 0.1020 0.0630 -0.0009 0.0026  -0.0159 223 HIS A C    
557 O  O    . HIS A 90 ? 0.0891 0.1195 0.0747 0.0027  0.0024  -0.0258 223 HIS A O    
558 C  CB   . HIS A 90 ? 0.0745 0.1031 0.0651 -0.0063 0.0012  -0.0073 223 HIS A CB   
559 C  CG   . HIS A 90 ? 0.1237 0.1534 0.0967 -0.0094 -0.0006 -0.0049 223 HIS A CG   
560 N  ND1  . HIS A 90 ? 0.1542 0.1891 0.1183 -0.0093 -0.0014 -0.0081 223 HIS A ND1  
561 C  CD2  . HIS A 90 ? 0.1380 0.1643 0.1116 -0.0122 -0.0026 0.0020  223 HIS A CD2  
562 C  CE1  . HIS A 90 ? 0.1576 0.1922 0.1170 -0.0123 -0.0038 -0.0021 223 HIS A CE1  
563 N  NE2  . HIS A 90 ? 0.1579 0.1866 0.1233 -0.0140 -0.0048 0.0040  223 HIS A NE2  
564 N  N    . PHE A 91 ? 0.0477 0.0477 0.0477 0.0000  0.0000  0.0000  224 PHE A N    
565 C  CA   . PHE A 91 ? 0.0483 0.0483 0.0483 0.0000  0.0000  0.0000  224 PHE A CA   
566 C  C    . PHE A 91 ? 0.0852 0.1259 0.0859 0.0064  0.0103  -0.0254 224 PHE A C    
567 O  O    . PHE A 91 ? 0.0666 0.1075 0.0725 0.0061  0.0114  -0.0222 224 PHE A O    
568 C  CB   . PHE A 91 ? 0.0718 0.0718 0.0718 0.0000  0.0000  0.0000  224 PHE A CB   
569 C  CG   . PHE A 91 ? 0.0681 0.0722 0.0699 0.0001  -0.0001 -0.0028 224 PHE A CG   
570 C  CD1  . PHE A 91 ? 0.0979 0.1074 0.1018 0.0034  -0.0022 -0.0198 224 PHE A CD1  
571 C  CD2  . PHE A 91 ? 0.0774 0.0915 0.0782 -0.0016 0.0008  -0.0100 224 PHE A CD2  
572 C  CE1  . PHE A 91 ? 0.1103 0.1145 0.1138 0.0014  -0.0054 -0.0180 224 PHE A CE1  
573 C  CE2  . PHE A 91 ? 0.1042 0.1134 0.1051 -0.0029 -0.0023 -0.0086 224 PHE A CE2  
574 C  CZ   . PHE A 91 ? 0.0906 0.0954 0.0927 -0.0017 -0.0052 -0.0124 224 PHE A CZ   
575 N  N    . PRO A 92 ? 0.0820 0.1316 0.0796 0.0088  0.0122  -0.0319 225 PRO A N    
576 C  CA   . PRO A 92 ? 0.0699 0.1292 0.0730 0.0093  0.0127  -0.0331 225 PRO A CA   
577 C  C    . PRO A 92 ? 0.0946 0.1516 0.1052 0.0159  0.0144  -0.0392 225 PRO A C    
578 O  O    . PRO A 92 ? 0.0623 0.1241 0.0776 0.0136  0.0112  -0.0368 225 PRO A O    
579 C  CB   . PRO A 92 ? 0.1055 0.1771 0.1006 0.0131  0.0183  -0.0424 225 PRO A CB   
580 C  CG   . PRO A 92 ? 0.1728 0.2350 0.1636 0.0141  0.0137  -0.0456 225 PRO A CG   
581 C  CD   . PRO A 92 ? 0.1204 0.1717 0.1108 0.0097  0.0110  -0.0369 225 PRO A CD   
582 N  N    . ASN A 93 ? 0.0792 0.1239 0.0925 0.0181  0.0096  -0.0406 226 ASN A N    
583 C  CA   . ASN A 93 ? 0.0899 0.1291 0.1119 0.0225  0.0069  -0.0430 226 ASN A CA   
584 C  C    . ASN A 93 ? 0.1194 0.1546 0.1449 0.0201  0.0066  -0.0353 226 ASN A C    
585 O  O    . ASN A 93 ? 0.1252 0.1591 0.1572 0.0232  0.0051  -0.0362 226 ASN A O    
586 C  CB   . ASN A 93 ? 0.0755 0.1042 0.0996 0.0203  -0.0026 -0.0414 226 ASN A CB   
587 C  CG   . ASN A 93 ? 0.2623 0.2797 0.2829 0.0203  -0.0008 -0.0396 226 ASN A CG   
588 O  OD1  . ASN A 93 ? 0.0960 0.1158 0.1102 0.0168  0.0006  -0.0373 226 ASN A OD1  
589 N  ND2  . ASN A 93 ? 0.1652 0.1731 0.1906 0.0200  -0.0040 -0.0355 226 ASN A ND2  
590 N  N    . CYS A 94 ? 0.0579 0.0859 0.0739 0.0065  -0.0010 -0.0219 227 CYS A N    
591 C  CA   . CYS A 94 ? 0.0506 0.0609 0.0573 0.0014  -0.0012 -0.0085 227 CYS A CA   
592 C  C    . CYS A 94 ? 0.0589 0.0950 0.0851 0.0118  0.0076  -0.0211 227 CYS A C    
593 O  O    . CYS A 94 ? 0.0553 0.0651 0.0590 0.0005  -0.0003 -0.0059 227 CYS A O    
594 C  CB   . CYS A 94 ? 0.0795 0.0795 0.0795 0.0000  0.0000  0.0000  227 CYS A CB   
595 S  SG   . CYS A 94 ? 0.0616 0.0647 0.0643 0.0000  0.0000  -0.0029 227 CYS A SG   
596 N  N    . PHE A 95 ? 0.0627 0.0765 0.0735 0.0024  -0.0022 -0.0127 228 PHE A N    
597 C  CA   . PHE A 95 ? 0.0600 0.0739 0.0697 0.0023  -0.0019 -0.0119 228 PHE A CA   
598 C  C    . PHE A 95 ? 0.0530 0.0951 0.0886 0.0113  0.0084  -0.0161 228 PHE A C    
599 O  O    . PHE A 95 ? 0.0630 0.1161 0.1045 0.0110  0.0111  -0.0166 228 PHE A O    
600 C  CB   . PHE A 95 ? 0.0617 0.0839 0.0859 0.0090  -0.0023 -0.0191 228 PHE A CB   
601 C  CG   . PHE A 95 ? 0.0649 0.0872 0.1003 0.0157  -0.0008 -0.0164 228 PHE A CG   
602 C  CD1  . PHE A 95 ? 0.0676 0.0876 0.0989 0.0122  -0.0007 -0.0119 228 PHE A CD1  
603 C  CD2  . PHE A 95 ? 0.0698 0.0859 0.1091 0.0196  -0.0036 -0.0170 228 PHE A CD2  
604 C  CE1  . PHE A 95 ? 0.0753 0.0953 0.1146 0.0172  -0.0017 -0.0083 228 PHE A CE1  
605 C  CE2  . PHE A 95 ? 0.1059 0.1159 0.1474 0.0214  -0.0054 -0.0119 228 PHE A CE2  
606 C  CZ   . PHE A 95 ? 0.0813 0.0933 0.1205 0.0188  -0.0045 -0.0075 228 PHE A CZ   
607 N  N    . PHE A 96 ? 0.0428 0.0428 0.0428 0.0000  0.0000  0.0000  229 PHE A N    
608 C  CA   . PHE A 96 ? 0.0613 0.0613 0.0613 0.0000  0.0000  0.0000  229 PHE A CA   
609 C  C    . PHE A 96 ? 0.0815 0.1257 0.1142 0.0019  0.0114  -0.0066 229 PHE A C    
610 O  O    . PHE A 96 ? 0.0598 0.0971 0.0856 -0.0008 0.0084  -0.0048 229 PHE A O    
611 C  CB   . PHE A 96 ? 0.0497 0.0571 0.0590 0.0006  0.0015  -0.0037 229 PHE A CB   
612 C  CG   . PHE A 96 ? 0.0603 0.0838 0.0864 0.0021  0.0048  -0.0019 229 PHE A CG   
613 C  CD1  . PHE A 96 ? 0.0857 0.1159 0.1204 0.0042  0.0043  -0.0024 229 PHE A CD1  
614 C  CD2  . PHE A 96 ? 0.0692 0.0924 0.0945 -0.0006 0.0053  0.0004  229 PHE A CD2  
615 C  CE1  . PHE A 96 ? 0.1076 0.1377 0.1431 0.0025  0.0030  -0.0011 229 PHE A CE1  
616 C  CE2  . PHE A 96 ? 0.1068 0.1333 0.1378 -0.0023 0.0048  0.0019  229 PHE A CE2  
617 C  CZ   . PHE A 96 ? 0.0852 0.1132 0.1193 -0.0006 0.0033  0.0006  229 PHE A CZ   
618 N  N    . VAL A 97 ? 0.0610 0.0921 0.0773 -0.0002 0.0072  -0.0065 230 VAL A N    
619 C  CA   . VAL A 97 ? 0.0669 0.0961 0.0752 -0.0031 0.0051  -0.0045 230 VAL A CA   
620 C  C    . VAL A 97 ? 0.0828 0.1463 0.1095 -0.0032 0.0191  -0.0075 230 VAL A C    
621 O  O    . VAL A 97 ? 0.0708 0.1413 0.0947 -0.0072 0.0217  -0.0049 230 VAL A O    
622 C  CB   . VAL A 97 ? 0.0904 0.1360 0.1097 -0.0065 0.0143  -0.0008 230 VAL A CB   
623 C  CG1  . VAL A 97 ? 0.0806 0.1174 0.1010 -0.0074 0.0112  0.0024  230 VAL A CG1  
624 C  CG2  . VAL A 97 ? 0.0858 0.1286 0.1006 -0.0038 0.0138  -0.0043 230 VAL A CG2  
625 N  N    . LEU A 98 ? 0.0587 0.1255 0.0894 0.0017  0.0193  -0.0132 231 LEU A N    
626 C  CA   . LEU A 98 ? 0.1191 0.1987 0.1513 0.0035  0.0228  -0.0181 231 LEU A CA   
627 C  C    . LEU A 98 ? 0.0774 0.1697 0.1142 -0.0004 0.0263  -0.0156 231 LEU A C    
628 O  O    . LEU A 98 ? 0.1203 0.2113 0.1631 -0.0019 0.0246  -0.0130 231 LEU A O    
629 C  CB   . LEU A 98 ? 0.1334 0.2122 0.1714 0.0103  0.0210  -0.0248 231 LEU A CB   
630 C  CG   . LEU A 98 ? 0.2164 0.3076 0.2563 0.0141  0.0240  -0.0321 231 LEU A CG   
631 C  CD1  . LEU A 98 ? 0.2347 0.3199 0.2697 0.0180  0.0223  -0.0375 231 LEU A CD1  
632 C  CD2  . LEU A 98 ? 0.2684 0.3650 0.3182 0.0186  0.0233  -0.0363 231 LEU A CD2  
633 O  OXT  . LEU A 98 ? 0.1298 0.2342 0.1644 -0.0022 0.0305  -0.0164 231 LEU A OXT  
634 N  N    . MAA B 1  ? 0.1677 0.1778 0.1443 -0.0199 -0.0176 0.0260  1   MAA B N    
635 C  CM   . MAA B 1  ? 0.1342 0.1450 0.1033 -0.0214 -0.0219 0.0295  1   MAA B CM   
636 C  CA   . MAA B 1  ? 0.1153 0.1231 0.0984 -0.0168 -0.0177 0.0203  1   MAA B CA   
637 C  CB   . MAA B 1  ? 0.1349 0.1415 0.1252 -0.0155 -0.0140 0.0188  1   MAA B CB   
638 C  C    . MAA B 1  ? 0.1431 0.1542 0.1212 -0.0157 -0.0166 0.0146  1   MAA B C    
639 O  O    . MAA B 1  ? 0.1273 0.1438 0.0980 -0.0165 -0.0142 0.0136  1   MAA B O    
640 H  H    . MAA B 1  ? 0.1680 0.1824 0.1414 -0.0206 -0.0140 0.0251  1   MAA B H    
641 H  HM1  . MAA B 1  ? 0.1386 0.1544 0.1008 -0.0216 -0.0207 0.0268  1   MAA B HM1  
642 H  HM2  . MAA B 1  ? 0.1341 0.1416 0.1063 -0.0202 -0.0261 0.0292  1   MAA B HM2  
643 H  HM3  . MAA B 1  ? 0.1394 0.1501 0.1062 -0.0240 -0.0229 0.0355  1   MAA B HM3  
644 H  HA   . MAA B 1  ? 0.1142 0.1188 0.1008 -0.0162 -0.0212 0.0214  1   MAA B HA   
645 H  HB1  . MAA B 1  ? 0.1329 0.1364 0.1281 -0.0154 -0.0157 0.0212  1   MAA B HB1  
646 H  HB2  . MAA B 1  ? 0.1310 0.1369 0.1243 -0.0137 -0.0132 0.0149  1   MAA B HB2  
647 H  HB3  . MAA B 1  ? 0.1356 0.1451 0.1236 -0.0164 -0.0110 0.0192  1   MAA B HB3  
648 N  N    . VAL B 2  ? 0.1042 0.1128 0.0869 -0.0139 -0.0187 0.0107  2   VAL B N    
649 C  CA   . VAL B 2  ? 0.1343 0.1446 0.1136 -0.0128 -0.0189 0.0046  2   VAL B CA   
650 C  C    . VAL B 2  ? 0.1214 0.1290 0.1082 -0.0110 -0.0168 0.0007  2   VAL B C    
651 O  O    . VAL B 2  ? 0.0997 0.1042 0.0939 -0.0109 -0.0167 0.0026  2   VAL B O    
652 C  CB   . VAL B 2  ? 0.1545 0.1640 0.1318 -0.0131 -0.0244 0.0033  2   VAL B CB   
653 C  CG1  . VAL B 2  ? 0.1706 0.1823 0.1402 -0.0149 -0.0273 0.0084  2   VAL B CG1  
654 C  CG2  . VAL B 2  ? 0.1584 0.1638 0.1459 -0.0127 -0.0271 0.0034  2   VAL B CG2  
655 H  H    . VAL B 2  ? 0.0985 0.1042 0.0874 -0.0135 -0.0203 0.0115  2   VAL B H    
656 H  HA   . VAL B 2  ? 0.1379 0.1524 0.1101 -0.0131 -0.0171 0.0036  2   VAL B HA   
657 H  HB   . VAL B 2  ? 0.1582 0.1690 0.1321 -0.0122 -0.0247 -0.0017 2   VAL B HB   
658 H  HG11 . VAL B 2  ? 0.1779 0.1910 0.1430 -0.0149 -0.0307 0.0063  2   VAL B HG11 
659 H  HG12 . VAL B 2  ? 0.1745 0.1896 0.1382 -0.0159 -0.0246 0.0106  2   VAL B HG12 
660 H  HG13 . VAL B 2  ? 0.1691 0.1781 0.1432 -0.0154 -0.0295 0.0127  2   VAL B HG13 
661 H  HG21 . VAL B 2  ? 0.1630 0.1688 0.1501 -0.0131 -0.0314 0.0036  2   VAL B HG21 
662 H  HG22 . VAL B 2  ? 0.1538 0.1580 0.1463 -0.0128 -0.0262 0.0068  2   VAL B HG22 
663 H  HG23 . VAL B 2  ? 0.1565 0.1605 0.1483 -0.0120 -0.0263 -0.0002 2   VAL B HG23 
664 C  C18  . 3V8 B 3  ? 0.0868 0.0947 0.0748 -0.0056 -0.0122 -0.0135 3   3V8 B C18  
665 C  CA   . 3V8 B 3  ? 0.0824 0.0874 0.0743 -0.0077 -0.0139 -0.0075 3   3V8 B CA   
666 C  C    . 3V8 B 3  ? 0.1268 0.1277 0.1238 -0.0083 -0.0184 -0.0093 3   3V8 B C    
667 C  C19  . 3V8 B 3  ? 0.1031 0.1184 0.0813 -0.0063 -0.0109 -0.0136 3   3V8 B C19  
668 C  C20  . 3V8 B 3  ? 0.0935 0.1063 0.0752 -0.0077 -0.0104 -0.0065 3   3V8 B C20  
669 C  C11  . 3V8 B 3  ? 0.1382 0.1556 0.1171 0.0076  -0.0129 -0.0469 3   3V8 B C11  
670 C  C12  . 3V8 B 3  ? 0.1656 0.1917 0.1332 0.0055  -0.0119 -0.0453 3   3V8 B C12  
671 C  C10  . 3V8 B 3  ? 0.1581 0.1647 0.1439 0.0055  -0.0180 -0.0440 3   3V8 B C10  
672 O  O3   . 3V8 B 3  ? 0.1695 0.1733 0.1536 0.0049  -0.0227 -0.0473 3   3V8 B O3   
673 O  O    . 3V8 B 3  ? 0.1440 0.1455 0.1378 -0.0091 -0.0220 -0.0104 3   3V8 B O    
674 N  N    . 3V8 B 3  ? 0.1182 0.1272 0.1027 -0.0094 -0.0150 -0.0047 3   3V8 B N    
675 N  N5   . 3V8 B 3  ? 0.1571 0.1761 0.1296 -0.0040 -0.0115 -0.0214 3   3V8 B N5   
676 C  C30  . 3V8 B 3  ? 0.1336 0.1554 0.1069 -0.0008 -0.0092 -0.0277 3   3V8 B C30  
677 C  C31  . 3V8 B 3  ? 0.1636 0.1876 0.1313 0.0009  -0.0117 -0.0349 3   3V8 B C31  
678 N  N8   . 3V8 B 3  ? 0.2299 0.2528 0.1932 -0.0016 -0.0155 -0.0322 3   3V8 B N8   
679 N  N9   . 3V8 B 3  ? 0.2354 0.2553 0.2022 -0.0044 -0.0154 -0.0239 3   3V8 B N9   
680 H  H21  . 3V8 B 3  ? 0.0831 0.0910 0.0760 -0.0038 -0.0081 -0.0121 3   3V8 B H21  
681 H  H20  . 3V8 B 3  ? 0.0895 0.0946 0.0792 -0.0044 -0.0146 -0.0180 3   3V8 B H20  
682 H  HA   . 3V8 B 3  ? 0.0778 0.0806 0.0740 -0.0067 -0.0096 -0.0031 3   3V8 B HA   
683 H  H22  . 3V8 B 3  ? 0.1005 0.1194 0.0780 -0.0066 -0.0075 -0.0112 3   3V8 B H22  
684 H  H24  . 3V8 B 3  ? 0.0953 0.1129 0.0721 -0.0096 -0.0098 -0.0041 3   3V8 B H24  
685 H  H23  . 3V8 B 3  ? 0.0978 0.1103 0.0759 -0.0076 -0.0146 -0.0097 3   3V8 B H23  
686 H  H11  . 3V8 B 3  ? 0.1314 0.1505 0.1130 0.0073  -0.0094 -0.0429 3   3V8 B H11  
687 H  H10  . 3V8 B 3  ? 0.1437 0.1620 0.1235 0.0113  -0.0137 -0.0546 3   3V8 B H10  
688 H  H13  . 3V8 B 3  ? 0.1736 0.1995 0.1374 0.0061  -0.0155 -0.0500 3   3V8 B H13  
689 H  H12  . 3V8 B 3  ? 0.1685 0.2037 0.1316 0.0065  -0.0079 -0.0469 3   3V8 B H12  
690 H  H42  . 3V8 B 3  ? 0.1295 0.1517 0.1071 0.0002  -0.0063 -0.0272 3   3V8 B H42  
691 N  N    . PHE B 4  ? 0.1241 0.1210 0.1288 -0.0082 -0.0181 -0.0091 4   PHE B N    
692 C  CA   . PHE B 4  ? 0.1472 0.1402 0.1579 -0.0092 -0.0220 -0.0108 4   PHE B CA   
693 C  C    . PHE B 4  ? 0.1655 0.1538 0.1824 -0.0086 -0.0214 -0.0117 4   PHE B C    
694 O  O    . PHE B 4  ? 0.1335 0.1222 0.1500 -0.0071 -0.0180 -0.0106 4   PHE B O    
695 C  CB   . PHE B 4  ? 0.1660 0.1602 0.1817 -0.0113 -0.0239 -0.0066 4   PHE B CB   
696 C  CG   . PHE B 4  ? 0.1564 0.1513 0.1782 -0.0118 -0.0209 -0.0020 4   PHE B CG   
697 C  CD1  . PHE B 4  ? 0.1678 0.1615 0.1981 -0.0133 -0.0213 -0.0006 4   PHE B CD1  
698 C  CD2  . PHE B 4  ? 0.1086 0.1061 0.1283 -0.0109 -0.0178 0.0009  4   PHE B CD2  
699 C  CE1  . PHE B 4  ? 0.1214 0.1176 0.1562 -0.0136 -0.0182 0.0033  4   PHE B CE1  
700 C  CE2  . PHE B 4  ? 0.0677 0.0665 0.0925 -0.0108 -0.0154 0.0040  4   PHE B CE2  
701 C  CZ   . PHE B 4  ? 0.0856 0.0845 0.1174 -0.0120 -0.0153 0.0050  4   PHE B CZ   
702 H  H    . PHE B 4  ? 0.1188 0.1154 0.1258 -0.0077 -0.0155 -0.0074 4   PHE B H    
703 H  HA   . PHE B 4  ? 0.1529 0.1458 0.1602 -0.0089 -0.0248 -0.0149 4   PHE B HA   
704 H  HB2  . PHE B 4  ? 0.1697 0.1623 0.1891 -0.0125 -0.0273 -0.0082 4   PHE B HB2  
705 H  HB3  . PHE B 4  ? 0.1679 0.1647 0.1789 -0.0113 -0.0246 -0.0055 4   PHE B HB3  
706 H  HD1  . PHE B 4  ? 0.1724 0.1636 0.2055 -0.0146 -0.0242 -0.0026 4   PHE B HD1  
707 H  HD2  . PHE B 4  ? 0.1110 0.1096 0.1247 -0.0104 -0.0175 0.0008  4   PHE B HD2  
708 H  HE1  . PHE B 4  ? 0.1221 0.1184 0.1627 -0.0153 -0.0182 0.0050  4   PHE B HE1  
709 H  HE2  . PHE B 4  ? 0.0640 0.0643 0.0873 -0.0099 -0.0135 0.0055  4   PHE B HE2  
710 H  HZ   . PHE B 4  ? 0.0802 0.0813 0.1151 -0.0118 -0.0130 0.0072  4   PHE B HZ   
711 O  O    . HOX B 5  ? 0.3018 0.2778 0.3413 -0.0152 -0.0319 -0.0115 5   HOX B O    
712 C  C    . HOX B 5  ? 0.2891 0.2639 0.3261 -0.0130 -0.0289 -0.0111 5   HOX B C    
713 N  N    . HOX B 5  ? 0.1773 0.1613 0.1997 -0.0098 -0.0252 -0.0136 5   HOX B N    
714 O  OXT  . HOX B 5  ? 0.3367 0.3085 0.3786 -0.0137 -0.0276 -0.0074 5   HOX B OXT  
715 C  CA   . HOX B 5  ? 0.2340 0.2120 0.2620 -0.0093 -0.0262 -0.0148 5   HOX B CA   
716 C  CB   . HOX B 5  ? 0.2022 0.1765 0.2276 -0.0068 -0.0295 -0.0229 5   HOX B CB   
717 C  CG   . HOX B 5  ? 0.1676 0.1474 0.1840 -0.0035 -0.0265 -0.0269 5   HOX B CG   
718 C  CZ   . HOX B 5  ? 0.1701 0.1632 0.1709 0.0018  -0.0202 -0.0338 5   HOX B CZ   
719 N  NZ   . HOX B 5  ? 0.1483 0.1495 0.1417 0.0041  -0.0170 -0.0378 5   HOX B NZ   
720 C  CD1  . HOX B 5  ? 0.1777 0.1628 0.1864 -0.0033 -0.0271 -0.0295 5   HOX B CD1  
721 C  CD2  . HOX B 5  ? 0.1045 0.0852 0.1205 -0.0006 -0.0231 -0.0275 5   HOX B CD2  
722 C  CE1  . HOX B 5  ? 0.1692 0.1607 0.1694 -0.0009 -0.0239 -0.0326 5   HOX B CE1  
723 C  CE2  . HOX B 5  ? 0.1564 0.1435 0.1652 0.0021  -0.0201 -0.0313 5   HOX B CE2  
724 H  H    . HOX B 5  ? 0.1803 0.1646 0.2041 -0.0113 -0.0282 -0.0141 5   HOX B H    
725 H  HXT  . HOX B 5  ? 0.3366 0.3074 0.3845 -0.0166 -0.0290 -0.0044 5   HOX B HXT  
726 H  HA   . HOX B 5  ? 0.2307 0.2089 0.2584 -0.0081 -0.0231 -0.0127 5   HOX B HA   
727 H  HB   . HOX B 5  ? 0.2053 0.1742 0.2356 -0.0062 -0.0308 -0.0236 5   HOX B HB   
728 H  HBA  . HOX B 5  ? 0.2074 0.1805 0.2335 -0.0080 -0.0334 -0.0255 5   HOX B HBA  
729 H  HNZ  . HOX B 5  ? 0.1434 0.1474 0.1376 0.0047  -0.0135 -0.0356 5   HOX B HNZ  
730 H  HD1  . HOX B 5  ? 0.1798 0.1647 0.1888 -0.0054 -0.0301 -0.0289 5   HOX B HD1  
731 H  HD2  . HOX B 5  ? 0.1017 0.0784 0.1231 -0.0007 -0.0229 -0.0248 5   HOX B HD2  
732 H  HE1  . HOX B 5  ? 0.1738 0.1699 0.1673 -0.0014 -0.0244 -0.0334 5   HOX B HE1  
733 H  HE2  . HOX B 5  ? 0.1545 0.1427 0.1646 0.0042  -0.0177 -0.0318 5   HOX B HE2  
734 ZN ZN   . ZN  C .  ? 0.0796 0.0939 0.0980 0.0032  0.0043  -0.0058 301 ZN  A ZN   
# 
loop_
_pdbx_poly_seq_scheme.asym_id 
_pdbx_poly_seq_scheme.entity_id 
_pdbx_poly_seq_scheme.seq_id 
_pdbx_poly_seq_scheme.mon_id 
_pdbx_poly_seq_scheme.ndb_seq_num 
_pdbx_poly_seq_scheme.pdb_seq_num 
_pdbx_poly_seq_scheme.auth_seq_num 
_pdbx_poly_seq_scheme.pdb_mon_id 
_pdbx_poly_seq_scheme.auth_mon_id 
_pdbx_poly_seq_scheme.pdb_strand_id 
_pdbx_poly_seq_scheme.pdb_ins_code 
_pdbx_poly_seq_scheme.hetero 
A 1 1  MET 1  -22 ?    ?   ?   A . n 
A 1 2  GLY 2  -21 ?    ?   ?   A . n 
A 1 3  SER 3  -20 ?    ?   ?   A . n 
A 1 4  SER 4  -19 ?    ?   ?   A . n 
A 1 5  HIS 5  -18 ?    ?   ?   A . n 
A 1 6  HIS 6  -17 ?    ?   ?   A . n 
A 1 7  HIS 7  -16 ?    ?   ?   A . n 
A 1 8  HIS 8  -15 ?    ?   ?   A . n 
A 1 9  HIS 9  -14 ?    ?   ?   A . n 
A 1 10 HIS 10 -13 ?    ?   ?   A . n 
A 1 11 SER 11 -12 ?    ?   ?   A . n 
A 1 12 SER 12 -11 ?    ?   ?   A . n 
A 1 13 GLY 13 -10 ?    ?   ?   A . n 
A 1 14 GLU 14 -9  ?    ?   ?   A . n 
A 1 15 THR 15 -8  ?    ?   ?   A . n 
A 1 16 VAL 16 -7  ?    ?   ?   A . n 
A 1 17 ARG 17 -6  ?    ?   ?   A . n 
A 1 18 PHE 18 -5  ?    ?   ?   A . n 
A 1 19 GLN 19 -4  ?    ?   ?   A . n 
A 1 20 GLY 20 -3  -3   GLY GLY A . n 
A 1 21 HIS 21 -2  -2   HIS HIS A . n 
A 1 22 MET 22 -1  -1   MET MET A . n 
A 1 23 ARG 23 156 156  ARG ARG A . n 
A 1 24 ASN 24 157 157  ASN ASN A . n 
A 1 25 PRO 25 158 158  PRO PRO A . n 
A 1 26 ALA 26 159 159  ALA ALA A . n 
A 1 27 MET 27 160 160  MET MET A . n 
A 1 28 TYR 28 161 161  TYR TYR A . n 
A 1 29 SER 29 162 162  SER SER A . n 
A 1 30 GLU 30 163 163  GLU GLU A . n 
A 1 31 GLU 31 164 164  GLU GLU A . n 
A 1 32 ALA 32 165 165  ALA ALA A . n 
A 1 33 ARG 33 166 166  ARG ARG A . n 
A 1 34 LEU 34 167 167  LEU LEU A . n 
A 1 35 LYS 35 168 168  LYS LYS A . n 
A 1 36 SER 36 169 169  SER SER A . n 
A 1 37 PHE 37 170 170  PHE PHE A . n 
A 1 38 GLN 38 171 171  GLN GLN A . n 
A 1 39 ASN 39 172 172  ASN ASN A . n 
A 1 40 TRP 40 173 173  TRP TRP A . n 
A 1 41 PRO 41 174 174  PRO PRO A . n 
A 1 42 ASP 42 175 175  ASP ASP A . n 
A 1 43 TYR 43 176 176  TYR TYR A . n 
A 1 44 ALA 44 177 177  ALA ALA A . n 
A 1 45 HIS 45 178 178  HIS HIS A . n 
A 1 46 LEU 46 179 179  LEU LEU A . n 
A 1 47 THR 47 180 180  THR THR A . n 
A 1 48 PRO 48 181 181  PRO PRO A . n 
A 1 49 ARG 49 182 182  ARG ARG A . n 
A 1 50 GLU 50 183 183  GLU GLU A . n 
A 1 51 LEU 51 184 184  LEU LEU A . n 
A 1 52 ALA 52 185 185  ALA ALA A . n 
A 1 53 SER 53 186 186  SER SER A . n 
A 1 54 ALA 54 187 187  ALA ALA A . n 
A 1 55 GLY 55 188 188  GLY GLY A . n 
A 1 56 LEU 56 189 189  LEU LEU A . n 
A 1 57 TYR 57 190 190  TYR TYR A . n 
A 1 58 TYR 58 191 191  TYR TYR A . n 
A 1 59 THR 59 192 192  THR THR A . n 
A 1 60 GLY 60 193 193  GLY GLY A . n 
A 1 61 ILE 61 194 194  ILE ILE A . n 
A 1 62 GLY 62 195 195  GLY GLY A . n 
A 1 63 ASP 63 196 196  ASP ASP A . n 
A 1 64 GLN 64 197 197  GLN GLN A . n 
A 1 65 VAL 65 198 198  VAL VAL A . n 
A 1 66 GLN 66 199 199  GLN GLN A . n 
A 1 67 CYS 67 200 200  CYS CYS A . n 
A 1 68 PHE 68 201 201  PHE PHE A . n 
A 1 69 ALA 69 202 202  ALA ALA A . n 
A 1 70 CYS 70 203 203  CYS CYS A . n 
A 1 71 GLY 71 204 204  GLY GLY A . n 
A 1 72 GLY 72 205 205  GLY GLY A . n 
A 1 73 LYS 73 206 206  LYS LYS A . n 
A 1 74 LEU 74 207 207  LEU LEU A . n 
A 1 75 LYS 75 208 208  LYS LYS A . n 
A 1 76 ASN 76 209 209  ASN ASN A . n 
A 1 77 TRP 77 210 210  TRP TRP A . n 
A 1 78 GLU 78 211 211  GLU GLU A . n 
A 1 79 PRO 79 212 212  PRO PRO A . n 
A 1 80 GLY 80 213 213  GLY GLY A . n 
A 1 81 ASP 81 214 214  ASP ASP A . n 
A 1 82 ARG 82 215 215  ARG ARG A . n 
A 1 83 ALA 83 216 216  ALA ALA A . n 
A 1 84 TRP 84 217 217  TRP TRP A . n 
A 1 85 SER 85 218 218  SER SER A . n 
A 1 86 GLU 86 219 219  GLU GLU A . n 
A 1 87 HIS 87 220 220  HIS HIS A . n 
A 1 88 ARG 88 221 221  ARG ARG A . n 
A 1 89 ARG 89 222 222  ARG ARG A . n 
A 1 90 HIS 90 223 223  HIS HIS A . n 
A 1 91 PHE 91 224 224  PHE PHE A . n 
A 1 92 PRO 92 225 225  PRO PRO A . n 
A 1 93 ASN 93 226 226  ASN ASN A . n 
A 1 94 CYS 94 227 227  CYS CYS A . n 
A 1 95 PHE 95 228 228  PHE PHE A . n 
A 1 96 PHE 96 229 229  PHE PHE A . n 
A 1 97 VAL 97 230 230  VAL VAL A . n 
A 1 98 LEU 98 231 231  LEU LEU A . n 
B 2 1  MAA 1  1   4000 MAA LG1 B . n 
B 2 2  VAL 2  2   4000 VAL LG1 B . n 
B 2 3  3V8 3  3   4000 3V8 LG1 B . n 
B 2 4  PHE 4  4   4000 PHE LG1 B . n 
B 2 5  HOX 5  5   4000 HOX LG1 B . n 
# 
loop_
_pdbx_nonpoly_scheme.asym_id 
_pdbx_nonpoly_scheme.entity_id 
_pdbx_nonpoly_scheme.mon_id 
_pdbx_nonpoly_scheme.ndb_seq_num 
_pdbx_nonpoly_scheme.pdb_seq_num 
_pdbx_nonpoly_scheme.auth_seq_num 
_pdbx_nonpoly_scheme.pdb_mon_id 
_pdbx_nonpoly_scheme.auth_mon_id 
_pdbx_nonpoly_scheme.pdb_strand_id 
_pdbx_nonpoly_scheme.pdb_ins_code 
C 3 ZN  1  301 502 ZN  ZN  A . 
D 4 SO4 1  302 1   SO4 SO4 A . 
E 5 GOL 1  303 3   GOL GOL A . 
F 6 HOH 1  401 39  HOH HOH A . 
F 6 HOH 2  402 29  HOH HOH A . 
F 6 HOH 3  403 9   HOH HOH A . 
F 6 HOH 4  404 65  HOH HOH A . 
F 6 HOH 5  405 14  HOH HOH A . 
F 6 HOH 6  406 63  HOH HOH A . 
F 6 HOH 7  407 2   HOH HOH A . 
F 6 HOH 8  408 40  HOH HOH A . 
F 6 HOH 9  409 68  HOH HOH A . 
F 6 HOH 10 410 64  HOH HOH A . 
F 6 HOH 11 411 17  HOH HOH A . 
F 6 HOH 12 412 47  HOH HOH A . 
F 6 HOH 13 413 79  HOH HOH A . 
F 6 HOH 14 414 33  HOH HOH A . 
F 6 HOH 15 415 58  HOH HOH A . 
F 6 HOH 16 416 15  HOH HOH A . 
F 6 HOH 17 417 42  HOH HOH A . 
F 6 HOH 18 418 1   HOH HOH A . 
F 6 HOH 19 419 28  HOH HOH A . 
F 6 HOH 20 420 10  HOH HOH A . 
F 6 HOH 21 421 66  HOH HOH A . 
F 6 HOH 22 422 21  HOH HOH A . 
F 6 HOH 23 423 61  HOH HOH A . 
F 6 HOH 24 424 80  HOH HOH A . 
F 6 HOH 25 425 75  HOH HOH A . 
F 6 HOH 26 426 19  HOH HOH A . 
F 6 HOH 27 427 30  HOH HOH A . 
F 6 HOH 28 428 59  HOH HOH A . 
F 6 HOH 29 429 24  HOH HOH A . 
F 6 HOH 30 430 23  HOH HOH A . 
F 6 HOH 31 431 37  HOH HOH A . 
F 6 HOH 32 432 38  HOH HOH A . 
F 6 HOH 33 433 16  HOH HOH A . 
F 6 HOH 34 434 50  HOH HOH A . 
F 6 HOH 35 435 36  HOH HOH A . 
F 6 HOH 36 436 6   HOH HOH A . 
F 6 HOH 37 437 34  HOH HOH A . 
F 6 HOH 38 438 43  HOH HOH A . 
F 6 HOH 39 439 56  HOH HOH A . 
F 6 HOH 40 440 13  HOH HOH A . 
F 6 HOH 41 441 18  HOH HOH A . 
F 6 HOH 42 442 67  HOH HOH A . 
F 6 HOH 43 443 55  HOH HOH A . 
F 6 HOH 44 444 22  HOH HOH A . 
F 6 HOH 45 445 52  HOH HOH A . 
F 6 HOH 46 446 12  HOH HOH A . 
F 6 HOH 47 447 76  HOH HOH A . 
F 6 HOH 48 448 57  HOH HOH A . 
F 6 HOH 49 449 35  HOH HOH A . 
F 6 HOH 50 450 71  HOH HOH A . 
F 6 HOH 51 451 5   HOH HOH A . 
F 6 HOH 52 452 44  HOH HOH A . 
F 6 HOH 53 453 77  HOH HOH A . 
F 6 HOH 54 454 73  HOH HOH A . 
F 6 HOH 55 455 46  HOH HOH A . 
F 6 HOH 56 456 72  HOH HOH A . 
F 6 HOH 57 457 27  HOH HOH A . 
F 6 HOH 58 458 45  HOH HOH A . 
F 6 HOH 59 459 74  HOH HOH A . 
F 6 HOH 60 460 49  HOH HOH A . 
F 6 HOH 61 461 69  HOH HOH A . 
F 6 HOH 62 462 60  HOH HOH A . 
F 6 HOH 63 463 70  HOH HOH A . 
F 6 HOH 64 464 41  HOH HOH A . 
F 6 HOH 65 465 3   HOH HOH A . 
F 6 HOH 66 466 7   HOH HOH A . 
F 6 HOH 67 467 8   HOH HOH A . 
F 6 HOH 68 468 11  HOH HOH A . 
F 6 HOH 69 469 20  HOH HOH A . 
F 6 HOH 70 470 25  HOH HOH A . 
F 6 HOH 71 471 26  HOH HOH A . 
F 6 HOH 72 472 31  HOH HOH A . 
F 6 HOH 73 473 32  HOH HOH A . 
F 6 HOH 74 474 48  HOH HOH A . 
F 6 HOH 75 475 53  HOH HOH A . 
F 6 HOH 76 476 54  HOH HOH A . 
F 6 HOH 77 477 78  HOH HOH A . 
G 6 HOH 1  101 51  HOH HOH B . 
G 6 HOH 2  102 62  HOH HOH B . 
G 6 HOH 3  103 4   HOH HOH B . 
# 
_pdbx_molecule_features.prd_id    PRD_002132 
_pdbx_molecule_features.name      '(3,11-DIFLUORO-6,8,13-TRIMETHYL-8H-QUINO[4,3,2-KL]ACRIDIN-13-IUM' 
_pdbx_molecule_features.type      'Cyclic peptide' 
_pdbx_molecule_features.class     Antagonist 
_pdbx_molecule_features.details   ? 
# 
_pdbx_molecule.instance_id   1 
_pdbx_molecule.prd_id        PRD_002132 
_pdbx_molecule.asym_id       B 
# 
_pdbx_struct_assembly.id                   1 
_pdbx_struct_assembly.details              author_and_software_defined_assembly 
_pdbx_struct_assembly.method_details       PISA 
_pdbx_struct_assembly.oligomeric_details   dimeric 
_pdbx_struct_assembly.oligomeric_count     2 
# 
_pdbx_struct_assembly_gen.assembly_id       1 
_pdbx_struct_assembly_gen.oper_expression   1 
_pdbx_struct_assembly_gen.asym_id_list      A,B,C,D,E,F,G 
# 
loop_
_pdbx_struct_assembly_prop.biol_id 
_pdbx_struct_assembly_prop.type 
_pdbx_struct_assembly_prop.value 
_pdbx_struct_assembly_prop.details 
1 'ABSA (A^2)' 1270 ? 
1 MORE         -14  ? 
1 'SSA (A^2)'  4820 ? 
# 
_pdbx_struct_oper_list.id                   1 
_pdbx_struct_oper_list.type                 'identity operation' 
_pdbx_struct_oper_list.name                 1_555 
_pdbx_struct_oper_list.symmetry_operation   x,y,z 
_pdbx_struct_oper_list.matrix[1][1]         1.0000000000 
_pdbx_struct_oper_list.matrix[1][2]         0.0000000000 
_pdbx_struct_oper_list.matrix[1][3]         0.0000000000 
_pdbx_struct_oper_list.vector[1]            0.0000000000 
_pdbx_struct_oper_list.matrix[2][1]         0.0000000000 
_pdbx_struct_oper_list.matrix[2][2]         1.0000000000 
_pdbx_struct_oper_list.matrix[2][3]         0.0000000000 
_pdbx_struct_oper_list.vector[2]            0.0000000000 
_pdbx_struct_oper_list.matrix[3][1]         0.0000000000 
_pdbx_struct_oper_list.matrix[3][2]         0.0000000000 
_pdbx_struct_oper_list.matrix[3][3]         1.0000000000 
_pdbx_struct_oper_list.vector[3]            0.0000000000 
# 
loop_
_pdbx_struct_conn_angle.id 
_pdbx_struct_conn_angle.ptnr1_label_atom_id 
_pdbx_struct_conn_angle.ptnr1_label_alt_id 
_pdbx_struct_conn_angle.ptnr1_label_asym_id 
_pdbx_struct_conn_angle.ptnr1_label_comp_id 
_pdbx_struct_conn_angle.ptnr1_label_seq_id 
_pdbx_struct_conn_angle.ptnr1_auth_atom_id 
_pdbx_struct_conn_angle.ptnr1_auth_asym_id 
_pdbx_struct_conn_angle.ptnr1_auth_comp_id 
_pdbx_struct_conn_angle.ptnr1_auth_seq_id 
_pdbx_struct_conn_angle.ptnr1_PDB_ins_code 
_pdbx_struct_conn_angle.ptnr1_symmetry 
_pdbx_struct_conn_angle.ptnr2_label_atom_id 
_pdbx_struct_conn_angle.ptnr2_label_alt_id 
_pdbx_struct_conn_angle.ptnr2_label_asym_id 
_pdbx_struct_conn_angle.ptnr2_label_comp_id 
_pdbx_struct_conn_angle.ptnr2_label_seq_id 
_pdbx_struct_conn_angle.ptnr2_auth_atom_id 
_pdbx_struct_conn_angle.ptnr2_auth_asym_id 
_pdbx_struct_conn_angle.ptnr2_auth_comp_id 
_pdbx_struct_conn_angle.ptnr2_auth_seq_id 
_pdbx_struct_conn_angle.ptnr2_PDB_ins_code 
_pdbx_struct_conn_angle.ptnr2_symmetry 
_pdbx_struct_conn_angle.ptnr3_label_atom_id 
_pdbx_struct_conn_angle.ptnr3_label_alt_id 
_pdbx_struct_conn_angle.ptnr3_label_asym_id 
_pdbx_struct_conn_angle.ptnr3_label_comp_id 
_pdbx_struct_conn_angle.ptnr3_label_seq_id 
_pdbx_struct_conn_angle.ptnr3_auth_atom_id 
_pdbx_struct_conn_angle.ptnr3_auth_asym_id 
_pdbx_struct_conn_angle.ptnr3_auth_comp_id 
_pdbx_struct_conn_angle.ptnr3_auth_seq_id 
_pdbx_struct_conn_angle.ptnr3_PDB_ins_code 
_pdbx_struct_conn_angle.ptnr3_symmetry 
_pdbx_struct_conn_angle.value 
_pdbx_struct_conn_angle.value_esd 
1 SG  ? A CYS 67 ? A CYS 200 ? 1_555 ZN ? C ZN . ? A ZN 301 ? 1_555 SG  ? A CYS 70 ? A CYS 203 ? 1_555 109.7 ? 
2 SG  ? A CYS 67 ? A CYS 200 ? 1_555 ZN ? C ZN . ? A ZN 301 ? 1_555 NE2 ? A HIS 87 ? A HIS 220 ? 1_555 97.1  ? 
3 SG  ? A CYS 70 ? A CYS 203 ? 1_555 ZN ? C ZN . ? A ZN 301 ? 1_555 NE2 ? A HIS 87 ? A HIS 220 ? 1_555 115.6 ? 
4 SG  ? A CYS 67 ? A CYS 200 ? 1_555 ZN ? C ZN . ? A ZN 301 ? 1_555 SG  ? A CYS 94 ? A CYS 227 ? 1_555 113.7 ? 
5 SG  ? A CYS 70 ? A CYS 203 ? 1_555 ZN ? C ZN . ? A ZN 301 ? 1_555 SG  ? A CYS 94 ? A CYS 227 ? 1_555 112.2 ? 
6 NE2 ? A HIS 87 ? A HIS 220 ? 1_555 ZN ? C ZN . ? A ZN 301 ? 1_555 SG  ? A CYS 94 ? A CYS 227 ? 1_555 107.7 ? 
# 
loop_
_pdbx_audit_revision_history.ordinal 
_pdbx_audit_revision_history.data_content_type 
_pdbx_audit_revision_history.major_revision 
_pdbx_audit_revision_history.minor_revision 
_pdbx_audit_revision_history.revision_date 
1 'Structure model' 1 0 2015-03-04 
2 'Structure model' 1 1 2015-04-08 
3 'Structure model' 2 0 2023-11-15 
# 
_pdbx_audit_revision_details.ordinal             1 
_pdbx_audit_revision_details.revision_ordinal    1 
_pdbx_audit_revision_details.data_content_type   'Structure model' 
_pdbx_audit_revision_details.provider            repository 
_pdbx_audit_revision_details.type                'Initial release' 
_pdbx_audit_revision_details.description         ? 
_pdbx_audit_revision_details.details             ? 
# 
loop_
_pdbx_audit_revision_group.ordinal 
_pdbx_audit_revision_group.revision_ordinal 
_pdbx_audit_revision_group.data_content_type 
_pdbx_audit_revision_group.group 
1 2 'Structure model' 'Database references'  
2 3 'Structure model' 'Atomic model'         
3 3 'Structure model' 'Data collection'      
4 3 'Structure model' 'Database references'  
5 3 'Structure model' 'Derived calculations' 
6 3 'Structure model' Other                  
7 3 'Structure model' 'Source and taxonomy'  
# 
loop_
_pdbx_audit_revision_category.ordinal 
_pdbx_audit_revision_category.revision_ordinal 
_pdbx_audit_revision_category.data_content_type 
_pdbx_audit_revision_category.category 
1  3 'Structure model' atom_site             
2  3 'Structure model' atom_site_anisotrop   
3  3 'Structure model' chem_comp_atom        
4  3 'Structure model' chem_comp_bond        
5  3 'Structure model' citation              
6  3 'Structure model' database_2            
7  3 'Structure model' entity_src_gen        
8  3 'Structure model' pdbx_database_status  
9  3 'Structure model' pdbx_entity_src_syn   
10 3 'Structure model' pdbx_struct_oper_list 
11 3 'Structure model' struct_conn           
12 3 'Structure model' struct_conn_type      
# 
loop_
_pdbx_audit_revision_item.ordinal 
_pdbx_audit_revision_item.revision_ordinal 
_pdbx_audit_revision_item.data_content_type 
_pdbx_audit_revision_item.item 
1  3 'Structure model' '_atom_site.auth_atom_id'                     
2  3 'Structure model' '_atom_site.label_atom_id'                    
3  3 'Structure model' '_atom_site_anisotrop.pdbx_auth_atom_id'      
4  3 'Structure model' '_atom_site_anisotrop.pdbx_label_atom_id'     
5  3 'Structure model' '_citation.journal_id_CSD'                    
6  3 'Structure model' '_database_2.pdbx_DOI'                        
7  3 'Structure model' '_database_2.pdbx_database_accession'         
8  3 'Structure model' '_entity_src_gen.pdbx_alt_source_flag'        
9  3 'Structure model' '_pdbx_database_status.pdb_format_compatible' 
10 3 'Structure model' '_pdbx_entity_src_syn.pdbx_alt_source_flag'   
11 3 'Structure model' '_pdbx_struct_oper_list.symmetry_operation'   
12 3 'Structure model' '_struct_conn.conn_type_id'                   
13 3 'Structure model' '_struct_conn.id'                             
14 3 'Structure model' '_struct_conn.pdbx_dist_value'                
15 3 'Structure model' '_struct_conn.pdbx_leaving_atom_flag'         
16 3 'Structure model' '_struct_conn.ptnr1_auth_asym_id'             
17 3 'Structure model' '_struct_conn.ptnr1_auth_comp_id'             
18 3 'Structure model' '_struct_conn.ptnr1_auth_seq_id'              
19 3 'Structure model' '_struct_conn.ptnr1_label_asym_id'            
20 3 'Structure model' '_struct_conn.ptnr1_label_atom_id'            
21 3 'Structure model' '_struct_conn.ptnr1_label_comp_id'            
22 3 'Structure model' '_struct_conn.ptnr1_label_seq_id'             
23 3 'Structure model' '_struct_conn.ptnr2_auth_asym_id'             
24 3 'Structure model' '_struct_conn.ptnr2_auth_comp_id'             
25 3 'Structure model' '_struct_conn.ptnr2_auth_seq_id'              
26 3 'Structure model' '_struct_conn.ptnr2_label_asym_id'            
27 3 'Structure model' '_struct_conn.ptnr2_label_atom_id'            
28 3 'Structure model' '_struct_conn.ptnr2_label_comp_id'            
29 3 'Structure model' '_struct_conn.ptnr2_label_seq_id'             
30 3 'Structure model' '_struct_conn_type.id'                        
# 
_pdbx_refine_tls.id               1 
_pdbx_refine_tls.pdbx_refine_id   'X-RAY DIFFRACTION' 
_pdbx_refine_tls.details          ? 
_pdbx_refine_tls.method           refined 
_pdbx_refine_tls.origin_x         0.2407 
_pdbx_refine_tls.origin_y         0.4726 
_pdbx_refine_tls.origin_z         1.0331 
_pdbx_refine_tls.T[1][1]          -0.0990 
_pdbx_refine_tls.T[1][1]_esd      ? 
_pdbx_refine_tls.T[1][2]          -0.0062 
_pdbx_refine_tls.T[1][2]_esd      ? 
_pdbx_refine_tls.T[1][3]          -0.0017 
_pdbx_refine_tls.T[1][3]_esd      ? 
_pdbx_refine_tls.T[2][2]          -0.0941 
_pdbx_refine_tls.T[2][2]_esd      ? 
_pdbx_refine_tls.T[2][3]          0.0083 
_pdbx_refine_tls.T[2][3]_esd      ? 
_pdbx_refine_tls.T[3][3]          -0.0822 
_pdbx_refine_tls.T[3][3]_esd      ? 
_pdbx_refine_tls.L[1][1]          1.3332 
_pdbx_refine_tls.L[1][1]_esd      ? 
_pdbx_refine_tls.L[1][2]          -0.0098 
_pdbx_refine_tls.L[1][2]_esd      ? 
_pdbx_refine_tls.L[1][3]          0.5142 
_pdbx_refine_tls.L[1][3]_esd      ? 
_pdbx_refine_tls.L[2][2]          0.7081 
_pdbx_refine_tls.L[2][2]_esd      ? 
_pdbx_refine_tls.L[2][3]          0.1095 
_pdbx_refine_tls.L[2][3]_esd      ? 
_pdbx_refine_tls.L[3][3]          0.7792 
_pdbx_refine_tls.L[3][3]_esd      ? 
_pdbx_refine_tls.S[1][1]          0.0296 
_pdbx_refine_tls.S[1][1]_esd      ? 
_pdbx_refine_tls.S[1][2]          -0.0739 
_pdbx_refine_tls.S[1][2]_esd      ? 
_pdbx_refine_tls.S[1][3]          -0.0100 
_pdbx_refine_tls.S[1][3]_esd      ? 
_pdbx_refine_tls.S[2][1]          0.0749 
_pdbx_refine_tls.S[2][1]_esd      ? 
_pdbx_refine_tls.S[2][2]          -0.0277 
_pdbx_refine_tls.S[2][2]_esd      ? 
_pdbx_refine_tls.S[2][3]          -0.0318 
_pdbx_refine_tls.S[2][3]_esd      ? 
_pdbx_refine_tls.S[3][1]          -0.0036 
_pdbx_refine_tls.S[3][1]_esd      ? 
_pdbx_refine_tls.S[3][2]          -0.0336 
_pdbx_refine_tls.S[3][2]_esd      ? 
_pdbx_refine_tls.S[3][3]          -0.0020 
_pdbx_refine_tls.S[3][3]_esd      ? 
# 
_pdbx_refine_tls_group.id                  1 
_pdbx_refine_tls_group.pdbx_refine_id      'X-RAY DIFFRACTION' 
_pdbx_refine_tls_group.refine_tls_id       1 
_pdbx_refine_tls_group.beg_label_asym_id   ? 
_pdbx_refine_tls_group.beg_label_seq_id    ? 
_pdbx_refine_tls_group.beg_auth_asym_id    ? 
_pdbx_refine_tls_group.beg_auth_seq_id     ? 
_pdbx_refine_tls_group.end_label_asym_id   ? 
_pdbx_refine_tls_group.end_label_seq_id    ? 
_pdbx_refine_tls_group.end_auth_asym_id    ? 
_pdbx_refine_tls_group.end_auth_seq_id     ? 
_pdbx_refine_tls_group.selection           ? 
_pdbx_refine_tls_group.selection_details   '{ A|* }' 
# 
loop_
_software.citation_id 
_software.classification 
_software.compiler_name 
_software.compiler_version 
_software.contact_author 
_software.contact_author_email 
_software.date 
_software.description 
_software.dependencies 
_software.hardware 
_software.language 
_software.location 
_software.mods 
_software.name 
_software.os 
_software.os_version 
_software.type 
_software.version 
_software.pdbx_ordinal 
? 'data reduction' ? ? ? ? ? ? ? ? ? ? ? XDS    ? ? ? .      1 
? 'data scaling'   ? ? ? ? ? ? ? ? ? ? ? SCALA  ? ? ? .      2 
? refinement       ? ? ? ? ? ? ? ? ? ? ? BUSTER ? ? ? 2.11.5 3 
? phasing          ? ? ? ? ? ? ? ? ? ? ? PHASER ? ? ? .      4 
# 
_pdbx_validate_torsion.id              1 
_pdbx_validate_torsion.PDB_model_num   1 
_pdbx_validate_torsion.auth_comp_id    HIS 
_pdbx_validate_torsion.auth_asym_id    A 
_pdbx_validate_torsion.auth_seq_id     178 
_pdbx_validate_torsion.PDB_ins_code    ? 
_pdbx_validate_torsion.label_alt_id    ? 
_pdbx_validate_torsion.phi             65.26 
_pdbx_validate_torsion.psi             -48.29 
# 
loop_
_pdbx_unobs_or_zero_occ_atoms.id 
_pdbx_unobs_or_zero_occ_atoms.PDB_model_num 
_pdbx_unobs_or_zero_occ_atoms.polymer_flag 
_pdbx_unobs_or_zero_occ_atoms.occupancy_flag 
_pdbx_unobs_or_zero_occ_atoms.auth_asym_id 
_pdbx_unobs_or_zero_occ_atoms.auth_comp_id 
_pdbx_unobs_or_zero_occ_atoms.auth_seq_id 
_pdbx_unobs_or_zero_occ_atoms.PDB_ins_code 
_pdbx_unobs_or_zero_occ_atoms.auth_atom_id 
_pdbx_unobs_or_zero_occ_atoms.label_alt_id 
_pdbx_unobs_or_zero_occ_atoms.label_asym_id 
_pdbx_unobs_or_zero_occ_atoms.label_comp_id 
_pdbx_unobs_or_zero_occ_atoms.label_seq_id 
_pdbx_unobs_or_zero_occ_atoms.label_atom_id 
1  1 Y 1 A HIS -2  ? CG  ? A HIS 21 CG  
2  1 Y 1 A HIS -2  ? ND1 ? A HIS 21 ND1 
3  1 Y 1 A HIS -2  ? CD2 ? A HIS 21 CD2 
4  1 Y 1 A HIS -2  ? CE1 ? A HIS 21 CE1 
5  1 Y 1 A HIS -2  ? NE2 ? A HIS 21 NE2 
6  1 Y 1 A ASP 175 ? CG  ? A ASP 42 CG  
7  1 Y 1 A ASP 175 ? OD1 ? A ASP 42 OD1 
8  1 Y 1 A ASP 175 ? OD2 ? A ASP 42 OD2 
9  1 Y 1 A ARG 182 ? CG  ? A ARG 49 CG  
10 1 Y 1 A ARG 182 ? CD  ? A ARG 49 CD  
11 1 Y 1 A ARG 182 ? NE  ? A ARG 49 NE  
12 1 Y 1 A ARG 182 ? CZ  ? A ARG 49 CZ  
13 1 Y 1 A ARG 182 ? NH1 ? A ARG 49 NH1 
14 1 Y 1 A ARG 182 ? NH2 ? A ARG 49 NH2 
# 
loop_
_pdbx_unobs_or_zero_occ_residues.id 
_pdbx_unobs_or_zero_occ_residues.PDB_model_num 
_pdbx_unobs_or_zero_occ_residues.polymer_flag 
_pdbx_unobs_or_zero_occ_residues.occupancy_flag 
_pdbx_unobs_or_zero_occ_residues.auth_asym_id 
_pdbx_unobs_or_zero_occ_residues.auth_comp_id 
_pdbx_unobs_or_zero_occ_residues.auth_seq_id 
_pdbx_unobs_or_zero_occ_residues.PDB_ins_code 
_pdbx_unobs_or_zero_occ_residues.label_asym_id 
_pdbx_unobs_or_zero_occ_residues.label_comp_id 
_pdbx_unobs_or_zero_occ_residues.label_seq_id 
1  1 Y 1 A MET -22 ? A MET 1  
2  1 Y 1 A GLY -21 ? A GLY 2  
3  1 Y 1 A SER -20 ? A SER 3  
4  1 Y 1 A SER -19 ? A SER 4  
5  1 Y 1 A HIS -18 ? A HIS 5  
6  1 Y 1 A HIS -17 ? A HIS 6  
7  1 Y 1 A HIS -16 ? A HIS 7  
8  1 Y 1 A HIS -15 ? A HIS 8  
9  1 Y 1 A HIS -14 ? A HIS 9  
10 1 Y 1 A HIS -13 ? A HIS 10 
11 1 Y 1 A SER -12 ? A SER 11 
12 1 Y 1 A SER -11 ? A SER 12 
13 1 Y 1 A GLY -10 ? A GLY 13 
14 1 Y 1 A GLU -9  ? A GLU 14 
15 1 Y 1 A THR -8  ? A THR 15 
16 1 Y 1 A VAL -7  ? A VAL 16 
17 1 Y 1 A ARG -6  ? A ARG 17 
18 1 Y 1 A PHE -5  ? A PHE 18 
19 1 Y 1 A GLN -4  ? A GLN 19 
# 
loop_
_chem_comp_atom.comp_id 
_chem_comp_atom.atom_id 
_chem_comp_atom.type_symbol 
_chem_comp_atom.pdbx_aromatic_flag 
_chem_comp_atom.pdbx_stereo_config 
_chem_comp_atom.pdbx_ordinal 
3V8 C18  C  N N 1   
3V8 CA   C  N S 2   
3V8 C    C  N N 3   
3V8 C19  C  N S 4   
3V8 C20  C  N N 5   
3V8 C11  C  N N 6   
3V8 C12  C  N N 7   
3V8 C10  C  N N 8   
3V8 O3   O  N N 9   
3V8 O    O  N N 10  
3V8 N    N  N N 11  
3V8 N5   N  Y N 12  
3V8 C30  C  Y N 13  
3V8 C31  C  Y N 14  
3V8 N8   N  Y N 15  
3V8 N9   N  Y N 16  
3V8 H21  H  N N 17  
3V8 H20  H  N N 18  
3V8 HA   H  N N 19  
3V8 H22  H  N N 20  
3V8 H24  H  N N 21  
3V8 H23  H  N N 22  
3V8 H11  H  N N 23  
3V8 H10  H  N N 24  
3V8 H13  H  N N 25  
3V8 H12  H  N N 26  
3V8 H42  H  N N 27  
3V8 OXT  O  N N 28  
3V8 HXT  H  N N 29  
3V8 H    H  N N 30  
3V8 O1   O  N N 31  
3V8 H1   H  N N 32  
ALA N    N  N N 33  
ALA CA   C  N S 34  
ALA C    C  N N 35  
ALA O    O  N N 36  
ALA CB   C  N N 37  
ALA OXT  O  N N 38  
ALA H    H  N N 39  
ALA H2   H  N N 40  
ALA HA   H  N N 41  
ALA HB1  H  N N 42  
ALA HB2  H  N N 43  
ALA HB3  H  N N 44  
ALA HXT  H  N N 45  
ARG N    N  N N 46  
ARG CA   C  N S 47  
ARG C    C  N N 48  
ARG O    O  N N 49  
ARG CB   C  N N 50  
ARG CG   C  N N 51  
ARG CD   C  N N 52  
ARG NE   N  N N 53  
ARG CZ   C  N N 54  
ARG NH1  N  N N 55  
ARG NH2  N  N N 56  
ARG OXT  O  N N 57  
ARG H    H  N N 58  
ARG H2   H  N N 59  
ARG HA   H  N N 60  
ARG HB2  H  N N 61  
ARG HB3  H  N N 62  
ARG HG2  H  N N 63  
ARG HG3  H  N N 64  
ARG HD2  H  N N 65  
ARG HD3  H  N N 66  
ARG HE   H  N N 67  
ARG HH11 H  N N 68  
ARG HH12 H  N N 69  
ARG HH21 H  N N 70  
ARG HH22 H  N N 71  
ARG HXT  H  N N 72  
ASN N    N  N N 73  
ASN CA   C  N S 74  
ASN C    C  N N 75  
ASN O    O  N N 76  
ASN CB   C  N N 77  
ASN CG   C  N N 78  
ASN OD1  O  N N 79  
ASN ND2  N  N N 80  
ASN OXT  O  N N 81  
ASN H    H  N N 82  
ASN H2   H  N N 83  
ASN HA   H  N N 84  
ASN HB2  H  N N 85  
ASN HB3  H  N N 86  
ASN HD21 H  N N 87  
ASN HD22 H  N N 88  
ASN HXT  H  N N 89  
ASP N    N  N N 90  
ASP CA   C  N S 91  
ASP C    C  N N 92  
ASP O    O  N N 93  
ASP CB   C  N N 94  
ASP CG   C  N N 95  
ASP OD1  O  N N 96  
ASP OD2  O  N N 97  
ASP OXT  O  N N 98  
ASP H    H  N N 99  
ASP H2   H  N N 100 
ASP HA   H  N N 101 
ASP HB2  H  N N 102 
ASP HB3  H  N N 103 
ASP HD2  H  N N 104 
ASP HXT  H  N N 105 
CYS N    N  N N 106 
CYS CA   C  N R 107 
CYS C    C  N N 108 
CYS O    O  N N 109 
CYS CB   C  N N 110 
CYS SG   S  N N 111 
CYS OXT  O  N N 112 
CYS H    H  N N 113 
CYS H2   H  N N 114 
CYS HA   H  N N 115 
CYS HB2  H  N N 116 
CYS HB3  H  N N 117 
CYS HG   H  N N 118 
CYS HXT  H  N N 119 
GLN N    N  N N 120 
GLN CA   C  N S 121 
GLN C    C  N N 122 
GLN O    O  N N 123 
GLN CB   C  N N 124 
GLN CG   C  N N 125 
GLN CD   C  N N 126 
GLN OE1  O  N N 127 
GLN NE2  N  N N 128 
GLN OXT  O  N N 129 
GLN H    H  N N 130 
GLN H2   H  N N 131 
GLN HA   H  N N 132 
GLN HB2  H  N N 133 
GLN HB3  H  N N 134 
GLN HG2  H  N N 135 
GLN HG3  H  N N 136 
GLN HE21 H  N N 137 
GLN HE22 H  N N 138 
GLN HXT  H  N N 139 
GLU N    N  N N 140 
GLU CA   C  N S 141 
GLU C    C  N N 142 
GLU O    O  N N 143 
GLU CB   C  N N 144 
GLU CG   C  N N 145 
GLU CD   C  N N 146 
GLU OE1  O  N N 147 
GLU OE2  O  N N 148 
GLU OXT  O  N N 149 
GLU H    H  N N 150 
GLU H2   H  N N 151 
GLU HA   H  N N 152 
GLU HB2  H  N N 153 
GLU HB3  H  N N 154 
GLU HG2  H  N N 155 
GLU HG3  H  N N 156 
GLU HE2  H  N N 157 
GLU HXT  H  N N 158 
GLY N    N  N N 159 
GLY CA   C  N N 160 
GLY C    C  N N 161 
GLY O    O  N N 162 
GLY OXT  O  N N 163 
GLY H    H  N N 164 
GLY H2   H  N N 165 
GLY HA2  H  N N 166 
GLY HA3  H  N N 167 
GLY HXT  H  N N 168 
GOL C1   C  N N 169 
GOL O1   O  N N 170 
GOL C2   C  N N 171 
GOL O2   O  N N 172 
GOL C3   C  N N 173 
GOL O3   O  N N 174 
GOL H11  H  N N 175 
GOL H12  H  N N 176 
GOL HO1  H  N N 177 
GOL H2   H  N N 178 
GOL HO2  H  N N 179 
GOL H31  H  N N 180 
GOL H32  H  N N 181 
GOL HO3  H  N N 182 
HIS N    N  N N 183 
HIS CA   C  N S 184 
HIS C    C  N N 185 
HIS O    O  N N 186 
HIS CB   C  N N 187 
HIS CG   C  Y N 188 
HIS ND1  N  Y N 189 
HIS CD2  C  Y N 190 
HIS CE1  C  Y N 191 
HIS NE2  N  Y N 192 
HIS OXT  O  N N 193 
HIS H    H  N N 194 
HIS H2   H  N N 195 
HIS HA   H  N N 196 
HIS HB2  H  N N 197 
HIS HB3  H  N N 198 
HIS HD1  H  N N 199 
HIS HD2  H  N N 200 
HIS HE1  H  N N 201 
HIS HE2  H  N N 202 
HIS HXT  H  N N 203 
HOH O    O  N N 204 
HOH H1   H  N N 205 
HOH H2   H  N N 206 
HOX O    O  N N 207 
HOX C    C  N N 208 
HOX N    N  N N 209 
HOX OXT  O  N N 210 
HOX CA   C  N S 211 
HOX CB   C  N N 212 
HOX CG   C  Y N 213 
HOX CZ   C  Y N 214 
HOX NZ   N  N N 215 
HOX CD1  C  Y N 216 
HOX CD2  C  Y N 217 
HOX CE1  C  Y N 218 
HOX CE2  C  Y N 219 
HOX H    H  N N 220 
HOX H2   H  N N 221 
HOX HXT  H  N N 222 
HOX HA   H  N N 223 
HOX HB   H  N N 224 
HOX HBA  H  N N 225 
HOX HNZ  H  N N 226 
HOX HNZA H  N N 227 
HOX HD1  H  N N 228 
HOX HD2  H  N N 229 
HOX HE1  H  N N 230 
HOX HE2  H  N N 231 
ILE N    N  N N 232 
ILE CA   C  N S 233 
ILE C    C  N N 234 
ILE O    O  N N 235 
ILE CB   C  N S 236 
ILE CG1  C  N N 237 
ILE CG2  C  N N 238 
ILE CD1  C  N N 239 
ILE OXT  O  N N 240 
ILE H    H  N N 241 
ILE H2   H  N N 242 
ILE HA   H  N N 243 
ILE HB   H  N N 244 
ILE HG12 H  N N 245 
ILE HG13 H  N N 246 
ILE HG21 H  N N 247 
ILE HG22 H  N N 248 
ILE HG23 H  N N 249 
ILE HD11 H  N N 250 
ILE HD12 H  N N 251 
ILE HD13 H  N N 252 
ILE HXT  H  N N 253 
LEU N    N  N N 254 
LEU CA   C  N S 255 
LEU C    C  N N 256 
LEU O    O  N N 257 
LEU CB   C  N N 258 
LEU CG   C  N N 259 
LEU CD1  C  N N 260 
LEU CD2  C  N N 261 
LEU OXT  O  N N 262 
LEU H    H  N N 263 
LEU H2   H  N N 264 
LEU HA   H  N N 265 
LEU HB2  H  N N 266 
LEU HB3  H  N N 267 
LEU HG   H  N N 268 
LEU HD11 H  N N 269 
LEU HD12 H  N N 270 
LEU HD13 H  N N 271 
LEU HD21 H  N N 272 
LEU HD22 H  N N 273 
LEU HD23 H  N N 274 
LEU HXT  H  N N 275 
LYS N    N  N N 276 
LYS CA   C  N S 277 
LYS C    C  N N 278 
LYS O    O  N N 279 
LYS CB   C  N N 280 
LYS CG   C  N N 281 
LYS CD   C  N N 282 
LYS CE   C  N N 283 
LYS NZ   N  N N 284 
LYS OXT  O  N N 285 
LYS H    H  N N 286 
LYS H2   H  N N 287 
LYS HA   H  N N 288 
LYS HB2  H  N N 289 
LYS HB3  H  N N 290 
LYS HG2  H  N N 291 
LYS HG3  H  N N 292 
LYS HD2  H  N N 293 
LYS HD3  H  N N 294 
LYS HE2  H  N N 295 
LYS HE3  H  N N 296 
LYS HZ1  H  N N 297 
LYS HZ2  H  N N 298 
LYS HZ3  H  N N 299 
LYS HXT  H  N N 300 
MAA N    N  N N 301 
MAA CM   C  N N 302 
MAA CA   C  N S 303 
MAA CB   C  N N 304 
MAA C    C  N N 305 
MAA O    O  N N 306 
MAA OXT  O  N N 307 
MAA H    H  N N 308 
MAA HM1  H  N N 309 
MAA HM2  H  N N 310 
MAA HM3  H  N N 311 
MAA HA   H  N N 312 
MAA HB1  H  N N 313 
MAA HB2  H  N N 314 
MAA HB3  H  N N 315 
MAA HXT  H  N N 316 
MET N    N  N N 317 
MET CA   C  N S 318 
MET C    C  N N 319 
MET O    O  N N 320 
MET CB   C  N N 321 
MET CG   C  N N 322 
MET SD   S  N N 323 
MET CE   C  N N 324 
MET OXT  O  N N 325 
MET H    H  N N 326 
MET H2   H  N N 327 
MET HA   H  N N 328 
MET HB2  H  N N 329 
MET HB3  H  N N 330 
MET HG2  H  N N 331 
MET HG3  H  N N 332 
MET HE1  H  N N 333 
MET HE2  H  N N 334 
MET HE3  H  N N 335 
MET HXT  H  N N 336 
PHE N    N  N N 337 
PHE CA   C  N S 338 
PHE C    C  N N 339 
PHE O    O  N N 340 
PHE CB   C  N N 341 
PHE CG   C  Y N 342 
PHE CD1  C  Y N 343 
PHE CD2  C  Y N 344 
PHE CE1  C  Y N 345 
PHE CE2  C  Y N 346 
PHE CZ   C  Y N 347 
PHE OXT  O  N N 348 
PHE H    H  N N 349 
PHE H2   H  N N 350 
PHE HA   H  N N 351 
PHE HB2  H  N N 352 
PHE HB3  H  N N 353 
PHE HD1  H  N N 354 
PHE HD2  H  N N 355 
PHE HE1  H  N N 356 
PHE HE2  H  N N 357 
PHE HZ   H  N N 358 
PHE HXT  H  N N 359 
PRO N    N  N N 360 
PRO CA   C  N S 361 
PRO C    C  N N 362 
PRO O    O  N N 363 
PRO CB   C  N N 364 
PRO CG   C  N N 365 
PRO CD   C  N N 366 
PRO OXT  O  N N 367 
PRO H    H  N N 368 
PRO HA   H  N N 369 
PRO HB2  H  N N 370 
PRO HB3  H  N N 371 
PRO HG2  H  N N 372 
PRO HG3  H  N N 373 
PRO HD2  H  N N 374 
PRO HD3  H  N N 375 
PRO HXT  H  N N 376 
SER N    N  N N 377 
SER CA   C  N S 378 
SER C    C  N N 379 
SER O    O  N N 380 
SER CB   C  N N 381 
SER OG   O  N N 382 
SER OXT  O  N N 383 
SER H    H  N N 384 
SER H2   H  N N 385 
SER HA   H  N N 386 
SER HB2  H  N N 387 
SER HB3  H  N N 388 
SER HG   H  N N 389 
SER HXT  H  N N 390 
SO4 S    S  N N 391 
SO4 O1   O  N N 392 
SO4 O2   O  N N 393 
SO4 O3   O  N N 394 
SO4 O4   O  N N 395 
THR N    N  N N 396 
THR CA   C  N S 397 
THR C    C  N N 398 
THR O    O  N N 399 
THR CB   C  N R 400 
THR OG1  O  N N 401 
THR CG2  C  N N 402 
THR OXT  O  N N 403 
THR H    H  N N 404 
THR H2   H  N N 405 
THR HA   H  N N 406 
THR HB   H  N N 407 
THR HG1  H  N N 408 
THR HG21 H  N N 409 
THR HG22 H  N N 410 
THR HG23 H  N N 411 
THR HXT  H  N N 412 
TRP N    N  N N 413 
TRP CA   C  N S 414 
TRP C    C  N N 415 
TRP O    O  N N 416 
TRP CB   C  N N 417 
TRP CG   C  Y N 418 
TRP CD1  C  Y N 419 
TRP CD2  C  Y N 420 
TRP NE1  N  Y N 421 
TRP CE2  C  Y N 422 
TRP CE3  C  Y N 423 
TRP CZ2  C  Y N 424 
TRP CZ3  C  Y N 425 
TRP CH2  C  Y N 426 
TRP OXT  O  N N 427 
TRP H    H  N N 428 
TRP H2   H  N N 429 
TRP HA   H  N N 430 
TRP HB2  H  N N 431 
TRP HB3  H  N N 432 
TRP HD1  H  N N 433 
TRP HE1  H  N N 434 
TRP HE3  H  N N 435 
TRP HZ2  H  N N 436 
TRP HZ3  H  N N 437 
TRP HH2  H  N N 438 
TRP HXT  H  N N 439 
TYR N    N  N N 440 
TYR CA   C  N S 441 
TYR C    C  N N 442 
TYR O    O  N N 443 
TYR CB   C  N N 444 
TYR CG   C  Y N 445 
TYR CD1  C  Y N 446 
TYR CD2  C  Y N 447 
TYR CE1  C  Y N 448 
TYR CE2  C  Y N 449 
TYR CZ   C  Y N 450 
TYR OH   O  N N 451 
TYR OXT  O  N N 452 
TYR H    H  N N 453 
TYR H2   H  N N 454 
TYR HA   H  N N 455 
TYR HB2  H  N N 456 
TYR HB3  H  N N 457 
TYR HD1  H  N N 458 
TYR HD2  H  N N 459 
TYR HE1  H  N N 460 
TYR HE2  H  N N 461 
TYR HH   H  N N 462 
TYR HXT  H  N N 463 
VAL N    N  N N 464 
VAL CA   C  N S 465 
VAL C    C  N N 466 
VAL O    O  N N 467 
VAL CB   C  N N 468 
VAL CG1  C  N N 469 
VAL CG2  C  N N 470 
VAL OXT  O  N N 471 
VAL H    H  N N 472 
VAL H2   H  N N 473 
VAL HA   H  N N 474 
VAL HB   H  N N 475 
VAL HG11 H  N N 476 
VAL HG12 H  N N 477 
VAL HG13 H  N N 478 
VAL HG21 H  N N 479 
VAL HG22 H  N N 480 
VAL HG23 H  N N 481 
VAL HXT  H  N N 482 
ZN  ZN   ZN N N 483 
# 
loop_
_chem_comp_bond.comp_id 
_chem_comp_bond.atom_id_1 
_chem_comp_bond.atom_id_2 
_chem_comp_bond.value_order 
_chem_comp_bond.pdbx_aromatic_flag 
_chem_comp_bond.pdbx_stereo_config 
_chem_comp_bond.pdbx_ordinal 
3V8 C18 CA   sing N N 1   
3V8 C18 C19  sing N N 2   
3V8 CA  C    sing N N 3   
3V8 CA  N    sing N N 4   
3V8 C   O    doub N N 5   
3V8 C19 C20  sing N N 6   
3V8 C19 N5   sing N N 7   
3V8 C20 N    sing N N 8   
3V8 C11 C10  sing N N 9   
3V8 C11 C12  sing N N 10  
3V8 C12 C31  sing N N 11  
3V8 C10 O3   doub N N 12  
3V8 N5  C30  sing Y N 13  
3V8 N5  N9   sing Y N 14  
3V8 C30 C31  doub Y N 15  
3V8 C31 N8   sing Y N 16  
3V8 N8  N9   doub Y N 17  
3V8 C18 H21  sing N N 18  
3V8 C18 H20  sing N N 19  
3V8 CA  HA   sing N N 20  
3V8 C19 H22  sing N N 21  
3V8 C20 H24  sing N N 22  
3V8 C20 H23  sing N N 23  
3V8 C11 H11  sing N N 24  
3V8 C11 H10  sing N N 25  
3V8 C12 H13  sing N N 26  
3V8 C12 H12  sing N N 27  
3V8 C30 H42  sing N N 28  
3V8 C   OXT  sing N N 29  
3V8 OXT HXT  sing N N 30  
3V8 N   H    sing N N 31  
3V8 C10 O1   sing N N 32  
3V8 O1  H1   sing N N 33  
ALA N   CA   sing N N 34  
ALA N   H    sing N N 35  
ALA N   H2   sing N N 36  
ALA CA  C    sing N N 37  
ALA CA  CB   sing N N 38  
ALA CA  HA   sing N N 39  
ALA C   O    doub N N 40  
ALA C   OXT  sing N N 41  
ALA CB  HB1  sing N N 42  
ALA CB  HB2  sing N N 43  
ALA CB  HB3  sing N N 44  
ALA OXT HXT  sing N N 45  
ARG N   CA   sing N N 46  
ARG N   H    sing N N 47  
ARG N   H2   sing N N 48  
ARG CA  C    sing N N 49  
ARG CA  CB   sing N N 50  
ARG CA  HA   sing N N 51  
ARG C   O    doub N N 52  
ARG C   OXT  sing N N 53  
ARG CB  CG   sing N N 54  
ARG CB  HB2  sing N N 55  
ARG CB  HB3  sing N N 56  
ARG CG  CD   sing N N 57  
ARG CG  HG2  sing N N 58  
ARG CG  HG3  sing N N 59  
ARG CD  NE   sing N N 60  
ARG CD  HD2  sing N N 61  
ARG CD  HD3  sing N N 62  
ARG NE  CZ   sing N N 63  
ARG NE  HE   sing N N 64  
ARG CZ  NH1  sing N N 65  
ARG CZ  NH2  doub N N 66  
ARG NH1 HH11 sing N N 67  
ARG NH1 HH12 sing N N 68  
ARG NH2 HH21 sing N N 69  
ARG NH2 HH22 sing N N 70  
ARG OXT HXT  sing N N 71  
ASN N   CA   sing N N 72  
ASN N   H    sing N N 73  
ASN N   H2   sing N N 74  
ASN CA  C    sing N N 75  
ASN CA  CB   sing N N 76  
ASN CA  HA   sing N N 77  
ASN C   O    doub N N 78  
ASN C   OXT  sing N N 79  
ASN CB  CG   sing N N 80  
ASN CB  HB2  sing N N 81  
ASN CB  HB3  sing N N 82  
ASN CG  OD1  doub N N 83  
ASN CG  ND2  sing N N 84  
ASN ND2 HD21 sing N N 85  
ASN ND2 HD22 sing N N 86  
ASN OXT HXT  sing N N 87  
ASP N   CA   sing N N 88  
ASP N   H    sing N N 89  
ASP N   H2   sing N N 90  
ASP CA  C    sing N N 91  
ASP CA  CB   sing N N 92  
ASP CA  HA   sing N N 93  
ASP C   O    doub N N 94  
ASP C   OXT  sing N N 95  
ASP CB  CG   sing N N 96  
ASP CB  HB2  sing N N 97  
ASP CB  HB3  sing N N 98  
ASP CG  OD1  doub N N 99  
ASP CG  OD2  sing N N 100 
ASP OD2 HD2  sing N N 101 
ASP OXT HXT  sing N N 102 
CYS N   CA   sing N N 103 
CYS N   H    sing N N 104 
CYS N   H2   sing N N 105 
CYS CA  C    sing N N 106 
CYS CA  CB   sing N N 107 
CYS CA  HA   sing N N 108 
CYS C   O    doub N N 109 
CYS C   OXT  sing N N 110 
CYS CB  SG   sing N N 111 
CYS CB  HB2  sing N N 112 
CYS CB  HB3  sing N N 113 
CYS SG  HG   sing N N 114 
CYS OXT HXT  sing N N 115 
GLN N   CA   sing N N 116 
GLN N   H    sing N N 117 
GLN N   H2   sing N N 118 
GLN CA  C    sing N N 119 
GLN CA  CB   sing N N 120 
GLN CA  HA   sing N N 121 
GLN C   O    doub N N 122 
GLN C   OXT  sing N N 123 
GLN CB  CG   sing N N 124 
GLN CB  HB2  sing N N 125 
GLN CB  HB3  sing N N 126 
GLN CG  CD   sing N N 127 
GLN CG  HG2  sing N N 128 
GLN CG  HG3  sing N N 129 
GLN CD  OE1  doub N N 130 
GLN CD  NE2  sing N N 131 
GLN NE2 HE21 sing N N 132 
GLN NE2 HE22 sing N N 133 
GLN OXT HXT  sing N N 134 
GLU N   CA   sing N N 135 
GLU N   H    sing N N 136 
GLU N   H2   sing N N 137 
GLU CA  C    sing N N 138 
GLU CA  CB   sing N N 139 
GLU CA  HA   sing N N 140 
GLU C   O    doub N N 141 
GLU C   OXT  sing N N 142 
GLU CB  CG   sing N N 143 
GLU CB  HB2  sing N N 144 
GLU CB  HB3  sing N N 145 
GLU CG  CD   sing N N 146 
GLU CG  HG2  sing N N 147 
GLU CG  HG3  sing N N 148 
GLU CD  OE1  doub N N 149 
GLU CD  OE2  sing N N 150 
GLU OE2 HE2  sing N N 151 
GLU OXT HXT  sing N N 152 
GLY N   CA   sing N N 153 
GLY N   H    sing N N 154 
GLY N   H2   sing N N 155 
GLY CA  C    sing N N 156 
GLY CA  HA2  sing N N 157 
GLY CA  HA3  sing N N 158 
GLY C   O    doub N N 159 
GLY C   OXT  sing N N 160 
GLY OXT HXT  sing N N 161 
GOL C1  O1   sing N N 162 
GOL C1  C2   sing N N 163 
GOL C1  H11  sing N N 164 
GOL C1  H12  sing N N 165 
GOL O1  HO1  sing N N 166 
GOL C2  O2   sing N N 167 
GOL C2  C3   sing N N 168 
GOL C2  H2   sing N N 169 
GOL O2  HO2  sing N N 170 
GOL C3  O3   sing N N 171 
GOL C3  H31  sing N N 172 
GOL C3  H32  sing N N 173 
GOL O3  HO3  sing N N 174 
HIS N   CA   sing N N 175 
HIS N   H    sing N N 176 
HIS N   H2   sing N N 177 
HIS CA  C    sing N N 178 
HIS CA  CB   sing N N 179 
HIS CA  HA   sing N N 180 
HIS C   O    doub N N 181 
HIS C   OXT  sing N N 182 
HIS CB  CG   sing N N 183 
HIS CB  HB2  sing N N 184 
HIS CB  HB3  sing N N 185 
HIS CG  ND1  sing Y N 186 
HIS CG  CD2  doub Y N 187 
HIS ND1 CE1  doub Y N 188 
HIS ND1 HD1  sing N N 189 
HIS CD2 NE2  sing Y N 190 
HIS CD2 HD2  sing N N 191 
HIS CE1 NE2  sing Y N 192 
HIS CE1 HE1  sing N N 193 
HIS NE2 HE2  sing N N 194 
HIS OXT HXT  sing N N 195 
HOH O   H1   sing N N 196 
HOH O   H2   sing N N 197 
HOX O   C    doub N N 198 
HOX CA  C    sing N N 199 
HOX C   OXT  sing N N 200 
HOX N   CA   sing N N 201 
HOX N   H    sing N N 202 
HOX N   H2   sing N N 203 
HOX OXT HXT  sing N N 204 
HOX CA  CB   sing N N 205 
HOX CA  HA   sing N N 206 
HOX CB  CG   sing N N 207 
HOX CB  HB   sing N N 208 
HOX CB  HBA  sing N N 209 
HOX CD1 CG   doub Y N 210 
HOX CG  CD2  sing Y N 211 
HOX CE1 CZ   doub Y N 212 
HOX CZ  CE2  sing Y N 213 
HOX CZ  NZ   sing N N 214 
HOX NZ  HNZ  sing N N 215 
HOX NZ  HNZA sing N N 216 
HOX CD1 CE1  sing Y N 217 
HOX CD1 HD1  sing N N 218 
HOX CD2 CE2  doub Y N 219 
HOX CD2 HD2  sing N N 220 
HOX CE1 HE1  sing N N 221 
HOX CE2 HE2  sing N N 222 
ILE N   CA   sing N N 223 
ILE N   H    sing N N 224 
ILE N   H2   sing N N 225 
ILE CA  C    sing N N 226 
ILE CA  CB   sing N N 227 
ILE CA  HA   sing N N 228 
ILE C   O    doub N N 229 
ILE C   OXT  sing N N 230 
ILE CB  CG1  sing N N 231 
ILE CB  CG2  sing N N 232 
ILE CB  HB   sing N N 233 
ILE CG1 CD1  sing N N 234 
ILE CG1 HG12 sing N N 235 
ILE CG1 HG13 sing N N 236 
ILE CG2 HG21 sing N N 237 
ILE CG2 HG22 sing N N 238 
ILE CG2 HG23 sing N N 239 
ILE CD1 HD11 sing N N 240 
ILE CD1 HD12 sing N N 241 
ILE CD1 HD13 sing N N 242 
ILE OXT HXT  sing N N 243 
LEU N   CA   sing N N 244 
LEU N   H    sing N N 245 
LEU N   H2   sing N N 246 
LEU CA  C    sing N N 247 
LEU CA  CB   sing N N 248 
LEU CA  HA   sing N N 249 
LEU C   O    doub N N 250 
LEU C   OXT  sing N N 251 
LEU CB  CG   sing N N 252 
LEU CB  HB2  sing N N 253 
LEU CB  HB3  sing N N 254 
LEU CG  CD1  sing N N 255 
LEU CG  CD2  sing N N 256 
LEU CG  HG   sing N N 257 
LEU CD1 HD11 sing N N 258 
LEU CD1 HD12 sing N N 259 
LEU CD1 HD13 sing N N 260 
LEU CD2 HD21 sing N N 261 
LEU CD2 HD22 sing N N 262 
LEU CD2 HD23 sing N N 263 
LEU OXT HXT  sing N N 264 
LYS N   CA   sing N N 265 
LYS N   H    sing N N 266 
LYS N   H2   sing N N 267 
LYS CA  C    sing N N 268 
LYS CA  CB   sing N N 269 
LYS CA  HA   sing N N 270 
LYS C   O    doub N N 271 
LYS C   OXT  sing N N 272 
LYS CB  CG   sing N N 273 
LYS CB  HB2  sing N N 274 
LYS CB  HB3  sing N N 275 
LYS CG  CD   sing N N 276 
LYS CG  HG2  sing N N 277 
LYS CG  HG3  sing N N 278 
LYS CD  CE   sing N N 279 
LYS CD  HD2  sing N N 280 
LYS CD  HD3  sing N N 281 
LYS CE  NZ   sing N N 282 
LYS CE  HE2  sing N N 283 
LYS CE  HE3  sing N N 284 
LYS NZ  HZ1  sing N N 285 
LYS NZ  HZ2  sing N N 286 
LYS NZ  HZ3  sing N N 287 
LYS OXT HXT  sing N N 288 
MAA N   CM   sing N N 289 
MAA N   CA   sing N N 290 
MAA N   H    sing N N 291 
MAA CM  HM1  sing N N 292 
MAA CM  HM2  sing N N 293 
MAA CM  HM3  sing N N 294 
MAA CA  CB   sing N N 295 
MAA CA  C    sing N N 296 
MAA CA  HA   sing N N 297 
MAA CB  HB1  sing N N 298 
MAA CB  HB2  sing N N 299 
MAA CB  HB3  sing N N 300 
MAA C   O    doub N N 301 
MAA C   OXT  sing N N 302 
MAA OXT HXT  sing N N 303 
MET N   CA   sing N N 304 
MET N   H    sing N N 305 
MET N   H2   sing N N 306 
MET CA  C    sing N N 307 
MET CA  CB   sing N N 308 
MET CA  HA   sing N N 309 
MET C   O    doub N N 310 
MET C   OXT  sing N N 311 
MET CB  CG   sing N N 312 
MET CB  HB2  sing N N 313 
MET CB  HB3  sing N N 314 
MET CG  SD   sing N N 315 
MET CG  HG2  sing N N 316 
MET CG  HG3  sing N N 317 
MET SD  CE   sing N N 318 
MET CE  HE1  sing N N 319 
MET CE  HE2  sing N N 320 
MET CE  HE3  sing N N 321 
MET OXT HXT  sing N N 322 
PHE N   CA   sing N N 323 
PHE N   H    sing N N 324 
PHE N   H2   sing N N 325 
PHE CA  C    sing N N 326 
PHE CA  CB   sing N N 327 
PHE CA  HA   sing N N 328 
PHE C   O    doub N N 329 
PHE C   OXT  sing N N 330 
PHE CB  CG   sing N N 331 
PHE CB  HB2  sing N N 332 
PHE CB  HB3  sing N N 333 
PHE CG  CD1  doub Y N 334 
PHE CG  CD2  sing Y N 335 
PHE CD1 CE1  sing Y N 336 
PHE CD1 HD1  sing N N 337 
PHE CD2 CE2  doub Y N 338 
PHE CD2 HD2  sing N N 339 
PHE CE1 CZ   doub Y N 340 
PHE CE1 HE1  sing N N 341 
PHE CE2 CZ   sing Y N 342 
PHE CE2 HE2  sing N N 343 
PHE CZ  HZ   sing N N 344 
PHE OXT HXT  sing N N 345 
PRO N   CA   sing N N 346 
PRO N   CD   sing N N 347 
PRO N   H    sing N N 348 
PRO CA  C    sing N N 349 
PRO CA  CB   sing N N 350 
PRO CA  HA   sing N N 351 
PRO C   O    doub N N 352 
PRO C   OXT  sing N N 353 
PRO CB  CG   sing N N 354 
PRO CB  HB2  sing N N 355 
PRO CB  HB3  sing N N 356 
PRO CG  CD   sing N N 357 
PRO CG  HG2  sing N N 358 
PRO CG  HG3  sing N N 359 
PRO CD  HD2  sing N N 360 
PRO CD  HD3  sing N N 361 
PRO OXT HXT  sing N N 362 
SER N   CA   sing N N 363 
SER N   H    sing N N 364 
SER N   H2   sing N N 365 
SER CA  C    sing N N 366 
SER CA  CB   sing N N 367 
SER CA  HA   sing N N 368 
SER C   O    doub N N 369 
SER C   OXT  sing N N 370 
SER CB  OG   sing N N 371 
SER CB  HB2  sing N N 372 
SER CB  HB3  sing N N 373 
SER OG  HG   sing N N 374 
SER OXT HXT  sing N N 375 
SO4 S   O1   doub N N 376 
SO4 S   O2   doub N N 377 
SO4 S   O3   sing N N 378 
SO4 S   O4   sing N N 379 
THR N   CA   sing N N 380 
THR N   H    sing N N 381 
THR N   H2   sing N N 382 
THR CA  C    sing N N 383 
THR CA  CB   sing N N 384 
THR CA  HA   sing N N 385 
THR C   O    doub N N 386 
THR C   OXT  sing N N 387 
THR CB  OG1  sing N N 388 
THR CB  CG2  sing N N 389 
THR CB  HB   sing N N 390 
THR OG1 HG1  sing N N 391 
THR CG2 HG21 sing N N 392 
THR CG2 HG22 sing N N 393 
THR CG2 HG23 sing N N 394 
THR OXT HXT  sing N N 395 
TRP N   CA   sing N N 396 
TRP N   H    sing N N 397 
TRP N   H2   sing N N 398 
TRP CA  C    sing N N 399 
TRP CA  CB   sing N N 400 
TRP CA  HA   sing N N 401 
TRP C   O    doub N N 402 
TRP C   OXT  sing N N 403 
TRP CB  CG   sing N N 404 
TRP CB  HB2  sing N N 405 
TRP CB  HB3  sing N N 406 
TRP CG  CD1  doub Y N 407 
TRP CG  CD2  sing Y N 408 
TRP CD1 NE1  sing Y N 409 
TRP CD1 HD1  sing N N 410 
TRP CD2 CE2  doub Y N 411 
TRP CD2 CE3  sing Y N 412 
TRP NE1 CE2  sing Y N 413 
TRP NE1 HE1  sing N N 414 
TRP CE2 CZ2  sing Y N 415 
TRP CE3 CZ3  doub Y N 416 
TRP CE3 HE3  sing N N 417 
TRP CZ2 CH2  doub Y N 418 
TRP CZ2 HZ2  sing N N 419 
TRP CZ3 CH2  sing Y N 420 
TRP CZ3 HZ3  sing N N 421 
TRP CH2 HH2  sing N N 422 
TRP OXT HXT  sing N N 423 
TYR N   CA   sing N N 424 
TYR N   H    sing N N 425 
TYR N   H2   sing N N 426 
TYR CA  C    sing N N 427 
TYR CA  CB   sing N N 428 
TYR CA  HA   sing N N 429 
TYR C   O    doub N N 430 
TYR C   OXT  sing N N 431 
TYR CB  CG   sing N N 432 
TYR CB  HB2  sing N N 433 
TYR CB  HB3  sing N N 434 
TYR CG  CD1  doub Y N 435 
TYR CG  CD2  sing Y N 436 
TYR CD1 CE1  sing Y N 437 
TYR CD1 HD1  sing N N 438 
TYR CD2 CE2  doub Y N 439 
TYR CD2 HD2  sing N N 440 
TYR CE1 CZ   doub Y N 441 
TYR CE1 HE1  sing N N 442 
TYR CE2 CZ   sing Y N 443 
TYR CE2 HE2  sing N N 444 
TYR CZ  OH   sing N N 445 
TYR OH  HH   sing N N 446 
TYR OXT HXT  sing N N 447 
VAL N   CA   sing N N 448 
VAL N   H    sing N N 449 
VAL N   H2   sing N N 450 
VAL CA  C    sing N N 451 
VAL CA  CB   sing N N 452 
VAL CA  HA   sing N N 453 
VAL C   O    doub N N 454 
VAL C   OXT  sing N N 455 
VAL CB  CG1  sing N N 456 
VAL CB  CG2  sing N N 457 
VAL CB  HB   sing N N 458 
VAL CG1 HG11 sing N N 459 
VAL CG1 HG12 sing N N 460 
VAL CG1 HG13 sing N N 461 
VAL CG2 HG21 sing N N 462 
VAL CG2 HG22 sing N N 463 
VAL CG2 HG23 sing N N 464 
VAL OXT HXT  sing N N 465 
# 
loop_
_pdbx_entity_nonpoly.entity_id 
_pdbx_entity_nonpoly.name 
_pdbx_entity_nonpoly.comp_id 
3 'ZINC ION'    ZN  
4 'SULFATE ION' SO4 
5 GLYCEROL      GOL 
6 water         HOH 
# 
